data_7FVR
# 
_entry.id   7FVR 
# 
_audit_conform.dict_name       mmcif_pdbx.dic 
_audit_conform.dict_version    5.392 
_audit_conform.dict_location   http://mmcif.pdb.org/dictionaries/ascii/mmcif_pdbx.dic 
# 
loop_
_database_2.database_id 
_database_2.database_code 
_database_2.pdbx_database_accession 
_database_2.pdbx_DOI 
PDB   7FVR         pdb_00007fvr 10.2210/pdb7fvr/pdb 
WWPDB D_1001405408 ?            ?                   
# 
loop_
_pdbx_audit_revision_history.ordinal 
_pdbx_audit_revision_history.data_content_type 
_pdbx_audit_revision_history.major_revision 
_pdbx_audit_revision_history.minor_revision 
_pdbx_audit_revision_history.revision_date 
1 'Structure model' 1 0 2023-03-29 
2 'Structure model' 1 1 2024-05-22 
# 
_pdbx_audit_revision_details.ordinal             1 
_pdbx_audit_revision_details.revision_ordinal    1 
_pdbx_audit_revision_details.data_content_type   'Structure model' 
_pdbx_audit_revision_details.provider            repository 
_pdbx_audit_revision_details.type                'Initial release' 
_pdbx_audit_revision_details.description         ? 
_pdbx_audit_revision_details.details             ? 
# 
_pdbx_audit_revision_group.ordinal             1 
_pdbx_audit_revision_group.revision_ordinal    2 
_pdbx_audit_revision_group.data_content_type   'Structure model' 
_pdbx_audit_revision_group.group               'Data collection' 
# 
loop_
_pdbx_audit_revision_category.ordinal 
_pdbx_audit_revision_category.revision_ordinal 
_pdbx_audit_revision_category.data_content_type 
_pdbx_audit_revision_category.category 
1 2 'Structure model' chem_comp_atom 
2 2 'Structure model' chem_comp_bond 
# 
_pdbx_database_status.entry_id                        7FVR 
_pdbx_database_status.status_code                     REL 
_pdbx_database_status.status_code_sf                  REL 
_pdbx_database_status.status_code_mr                  ? 
_pdbx_database_status.status_code_cs                  ? 
_pdbx_database_status.recvd_initial_deposition_date   2023-03-09 
_pdbx_database_status.status_code_nmr_data            ? 
_pdbx_database_status.deposit_site                    RCSB 
_pdbx_database_status.process_site                    RCSB 
_pdbx_database_status.SG_entry                        ? 
_pdbx_database_status.pdb_format_compatible           Y 
_pdbx_database_status.methods_development_category    ? 
# 
_pdbx_contact_author.id                 1 
_pdbx_contact_author.email              frank.von-delft@diamond.ac.uk 
_pdbx_contact_author.name_first         Frank 
_pdbx_contact_author.name_last          'von Delft' 
_pdbx_contact_author.role               'principal investigator/group leader' 
_pdbx_contact_author.identifier_ORCID   0000-0003-0378-0017 
_pdbx_contact_author.name_mi            ? 
# 
loop_
_audit_author.name 
_audit_author.pdbx_ordinal 
'Grosjean, H.'   1 
'Tomlinson, C.'  2 
'Bradshaw, W.J.' 3 
'Koekemoer, L.'  4 
'Krojer, T.'     5 
'Fearon, D.'     6 
'Biggin, P.C.'   7 
'von Delft, F.'  8 
# 
_citation.id                        primary 
_citation.title                     'PanDDA analysis group deposition' 
_citation.journal_abbrev            'To Be Published' 
_citation.journal_volume            ? 
_citation.page_first                ? 
_citation.page_last                 ? 
_citation.year                      ? 
_citation.journal_id_ASTM           ? 
_citation.country                   ? 
_citation.journal_id_ISSN           ? 
_citation.journal_id_CSD            0353 
_citation.book_publisher            ? 
_citation.pdbx_database_id_PubMed   ? 
_citation.pdbx_database_id_DOI      ? 
# 
loop_
_citation_author.citation_id 
_citation_author.name 
_citation_author.identifier_ORCID 
_citation_author.ordinal 
primary 'Grosjean, H.'   ? 1 
primary 'Tomlinson, C.'  ? 2 
primary 'Bradshaw, W.J.' ? 3 
primary 'Koekemoer, L.'  ? 4 
primary 'Krojer, T.'     ? 5 
primary 'Fearon, D.'     ? 6 
primary 'Biggin, P.C.'   ? 7 
primary 'von Delft, F.'  ? 8 
# 
loop_
_entity.id 
_entity.type 
_entity.src_method 
_entity.pdbx_description 
_entity.formula_weight 
_entity.pdbx_number_of_molecules 
_entity.pdbx_ec 
_entity.pdbx_mutation 
_entity.pdbx_fragment 
_entity.details 
1 polymer     man 'PH-interacting protein'                                                     17627.859 1   ? ? ? ? 
2 non-polymer syn '4-(thiophene-2-carbonyl)-N-[(thiophen-2-yl)methyl]piperazine-1-carboxamide' 335.444   1   ? ? ? ? 
3 water       nat water                                                                        18.015    204 ? ? ? ? 
# 
_entity_name_com.entity_id   1 
_entity_name_com.name        
'PHIP,DDB1- and CUL4-associated factor 14,IRS-1 PH domain-binding protein,WD repeat-containing protein 11' 
# 
_entity_poly.entity_id                      1 
_entity_poly.type                           'polypeptide(L)' 
_entity_poly.nstd_linkage                   no 
_entity_poly.nstd_monomer                   no 
_entity_poly.pdbx_seq_one_letter_code       
;MHHHHHHSSGVDLGTENLYFQSMSYDIQAWKKQCEELLNLIFQCEDSEPFRQPVDLLEYPDYRDIIDTPMDFATVRETLE
AGNYESPMELCKDVRLIFSNSKAYTPSKRSRIYSMSLRLSAFFEEHISSVLSDYKSALRFHKRNTITKR
;
_entity_poly.pdbx_seq_one_letter_code_can   
;MHHHHHHSSGVDLGTENLYFQSMSYDIQAWKKQCEELLNLIFQCEDSEPFRQPVDLLEYPDYRDIIDTPMDFATVRETLE
AGNYESPMELCKDVRLIFSNSKAYTPSKRSRIYSMSLRLSAFFEEHISSVLSDYKSALRFHKRNTITKR
;
_entity_poly.pdbx_strand_id                 A 
_entity_poly.pdbx_target_identifier         ? 
# 
loop_
_pdbx_entity_nonpoly.entity_id 
_pdbx_entity_nonpoly.name 
_pdbx_entity_nonpoly.comp_id 
2 '4-(thiophene-2-carbonyl)-N-[(thiophen-2-yl)methyl]piperazine-1-carboxamide' ZQ9 
3 water                                                                        HOH 
# 
loop_
_entity_poly_seq.entity_id 
_entity_poly_seq.num 
_entity_poly_seq.mon_id 
_entity_poly_seq.hetero 
1 1   MET n 
1 2   HIS n 
1 3   HIS n 
1 4   HIS n 
1 5   HIS n 
1 6   HIS n 
1 7   HIS n 
1 8   SER n 
1 9   SER n 
1 10  GLY n 
1 11  VAL n 
1 12  ASP n 
1 13  LEU n 
1 14  GLY n 
1 15  THR n 
1 16  GLU n 
1 17  ASN n 
1 18  LEU n 
1 19  TYR n 
1 20  PHE n 
1 21  GLN n 
1 22  SER n 
1 23  MET n 
1 24  SER n 
1 25  TYR n 
1 26  ASP n 
1 27  ILE n 
1 28  GLN n 
1 29  ALA n 
1 30  TRP n 
1 31  LYS n 
1 32  LYS n 
1 33  GLN n 
1 34  CYS n 
1 35  GLU n 
1 36  GLU n 
1 37  LEU n 
1 38  LEU n 
1 39  ASN n 
1 40  LEU n 
1 41  ILE n 
1 42  PHE n 
1 43  GLN n 
1 44  CYS n 
1 45  GLU n 
1 46  ASP n 
1 47  SER n 
1 48  GLU n 
1 49  PRO n 
1 50  PHE n 
1 51  ARG n 
1 52  GLN n 
1 53  PRO n 
1 54  VAL n 
1 55  ASP n 
1 56  LEU n 
1 57  LEU n 
1 58  GLU n 
1 59  TYR n 
1 60  PRO n 
1 61  ASP n 
1 62  TYR n 
1 63  ARG n 
1 64  ASP n 
1 65  ILE n 
1 66  ILE n 
1 67  ASP n 
1 68  THR n 
1 69  PRO n 
1 70  MET n 
1 71  ASP n 
1 72  PHE n 
1 73  ALA n 
1 74  THR n 
1 75  VAL n 
1 76  ARG n 
1 77  GLU n 
1 78  THR n 
1 79  LEU n 
1 80  GLU n 
1 81  ALA n 
1 82  GLY n 
1 83  ASN n 
1 84  TYR n 
1 85  GLU n 
1 86  SER n 
1 87  PRO n 
1 88  MET n 
1 89  GLU n 
1 90  LEU n 
1 91  CYS n 
1 92  LYS n 
1 93  ASP n 
1 94  VAL n 
1 95  ARG n 
1 96  LEU n 
1 97  ILE n 
1 98  PHE n 
1 99  SER n 
1 100 ASN n 
1 101 SER n 
1 102 LYS n 
1 103 ALA n 
1 104 TYR n 
1 105 THR n 
1 106 PRO n 
1 107 SER n 
1 108 LYS n 
1 109 ARG n 
1 110 SER n 
1 111 ARG n 
1 112 ILE n 
1 113 TYR n 
1 114 SER n 
1 115 MET n 
1 116 SER n 
1 117 LEU n 
1 118 ARG n 
1 119 LEU n 
1 120 SER n 
1 121 ALA n 
1 122 PHE n 
1 123 PHE n 
1 124 GLU n 
1 125 GLU n 
1 126 HIS n 
1 127 ILE n 
1 128 SER n 
1 129 SER n 
1 130 VAL n 
1 131 LEU n 
1 132 SER n 
1 133 ASP n 
1 134 TYR n 
1 135 LYS n 
1 136 SER n 
1 137 ALA n 
1 138 LEU n 
1 139 ARG n 
1 140 PHE n 
1 141 HIS n 
1 142 LYS n 
1 143 ARG n 
1 144 ASN n 
1 145 THR n 
1 146 ILE n 
1 147 THR n 
1 148 LYS n 
1 149 ARG n 
# 
_entity_src_gen.entity_id                          1 
_entity_src_gen.pdbx_src_id                        1 
_entity_src_gen.pdbx_alt_source_flag               sample 
_entity_src_gen.pdbx_seq_type                      'Biological sequence' 
_entity_src_gen.pdbx_beg_seq_num                   1 
_entity_src_gen.pdbx_end_seq_num                   149 
_entity_src_gen.gene_src_common_name               human 
_entity_src_gen.gene_src_genus                     ? 
_entity_src_gen.pdbx_gene_src_gene                 'PHIP, DCAF14, WDR11' 
_entity_src_gen.gene_src_species                   ? 
_entity_src_gen.gene_src_strain                    ? 
_entity_src_gen.gene_src_tissue                    ? 
_entity_src_gen.gene_src_tissue_fraction           ? 
_entity_src_gen.gene_src_details                   ? 
_entity_src_gen.pdbx_gene_src_fragment             ? 
_entity_src_gen.pdbx_gene_src_scientific_name      'Homo sapiens' 
_entity_src_gen.pdbx_gene_src_ncbi_taxonomy_id     9606 
_entity_src_gen.pdbx_gene_src_variant              ? 
_entity_src_gen.pdbx_gene_src_cell_line            ? 
_entity_src_gen.pdbx_gene_src_atcc                 ? 
_entity_src_gen.pdbx_gene_src_organ                ? 
_entity_src_gen.pdbx_gene_src_organelle            ? 
_entity_src_gen.pdbx_gene_src_cell                 ? 
_entity_src_gen.pdbx_gene_src_cellular_location    ? 
_entity_src_gen.host_org_common_name               ? 
_entity_src_gen.pdbx_host_org_scientific_name      'Escherichia coli' 
_entity_src_gen.pdbx_host_org_ncbi_taxonomy_id     562 
_entity_src_gen.host_org_genus                     ? 
_entity_src_gen.pdbx_host_org_gene                 ? 
_entity_src_gen.pdbx_host_org_organ                ? 
_entity_src_gen.host_org_species                   ? 
_entity_src_gen.pdbx_host_org_tissue               ? 
_entity_src_gen.pdbx_host_org_tissue_fraction      ? 
_entity_src_gen.pdbx_host_org_strain               ? 
_entity_src_gen.pdbx_host_org_variant              ? 
_entity_src_gen.pdbx_host_org_cell_line            ? 
_entity_src_gen.pdbx_host_org_atcc                 ? 
_entity_src_gen.pdbx_host_org_culture_collection   ? 
_entity_src_gen.pdbx_host_org_cell                 ? 
_entity_src_gen.pdbx_host_org_organelle            ? 
_entity_src_gen.pdbx_host_org_cellular_location    ? 
_entity_src_gen.pdbx_host_org_vector_type          ? 
_entity_src_gen.pdbx_host_org_vector               ? 
_entity_src_gen.host_org_details                   ? 
_entity_src_gen.expression_system_id               ? 
_entity_src_gen.plasmid_name                       ? 
_entity_src_gen.plasmid_details                    ? 
_entity_src_gen.pdbx_description                   ? 
# 
loop_
_chem_comp.id 
_chem_comp.type 
_chem_comp.mon_nstd_flag 
_chem_comp.name 
_chem_comp.pdbx_synonyms 
_chem_comp.formula 
_chem_comp.formula_weight 
ALA 'L-peptide linking' y ALANINE                                                                      ? 'C3 H7 N O2'       89.093 
ARG 'L-peptide linking' y ARGININE                                                                     ? 'C6 H15 N4 O2 1'   
175.209 
ASN 'L-peptide linking' y ASPARAGINE                                                                   ? 'C4 H8 N2 O3'      
132.118 
ASP 'L-peptide linking' y 'ASPARTIC ACID'                                                              ? 'C4 H7 N O4'       
133.103 
CYS 'L-peptide linking' y CYSTEINE                                                                     ? 'C3 H7 N O2 S'     
121.158 
GLN 'L-peptide linking' y GLUTAMINE                                                                    ? 'C5 H10 N2 O3'     
146.144 
GLU 'L-peptide linking' y 'GLUTAMIC ACID'                                                              ? 'C5 H9 N O4'       
147.129 
GLY 'peptide linking'   y GLYCINE                                                                      ? 'C2 H5 N O2'       75.067 
HIS 'L-peptide linking' y HISTIDINE                                                                    ? 'C6 H10 N3 O2 1'   
156.162 
HOH non-polymer         . WATER                                                                        ? 'H2 O'             18.015 
ILE 'L-peptide linking' y ISOLEUCINE                                                                   ? 'C6 H13 N O2'      
131.173 
LEU 'L-peptide linking' y LEUCINE                                                                      ? 'C6 H13 N O2'      
131.173 
LYS 'L-peptide linking' y LYSINE                                                                       ? 'C6 H15 N2 O2 1'   
147.195 
MET 'L-peptide linking' y METHIONINE                                                                   ? 'C5 H11 N O2 S'    
149.211 
PHE 'L-peptide linking' y PHENYLALANINE                                                                ? 'C9 H11 N O2'      
165.189 
PRO 'L-peptide linking' y PROLINE                                                                      ? 'C5 H9 N O2'       
115.130 
SER 'L-peptide linking' y SERINE                                                                       ? 'C3 H7 N O3'       
105.093 
THR 'L-peptide linking' y THREONINE                                                                    ? 'C4 H9 N O3'       
119.119 
TRP 'L-peptide linking' y TRYPTOPHAN                                                                   ? 'C11 H12 N2 O2'    
204.225 
TYR 'L-peptide linking' y TYROSINE                                                                     ? 'C9 H11 N O3'      
181.189 
VAL 'L-peptide linking' y VALINE                                                                       ? 'C5 H11 N O2'      
117.146 
ZQ9 non-polymer         . '4-(thiophene-2-carbonyl)-N-[(thiophen-2-yl)methyl]piperazine-1-carboxamide' ? 'C15 H17 N3 O2 S2' 
335.444 
# 
loop_
_pdbx_poly_seq_scheme.asym_id 
_pdbx_poly_seq_scheme.entity_id 
_pdbx_poly_seq_scheme.seq_id 
_pdbx_poly_seq_scheme.mon_id 
_pdbx_poly_seq_scheme.ndb_seq_num 
_pdbx_poly_seq_scheme.pdb_seq_num 
_pdbx_poly_seq_scheme.auth_seq_num 
_pdbx_poly_seq_scheme.pdb_mon_id 
_pdbx_poly_seq_scheme.auth_mon_id 
_pdbx_poly_seq_scheme.pdb_strand_id 
_pdbx_poly_seq_scheme.pdb_ins_code 
_pdbx_poly_seq_scheme.hetero 
A 1 1   MET 1   1292 ?    ?   ?   A . n 
A 1 2   HIS 2   1293 ?    ?   ?   A . n 
A 1 3   HIS 3   1294 ?    ?   ?   A . n 
A 1 4   HIS 4   1295 ?    ?   ?   A . n 
A 1 5   HIS 5   1296 ?    ?   ?   A . n 
A 1 6   HIS 6   1297 ?    ?   ?   A . n 
A 1 7   HIS 7   1298 ?    ?   ?   A . n 
A 1 8   SER 8   1299 ?    ?   ?   A . n 
A 1 9   SER 9   1300 ?    ?   ?   A . n 
A 1 10  GLY 10  1301 ?    ?   ?   A . n 
A 1 11  VAL 11  1302 ?    ?   ?   A . n 
A 1 12  ASP 12  1303 ?    ?   ?   A . n 
A 1 13  LEU 13  1304 ?    ?   ?   A . n 
A 1 14  GLY 14  1305 ?    ?   ?   A . n 
A 1 15  THR 15  1306 ?    ?   ?   A . n 
A 1 16  GLU 16  1307 ?    ?   ?   A . n 
A 1 17  ASN 17  1308 ?    ?   ?   A . n 
A 1 18  LEU 18  1309 ?    ?   ?   A . n 
A 1 19  TYR 19  1310 ?    ?   ?   A . n 
A 1 20  PHE 20  1311 ?    ?   ?   A . n 
A 1 21  GLN 21  1312 ?    ?   ?   A . n 
A 1 22  SER 22  1313 ?    ?   ?   A . n 
A 1 23  MET 23  1314 ?    ?   ?   A . n 
A 1 24  SER 24  1315 1315 SER SER A . n 
A 1 25  TYR 25  1316 1316 TYR TYR A . n 
A 1 26  ASP 26  1317 1317 ASP ASP A . n 
A 1 27  ILE 27  1318 1318 ILE ILE A . n 
A 1 28  GLN 28  1319 1319 GLN GLN A . n 
A 1 29  ALA 29  1320 1320 ALA ALA A . n 
A 1 30  TRP 30  1321 1321 TRP TRP A . n 
A 1 31  LYS 31  1322 1322 LYS LYS A . n 
A 1 32  LYS 32  1323 1323 LYS LYS A . n 
A 1 33  GLN 33  1324 1324 GLN GLN A . n 
A 1 34  CYS 34  1325 1325 CYS CYS A . n 
A 1 35  GLU 35  1326 1326 GLU GLU A . n 
A 1 36  GLU 36  1327 1327 GLU GLU A . n 
A 1 37  LEU 37  1328 1328 LEU LEU A . n 
A 1 38  LEU 38  1329 1329 LEU LEU A . n 
A 1 39  ASN 39  1330 1330 ASN ASN A . n 
A 1 40  LEU 40  1331 1331 LEU LEU A . n 
A 1 41  ILE 41  1332 1332 ILE ILE A . n 
A 1 42  PHE 42  1333 1333 PHE PHE A . n 
A 1 43  GLN 43  1334 1334 GLN GLN A . n 
A 1 44  CYS 44  1335 1335 CYS CYS A . n 
A 1 45  GLU 45  1336 1336 GLU GLU A . n 
A 1 46  ASP 46  1337 1337 ASP ASP A . n 
A 1 47  SER 47  1338 1338 SER SER A . n 
A 1 48  GLU 48  1339 1339 GLU GLU A . n 
A 1 49  PRO 49  1340 1340 PRO PRO A . n 
A 1 50  PHE 50  1341 1341 PHE PHE A . n 
A 1 51  ARG 51  1342 1342 ARG ARG A . n 
A 1 52  GLN 52  1343 1343 GLN GLN A . n 
A 1 53  PRO 53  1344 1344 PRO PRO A . n 
A 1 54  VAL 54  1345 1345 VAL VAL A . n 
A 1 55  ASP 55  1346 1346 ASP ASP A . n 
A 1 56  LEU 56  1347 1347 LEU LEU A . n 
A 1 57  LEU 57  1348 1348 LEU LEU A . n 
A 1 58  GLU 58  1349 1349 GLU GLU A . n 
A 1 59  TYR 59  1350 1350 TYR TYR A . n 
A 1 60  PRO 60  1351 1351 PRO PRO A . n 
A 1 61  ASP 61  1352 1352 ASP ASP A . n 
A 1 62  TYR 62  1353 1353 TYR TYR A . n 
A 1 63  ARG 63  1354 1354 ARG ARG A . n 
A 1 64  ASP 64  1355 1355 ASP ASP A . n 
A 1 65  ILE 65  1356 1356 ILE ILE A . n 
A 1 66  ILE 66  1357 1357 ILE ILE A . n 
A 1 67  ASP 67  1358 1358 ASP ASP A . n 
A 1 68  THR 68  1359 1359 THR THR A . n 
A 1 69  PRO 69  1360 1360 PRO PRO A . n 
A 1 70  MET 70  1361 1361 MET MET A . n 
A 1 71  ASP 71  1362 1362 ASP ASP A . n 
A 1 72  PHE 72  1363 1363 PHE PHE A . n 
A 1 73  ALA 73  1364 1364 ALA ALA A . n 
A 1 74  THR 74  1365 1365 THR THR A . n 
A 1 75  VAL 75  1366 1366 VAL VAL A . n 
A 1 76  ARG 76  1367 1367 ARG ARG A . n 
A 1 77  GLU 77  1368 1368 GLU GLU A . n 
A 1 78  THR 78  1369 1369 THR THR A . n 
A 1 79  LEU 79  1370 1370 LEU LEU A . n 
A 1 80  GLU 80  1371 1371 GLU GLU A . n 
A 1 81  ALA 81  1372 1372 ALA ALA A . n 
A 1 82  GLY 82  1373 1373 GLY GLY A . n 
A 1 83  ASN 83  1374 1374 ASN ASN A . n 
A 1 84  TYR 84  1375 1375 TYR TYR A . n 
A 1 85  GLU 85  1376 1376 GLU GLU A . n 
A 1 86  SER 86  1377 1377 SER SER A . n 
A 1 87  PRO 87  1378 1378 PRO PRO A . n 
A 1 88  MET 88  1379 1379 MET MET A . n 
A 1 89  GLU 89  1380 1380 GLU GLU A . n 
A 1 90  LEU 90  1381 1381 LEU LEU A . n 
A 1 91  CYS 91  1382 1382 CYS CYS A . n 
A 1 92  LYS 92  1383 1383 LYS LYS A . n 
A 1 93  ASP 93  1384 1384 ASP ASP A . n 
A 1 94  VAL 94  1385 1385 VAL VAL A . n 
A 1 95  ARG 95  1386 1386 ARG ARG A . n 
A 1 96  LEU 96  1387 1387 LEU LEU A . n 
A 1 97  ILE 97  1388 1388 ILE ILE A . n 
A 1 98  PHE 98  1389 1389 PHE PHE A . n 
A 1 99  SER 99  1390 1390 SER SER A . n 
A 1 100 ASN 100 1391 1391 ASN ASN A . n 
A 1 101 SER 101 1392 1392 SER SER A . n 
A 1 102 LYS 102 1393 1393 LYS LYS A . n 
A 1 103 ALA 103 1394 1394 ALA ALA A . n 
A 1 104 TYR 104 1395 1395 TYR TYR A . n 
A 1 105 THR 105 1396 1396 THR THR A . n 
A 1 106 PRO 106 1397 1397 PRO PRO A . n 
A 1 107 SER 107 1398 1398 SER SER A . n 
A 1 108 LYS 108 1399 1399 LYS LYS A . n 
A 1 109 ARG 109 1400 1400 ARG ARG A . n 
A 1 110 SER 110 1401 1401 SER SER A . n 
A 1 111 ARG 111 1402 1402 ARG ARG A . n 
A 1 112 ILE 112 1403 1403 ILE ILE A . n 
A 1 113 TYR 113 1404 1404 TYR TYR A . n 
A 1 114 SER 114 1405 1405 SER SER A . n 
A 1 115 MET 115 1406 1406 MET MET A . n 
A 1 116 SER 116 1407 1407 SER SER A . n 
A 1 117 LEU 117 1408 1408 LEU LEU A . n 
A 1 118 ARG 118 1409 1409 ARG ARG A . n 
A 1 119 LEU 119 1410 1410 LEU LEU A . n 
A 1 120 SER 120 1411 1411 SER SER A . n 
A 1 121 ALA 121 1412 1412 ALA ALA A . n 
A 1 122 PHE 122 1413 1413 PHE PHE A . n 
A 1 123 PHE 123 1414 1414 PHE PHE A . n 
A 1 124 GLU 124 1415 1415 GLU GLU A . n 
A 1 125 GLU 125 1416 1416 GLU GLU A . n 
A 1 126 HIS 126 1417 1417 HIS HIS A . n 
A 1 127 ILE 127 1418 1418 ILE ILE A . n 
A 1 128 SER 128 1419 1419 SER SER A . n 
A 1 129 SER 129 1420 1420 SER SER A . n 
A 1 130 VAL 130 1421 1421 VAL VAL A . n 
A 1 131 LEU 131 1422 1422 LEU LEU A . n 
A 1 132 SER 132 1423 1423 SER SER A . n 
A 1 133 ASP 133 1424 1424 ASP ASP A . n 
A 1 134 TYR 134 1425 1425 TYR TYR A . n 
A 1 135 LYS 135 1426 1426 LYS LYS A . n 
A 1 136 SER 136 1427 1427 SER SER A . n 
A 1 137 ALA 137 1428 1428 ALA ALA A . n 
A 1 138 LEU 138 1429 1429 LEU LEU A . n 
A 1 139 ARG 139 1430 1430 ARG ARG A . n 
A 1 140 PHE 140 1431 1431 PHE PHE A . n 
A 1 141 HIS 141 1432 1432 HIS HIS A . n 
A 1 142 LYS 142 1433 1433 LYS LYS A . n 
A 1 143 ARG 143 1434 1434 ARG ARG A . n 
A 1 144 ASN 144 1435 1435 ASN ASN A . n 
A 1 145 THR 145 1436 ?    ?   ?   A . n 
A 1 146 ILE 146 1437 ?    ?   ?   A . n 
A 1 147 THR 147 1438 ?    ?   ?   A . n 
A 1 148 LYS 148 1439 ?    ?   ?   A . n 
A 1 149 ARG 149 1440 ?    ?   ?   A . n 
# 
loop_
_pdbx_nonpoly_scheme.asym_id 
_pdbx_nonpoly_scheme.entity_id 
_pdbx_nonpoly_scheme.mon_id 
_pdbx_nonpoly_scheme.ndb_seq_num 
_pdbx_nonpoly_scheme.pdb_seq_num 
_pdbx_nonpoly_scheme.auth_seq_num 
_pdbx_nonpoly_scheme.pdb_mon_id 
_pdbx_nonpoly_scheme.auth_mon_id 
_pdbx_nonpoly_scheme.pdb_strand_id 
_pdbx_nonpoly_scheme.pdb_ins_code 
B 2 ZQ9 1   1901 1901 ZQ9 LIG A . 
C 3 HOH 1   2001 1695 HOH HOH A . 
C 3 HOH 2   2002 1610 HOH HOH A . 
C 3 HOH 3   2003 11   HOH HOH A . 
C 3 HOH 4   2004 1662 HOH HOH A . 
C 3 HOH 5   2005 1771 HOH HOH A . 
C 3 HOH 6   2006 1712 HOH HOH A . 
C 3 HOH 7   2007 20   HOH HOH A . 
C 3 HOH 8   2008 1607 HOH HOH A . 
C 3 HOH 9   2009 1676 HOH HOH A . 
C 3 HOH 10  2010 1642 HOH HOH A . 
C 3 HOH 11  2011 1626 HOH HOH A . 
C 3 HOH 12  2012 1767 HOH HOH A . 
C 3 HOH 13  2013 1739 HOH HOH A . 
C 3 HOH 14  2014 1605 HOH HOH A . 
C 3 HOH 15  2015 1624 HOH HOH A . 
C 3 HOH 16  2016 1609 HOH HOH A . 
C 3 HOH 17  2017 1604 HOH HOH A . 
C 3 HOH 18  2018 1613 HOH HOH A . 
C 3 HOH 19  2019 25   HOH HOH A . 
C 3 HOH 20  2020 1602 HOH HOH A . 
C 3 HOH 21  2021 1649 HOH HOH A . 
C 3 HOH 22  2022 1622 HOH HOH A . 
C 3 HOH 23  2023 1631 HOH HOH A . 
C 3 HOH 24  2024 1612 HOH HOH A . 
C 3 HOH 25  2025 1629 HOH HOH A . 
C 3 HOH 26  2026 1603 HOH HOH A . 
C 3 HOH 27  2027 1680 HOH HOH A . 
C 3 HOH 28  2028 1664 HOH HOH A . 
C 3 HOH 29  2029 1608 HOH HOH A . 
C 3 HOH 30  2030 1625 HOH HOH A . 
C 3 HOH 31  2031 9    HOH HOH A . 
C 3 HOH 32  2032 1714 HOH HOH A . 
C 3 HOH 33  2033 1732 HOH HOH A . 
C 3 HOH 34  2034 1678 HOH HOH A . 
C 3 HOH 35  2035 1616 HOH HOH A . 
C 3 HOH 36  2036 1617 HOH HOH A . 
C 3 HOH 37  2037 1620 HOH HOH A . 
C 3 HOH 38  2038 1643 HOH HOH A . 
C 3 HOH 39  2039 1723 HOH HOH A . 
C 3 HOH 40  2040 1645 HOH HOH A . 
C 3 HOH 41  2041 1665 HOH HOH A . 
C 3 HOH 42  2042 6    HOH HOH A . 
C 3 HOH 43  2043 1658 HOH HOH A . 
C 3 HOH 44  2044 1636 HOH HOH A . 
C 3 HOH 45  2045 1628 HOH HOH A . 
C 3 HOH 46  2046 1615 HOH HOH A . 
C 3 HOH 47  2047 1634 HOH HOH A . 
C 3 HOH 48  2048 1646 HOH HOH A . 
C 3 HOH 49  2049 1623 HOH HOH A . 
C 3 HOH 50  2050 18   HOH HOH A . 
C 3 HOH 51  2051 1677 HOH HOH A . 
C 3 HOH 52  2052 19   HOH HOH A . 
C 3 HOH 53  2053 1693 HOH HOH A . 
C 3 HOH 54  2054 1663 HOH HOH A . 
C 3 HOH 55  2055 1673 HOH HOH A . 
C 3 HOH 56  2056 1655 HOH HOH A . 
C 3 HOH 57  2057 1733 HOH HOH A . 
C 3 HOH 58  2058 1700 HOH HOH A . 
C 3 HOH 59  2059 10   HOH HOH A . 
C 3 HOH 60  2060 1632 HOH HOH A . 
C 3 HOH 61  2061 24   HOH HOH A . 
C 3 HOH 62  2062 1606 HOH HOH A . 
C 3 HOH 63  2063 1672 HOH HOH A . 
C 3 HOH 64  2064 1    HOH HOH A . 
C 3 HOH 65  2065 1747 HOH HOH A . 
C 3 HOH 66  2066 1651 HOH HOH A . 
C 3 HOH 67  2067 1644 HOH HOH A . 
C 3 HOH 68  2068 1689 HOH HOH A . 
C 3 HOH 69  2069 1674 HOH HOH A . 
C 3 HOH 70  2070 1652 HOH HOH A . 
C 3 HOH 71  2071 1650 HOH HOH A . 
C 3 HOH 72  2072 1633 HOH HOH A . 
C 3 HOH 73  2073 1731 HOH HOH A . 
C 3 HOH 74  2074 1668 HOH HOH A . 
C 3 HOH 75  2075 1648 HOH HOH A . 
C 3 HOH 76  2076 1699 HOH HOH A . 
C 3 HOH 77  2077 1641 HOH HOH A . 
C 3 HOH 78  2078 1621 HOH HOH A . 
C 3 HOH 79  2079 1619 HOH HOH A . 
C 3 HOH 80  2080 1683 HOH HOH A . 
C 3 HOH 81  2081 1688 HOH HOH A . 
C 3 HOH 82  2082 1687 HOH HOH A . 
C 3 HOH 83  2083 1736 HOH HOH A . 
C 3 HOH 84  2084 1750 HOH HOH A . 
C 3 HOH 85  2085 1738 HOH HOH A . 
C 3 HOH 86  2086 1681 HOH HOH A . 
C 3 HOH 87  2087 1601 HOH HOH A . 
C 3 HOH 88  2088 1682 HOH HOH A . 
C 3 HOH 89  2089 1721 HOH HOH A . 
C 3 HOH 90  2090 1666 HOH HOH A . 
C 3 HOH 91  2091 1701 HOH HOH A . 
C 3 HOH 92  2092 1675 HOH HOH A . 
C 3 HOH 93  2093 1630 HOH HOH A . 
C 3 HOH 94  2094 1730 HOH HOH A . 
C 3 HOH 95  2095 1686 HOH HOH A . 
C 3 HOH 96  2096 1671 HOH HOH A . 
C 3 HOH 97  2097 1684 HOH HOH A . 
C 3 HOH 98  2098 1704 HOH HOH A . 
C 3 HOH 99  2099 1656 HOH HOH A . 
C 3 HOH 100 2100 1690 HOH HOH A . 
C 3 HOH 101 2101 21   HOH HOH A . 
C 3 HOH 102 2102 1685 HOH HOH A . 
C 3 HOH 103 2103 1725 HOH HOH A . 
C 3 HOH 104 2104 1716 HOH HOH A . 
C 3 HOH 105 2105 1694 HOH HOH A . 
C 3 HOH 106 2106 1718 HOH HOH A . 
C 3 HOH 107 2107 1696 HOH HOH A . 
C 3 HOH 108 2108 1661 HOH HOH A . 
C 3 HOH 109 2109 1759 HOH HOH A . 
C 3 HOH 110 2110 1740 HOH HOH A . 
C 3 HOH 111 2111 1692 HOH HOH A . 
C 3 HOH 112 2112 1611 HOH HOH A . 
C 3 HOH 113 2113 1637 HOH HOH A . 
C 3 HOH 114 2114 1697 HOH HOH A . 
C 3 HOH 115 2115 1729 HOH HOH A . 
C 3 HOH 116 2116 1757 HOH HOH A . 
C 3 HOH 117 2117 1640 HOH HOH A . 
C 3 HOH 118 2118 8    HOH HOH A . 
C 3 HOH 119 2119 7    HOH HOH A . 
C 3 HOH 120 2120 1727 HOH HOH A . 
C 3 HOH 121 2121 1719 HOH HOH A . 
C 3 HOH 122 2122 1708 HOH HOH A . 
C 3 HOH 123 2123 1706 HOH HOH A . 
C 3 HOH 124 2124 1710 HOH HOH A . 
C 3 HOH 125 2125 1711 HOH HOH A . 
C 3 HOH 126 2126 1657 HOH HOH A . 
C 3 HOH 127 2127 1669 HOH HOH A . 
C 3 HOH 128 2128 1627 HOH HOH A . 
C 3 HOH 129 2129 1741 HOH HOH A . 
C 3 HOH 130 2130 1647 HOH HOH A . 
C 3 HOH 131 2131 1709 HOH HOH A . 
C 3 HOH 132 2132 1713 HOH HOH A . 
C 3 HOH 133 2133 1715 HOH HOH A . 
C 3 HOH 134 2134 23   HOH HOH A . 
C 3 HOH 135 2135 1728 HOH HOH A . 
C 3 HOH 136 2136 1667 HOH HOH A . 
C 3 HOH 137 2137 1679 HOH HOH A . 
C 3 HOH 138 2138 1737 HOH HOH A . 
C 3 HOH 139 2139 1720 HOH HOH A . 
C 3 HOH 140 2140 1722 HOH HOH A . 
C 3 HOH 141 2141 1638 HOH HOH A . 
C 3 HOH 142 2142 1724 HOH HOH A . 
C 3 HOH 143 2143 1801 HOH HOH A . 
C 3 HOH 144 2144 1703 HOH HOH A . 
C 3 HOH 145 2145 1744 HOH HOH A . 
C 3 HOH 146 2146 1773 HOH HOH A . 
C 3 HOH 147 2147 1726 HOH HOH A . 
C 3 HOH 148 2148 1635 HOH HOH A . 
C 3 HOH 149 2149 1734 HOH HOH A . 
C 3 HOH 150 2150 1702 HOH HOH A . 
C 3 HOH 151 2151 1746 HOH HOH A . 
C 3 HOH 152 2152 1752 HOH HOH A . 
C 3 HOH 153 2153 22   HOH HOH A . 
C 3 HOH 154 2154 1755 HOH HOH A . 
C 3 HOH 155 2155 1756 HOH HOH A . 
C 3 HOH 156 2156 12   HOH HOH A . 
C 3 HOH 157 2157 1751 HOH HOH A . 
C 3 HOH 158 2158 1770 HOH HOH A . 
C 3 HOH 159 2159 1753 HOH HOH A . 
C 3 HOH 160 2160 1763 HOH HOH A . 
C 3 HOH 161 2161 1748 HOH HOH A . 
C 3 HOH 162 2162 1766 HOH HOH A . 
C 3 HOH 163 2163 1795 HOH HOH A . 
C 3 HOH 164 2164 1769 HOH HOH A . 
C 3 HOH 165 2165 1758 HOH HOH A . 
C 3 HOH 166 2166 1742 HOH HOH A . 
C 3 HOH 167 2167 1754 HOH HOH A . 
C 3 HOH 168 2168 1762 HOH HOH A . 
C 3 HOH 169 2169 15   HOH HOH A . 
C 3 HOH 170 2170 1765 HOH HOH A . 
C 3 HOH 171 2171 1794 HOH HOH A . 
C 3 HOH 172 2172 1777 HOH HOH A . 
C 3 HOH 173 2173 14   HOH HOH A . 
C 3 HOH 174 2174 1743 HOH HOH A . 
C 3 HOH 175 2175 1786 HOH HOH A . 
C 3 HOH 176 2176 1779 HOH HOH A . 
C 3 HOH 177 2177 1776 HOH HOH A . 
C 3 HOH 178 2178 1784 HOH HOH A . 
C 3 HOH 179 2179 1768 HOH HOH A . 
C 3 HOH 180 2180 1796 HOH HOH A . 
C 3 HOH 181 2181 13   HOH HOH A . 
C 3 HOH 182 2182 1778 HOH HOH A . 
C 3 HOH 183 2183 5    HOH HOH A . 
C 3 HOH 184 2184 1781 HOH HOH A . 
C 3 HOH 185 2185 1775 HOH HOH A . 
C 3 HOH 186 2186 1774 HOH HOH A . 
C 3 HOH 187 2187 1782 HOH HOH A . 
C 3 HOH 188 2188 1785 HOH HOH A . 
C 3 HOH 189 2189 1764 HOH HOH A . 
C 3 HOH 190 2190 1780 HOH HOH A . 
C 3 HOH 191 2191 1783 HOH HOH A . 
C 3 HOH 192 2192 1787 HOH HOH A . 
C 3 HOH 193 2193 1789 HOH HOH A . 
C 3 HOH 194 2194 1791 HOH HOH A . 
C 3 HOH 195 2195 1790 HOH HOH A . 
C 3 HOH 196 2196 16   HOH HOH A . 
C 3 HOH 197 2197 1792 HOH HOH A . 
C 3 HOH 198 2198 1760 HOH HOH A . 
C 3 HOH 199 2199 1793 HOH HOH A . 
C 3 HOH 200 2200 1798 HOH HOH A . 
C 3 HOH 201 2201 17   HOH HOH A . 
C 3 HOH 202 2202 1797 HOH HOH A . 
C 3 HOH 203 2203 1799 HOH HOH A . 
C 3 HOH 204 2204 1800 HOH HOH A . 
# 
loop_
_pdbx_unobs_or_zero_occ_atoms.id 
_pdbx_unobs_or_zero_occ_atoms.PDB_model_num 
_pdbx_unobs_or_zero_occ_atoms.polymer_flag 
_pdbx_unobs_or_zero_occ_atoms.occupancy_flag 
_pdbx_unobs_or_zero_occ_atoms.auth_asym_id 
_pdbx_unobs_or_zero_occ_atoms.auth_comp_id 
_pdbx_unobs_or_zero_occ_atoms.auth_seq_id 
_pdbx_unobs_or_zero_occ_atoms.PDB_ins_code 
_pdbx_unobs_or_zero_occ_atoms.auth_atom_id 
_pdbx_unobs_or_zero_occ_atoms.label_alt_id 
_pdbx_unobs_or_zero_occ_atoms.label_asym_id 
_pdbx_unobs_or_zero_occ_atoms.label_comp_id 
_pdbx_unobs_or_zero_occ_atoms.label_seq_id 
_pdbx_unobs_or_zero_occ_atoms.label_atom_id 
1 1 Y 1 A GLN 1334 ? CD  ? A GLN 43 CD  
2 1 Y 1 A GLN 1334 ? OE1 ? A GLN 43 OE1 
3 1 Y 1 A GLN 1334 ? NE2 ? A GLN 43 NE2 
# 
loop_
_software.pdbx_ordinal 
_software.name 
_software.version 
_software.date 
_software.type 
_software.contact_author 
_software.contact_author_email 
_software.classification 
_software.location 
_software.language 
_software.citation_id 
1 REFMAC      5.8.0267 ?               program 'Garib N. Murshudov' garib@ysbl.york.ac.uk    refinement        
http://www.ccp4.ac.uk/dist/html/refmac5.html        Fortran_77 ? 
2 Aimless     0.7.7    23/04/21        program 'Phil Evans'         ?                        'data scaling'    
http://www.mrc-lmb.cam.ac.uk/harry/pre/aimless.html ?          ? 
3 PDB_EXTRACT 3.23     'SEP. 23, 2016' package PDB                  deposit@deposit.rcsb.org 'data extraction' 
http://sw-tools.pdb.org/apps/PDB_EXTRACT/           C++        ? 
4 XDS         .        ?               program ?                    ?                        'data reduction'  ? ?          ? 
5 REFMAC      .        ?               program ?                    ?                        phasing           ? ?          ? 
# 
_cell.entry_id           7FVR 
_cell.length_a           81.959 
_cell.length_b           27.522 
_cell.length_c           56.383 
_cell.angle_alpha        90.000 
_cell.angle_beta         99.890 
_cell.angle_gamma        90.000 
_cell.Z_PDB              4 
_cell.pdbx_unique_axis   ? 
# 
_symmetry.entry_id                         7FVR 
_symmetry.space_group_name_H-M             'C 1 2 1' 
_symmetry.pdbx_full_space_group_name_H-M   ? 
_symmetry.cell_setting                     ? 
_symmetry.Int_Tables_number                5 
# 
_exptl.crystals_number   1 
_exptl.entry_id          7FVR 
_exptl.method            'X-RAY DIFFRACTION' 
# 
_exptl_crystal.id                    1 
_exptl_crystal.pdbx_mosaicity        0.000 
_exptl_crystal.pdbx_mosaicity_esd    ? 
_exptl_crystal.density_Matthews      1.78 
_exptl_crystal.density_diffrn        ? 
_exptl_crystal.density_meas          ? 
_exptl_crystal.density_meas_temp     ? 
_exptl_crystal.density_percent_sol   30.78 
_exptl_crystal.size_max              ? 
_exptl_crystal.size_mid              ? 
_exptl_crystal.size_min              ? 
_exptl_crystal.size_rad              ? 
_exptl_crystal.description           ? 
# 
_exptl_crystal_grow.crystal_id      1 
_exptl_crystal_grow.method          'VAPOR DIFFUSION, SITTING DROP' 
_exptl_crystal_grow.pH              5.6 
_exptl_crystal_grow.temp            277 
_exptl_crystal_grow.pdbx_details    '20% PEG 8000, 0.04M potassium phosphate' 
_exptl_crystal_grow.temp_details    ? 
_exptl_crystal_grow.pdbx_pH_range   ? 
# 
_diffrn.id                     1 
_diffrn.ambient_temp           100 
_diffrn.crystal_id             1 
_diffrn.ambient_temp_details   ? 
# 
_diffrn_detector.detector               PIXEL 
_diffrn_detector.type                   'DECTRIS PILATUS 6M' 
_diffrn_detector.pdbx_collection_date   2022-09-24 
_diffrn_detector.diffrn_id              1 
_diffrn_detector.details                ? 
# 
_diffrn_radiation.diffrn_id                        1 
_diffrn_radiation.wavelength_id                    1 
_diffrn_radiation.pdbx_diffrn_protocol             'SINGLE WAVELENGTH' 
_diffrn_radiation.pdbx_monochromatic_or_laue_m_l   ? 
_diffrn_radiation.monochromator                    ? 
_diffrn_radiation.pdbx_scattering_type             x-ray 
# 
_diffrn_radiation_wavelength.id           1 
_diffrn_radiation_wavelength.wavelength   0.92124 
_diffrn_radiation_wavelength.wt           1.0 
# 
_diffrn_source.diffrn_id                   1 
_diffrn_source.source                      SYNCHROTRON 
_diffrn_source.type                        'DIAMOND BEAMLINE I04-1' 
_diffrn_source.pdbx_wavelength_list        0.92124 
_diffrn_source.pdbx_synchrotron_site       Diamond 
_diffrn_source.pdbx_synchrotron_beamline   I04-1 
_diffrn_source.pdbx_wavelength             ? 
# 
_reflns.entry_id                     7FVR 
_reflns.pdbx_diffrn_id               1 
_reflns.pdbx_ordinal                 1 
_reflns.observed_criterion_sigma_I   ? 
_reflns.observed_criterion_sigma_F   ? 
_reflns.d_resolution_low             27.790 
_reflns.d_resolution_high            1.190 
_reflns.number_obs                   32989 
_reflns.number_all                   ? 
_reflns.percent_possible_obs         81.900 
_reflns.pdbx_Rmerge_I_obs            0.051 
_reflns.pdbx_Rsym_value              ? 
_reflns.pdbx_netI_over_sigmaI        18.900 
_reflns.B_iso_Wilson_estimate        ? 
_reflns.pdbx_redundancy              5.300 
_reflns.pdbx_Rrim_I_all              0.056 
_reflns.pdbx_Rpim_I_all              0.023 
_reflns.pdbx_CC_half                 0.995 
_reflns.pdbx_netI_over_av_sigmaI     ? 
_reflns.pdbx_number_measured_all     174325 
_reflns.pdbx_scaling_rejects         0 
_reflns.pdbx_chi_squared             ? 
_reflns.Rmerge_F_all                 ? 
_reflns.Rmerge_F_obs                 ? 
_reflns.observed_criterion_F_max     ? 
_reflns.observed_criterion_F_min     ? 
_reflns.observed_criterion_I_max     ? 
_reflns.observed_criterion_I_min     ? 
_reflns.pdbx_d_res_high_opt          ? 
_reflns.pdbx_d_res_low_opt           ? 
_reflns.details                      ? 
# 
loop_
_reflns_shell.pdbx_diffrn_id 
_reflns_shell.pdbx_ordinal 
_reflns_shell.d_res_high 
_reflns_shell.d_res_low 
_reflns_shell.number_measured_obs 
_reflns_shell.number_measured_all 
_reflns_shell.number_unique_obs 
_reflns_shell.pdbx_rejects 
_reflns_shell.Rmerge_I_obs 
_reflns_shell.meanI_over_sigI_obs 
_reflns_shell.pdbx_Rsym_value 
_reflns_shell.pdbx_chi_squared 
_reflns_shell.pdbx_redundancy 
_reflns_shell.percent_possible_obs 
_reflns_shell.pdbx_netI_over_sigmaI_obs 
_reflns_shell.number_possible 
_reflns_shell.number_unique_all 
_reflns_shell.Rmerge_F_all 
_reflns_shell.Rmerge_F_obs 
_reflns_shell.Rmerge_I_all 
_reflns_shell.meanI_over_sigI_all 
_reflns_shell.percent_possible_all 
_reflns_shell.pdbx_Rrim_I_all 
_reflns_shell.pdbx_Rpim_I_all 
_reflns_shell.pdbx_CC_half 
1 1 1.190 1.210  ? 558  ? ? 0.408 ? ? ? 1.400 ? 0.600  ? 405 ? ? ? ? 20.900 0.566 0.392 0.865 
1 2 6.520 27.790 ? 1585 ? ? 0.055 ? ? ? 5.800 ? 70.800 ? 275 ? ? ? ? 98.900 0.061 0.027 0.982 
# 
_refine.entry_id                                 7FVR 
_refine.pdbx_refine_id                           'X-RAY DIFFRACTION' 
_refine.ls_d_res_high                            1.1900 
_refine.ls_d_res_low                             27.7900 
_refine.pdbx_ls_sigma_F                          0.000 
_refine.pdbx_data_cutoff_high_absF               ? 
_refine.pdbx_data_cutoff_low_absF                ? 
_refine.ls_percent_reflns_obs                    82.1000 
_refine.ls_number_reflns_obs                     31337 
_refine.ls_number_reflns_all                     ? 
_refine.pdbx_ls_cross_valid_method               THROUGHOUT 
_refine.ls_matrix_type                           ? 
_refine.pdbx_R_Free_selection_details            RANDOM 
_refine.details                                  
'HYDROGENS HAVE BEEN ADDED IN THE RIDING POSITIONS U VALUES      : REFINED INDIVIDUALLY' 
_refine.ls_R_factor_all                          ? 
_refine.ls_R_factor_obs                          0.1808 
_refine.ls_R_factor_R_work                       0.1793 
_refine.ls_wR_factor_R_work                      ? 
_refine.ls_R_factor_R_free                       0.2089 
_refine.ls_wR_factor_R_free                      ? 
_refine.ls_percent_reflns_R_free                 5.0000 
_refine.ls_number_reflns_R_free                  1648 
_refine.ls_number_reflns_R_work                  ? 
_refine.ls_R_factor_R_free_error                 ? 
_refine.B_iso_mean                               19.5780 
_refine.solvent_model_param_bsol                 ? 
_refine.solvent_model_param_ksol                 ? 
_refine.pdbx_isotropic_thermal_model             ? 
_refine.aniso_B[1][1]                            -0.0700 
_refine.aniso_B[2][2]                            1.0700 
_refine.aniso_B[3][3]                            -1.0500 
_refine.aniso_B[1][2]                            -0.0000 
_refine.aniso_B[1][3]                            0.3400 
_refine.aniso_B[2][3]                            -0.0000 
_refine.correlation_coeff_Fo_to_Fc               0.9670 
_refine.correlation_coeff_Fo_to_Fc_free          0.9480 
_refine.overall_SU_R_Cruickshank_DPI             ? 
_refine.pdbx_overall_SU_R_free_Cruickshank_DPI   ? 
_refine.pdbx_overall_SU_R_Blow_DPI               ? 
_refine.pdbx_overall_SU_R_free_Blow_DPI          ? 
_refine.overall_SU_R_free                        ? 
_refine.pdbx_overall_ESU_R                       0.0800 
_refine.pdbx_overall_ESU_R_Free                  0.0770 
_refine.overall_SU_ML                            0.0640 
_refine.overall_SU_B                             1.5460 
_refine.solvent_model_details                    MASK 
_refine.pdbx_solvent_vdw_probe_radii             1.2000 
_refine.pdbx_solvent_ion_probe_radii             0.8000 
_refine.pdbx_solvent_shrinkage_radii             0.8000 
_refine.ls_number_parameters                     ? 
_refine.ls_number_restraints                     ? 
_refine.pdbx_starting_model                      7av9 
_refine.pdbx_method_to_determine_struct          'FOURIER SYNTHESIS' 
_refine.pdbx_stereochemistry_target_values       'MAXIMUM LIKELIHOOD' 
_refine.pdbx_stereochem_target_val_spec_case     ? 
_refine.overall_FOM_work_R_set                   ? 
_refine.B_iso_max                                50.370 
_refine.B_iso_min                                10.610 
_refine.pdbx_overall_phase_error                 ? 
_refine.occupancy_max                            ? 
_refine.occupancy_min                            ? 
_refine.pdbx_diffrn_id                           1 
_refine.pdbx_TLS_residual_ADP_flag               ? 
_refine.pdbx_ls_sigma_I                          ? 
_refine.pdbx_data_cutoff_high_rms_absF           ? 
_refine.ls_R_factor_R_free_error_details         ? 
# 
_refine_hist.cycle_id                         final 
_refine_hist.pdbx_refine_id                   'X-RAY DIFFRACTION' 
_refine_hist.d_res_high                       1.1900 
_refine_hist.d_res_low                        27.7900 
_refine_hist.pdbx_number_atoms_ligand         22 
_refine_hist.number_atoms_solvent             204 
_refine_hist.number_atoms_total               1229 
_refine_hist.pdbx_number_residues_total       121 
_refine_hist.pdbx_B_iso_mean_ligand           29.34 
_refine_hist.pdbx_B_iso_mean_solvent          29.68 
_refine_hist.pdbx_number_atoms_protein        1003 
_refine_hist.pdbx_number_atoms_nucleic_acid   0 
# 
loop_
_refine_ls_restr.pdbx_refine_id 
_refine_ls_restr.type 
_refine_ls_restr.number 
_refine_ls_restr.dev_ideal 
_refine_ls_restr.dev_ideal_target 
_refine_ls_restr.weight 
_refine_ls_restr.pdbx_restraint_function 
'X-RAY DIFFRACTION' r_bond_refined_d       3109 0.009  0.015  ? ? 
'X-RAY DIFFRACTION' r_bond_other_d         2071 0.001  0.014  ? ? 
'X-RAY DIFFRACTION' r_angle_refined_deg    3188 1.633  1.674  ? ? 
'X-RAY DIFFRACTION' r_angle_other_deg      4851 1.410  1.588  ? ? 
'X-RAY DIFFRACTION' r_dihedral_angle_1_deg 303  6.248  5.000  ? ? 
'X-RAY DIFFRACTION' r_dihedral_angle_2_deg 140  23.866 20.643 ? ? 
'X-RAY DIFFRACTION' r_dihedral_angle_3_deg 392  14.232 15.000 ? ? 
'X-RAY DIFFRACTION' r_dihedral_angle_4_deg 21   9.994  15.000 ? ? 
'X-RAY DIFFRACTION' r_chiral_restr         287  0.087  0.200  ? ? 
'X-RAY DIFFRACTION' r_gen_planes_refined   2850 0.008  0.020  ? ? 
'X-RAY DIFFRACTION' r_gen_planes_other     572  0.002  0.020  ? ? 
'X-RAY DIFFRACTION' r_mcbond_it            1474 1.170  1.879  ? ? 
'X-RAY DIFFRACTION' r_mcbond_other         1408 1.196  1.839  ? ? 
'X-RAY DIFFRACTION' r_mcangle_it           1427 2.137  2.652  ? ? 
# 
_refine_ls_shell.d_res_high                       1.1900 
_refine_ls_shell.d_res_low                        1.2210 
_refine_ls_shell.pdbx_total_number_of_bins_used   20 
_refine_ls_shell.percent_reflns_obs               22.9700 
_refine_ls_shell.number_reflns_R_work             633 
_refine_ls_shell.R_factor_all                     ? 
_refine_ls_shell.R_factor_R_work                  0.4130 
_refine_ls_shell.R_factor_R_free                  0.3540 
_refine_ls_shell.percent_reflns_R_free            ? 
_refine_ls_shell.number_reflns_R_free             30 
_refine_ls_shell.R_factor_R_free_error            ? 
_refine_ls_shell.number_reflns_all                663 
_refine_ls_shell.number_reflns_obs                ? 
_refine_ls_shell.pdbx_refine_id                   'X-RAY DIFFRACTION' 
# 
_struct.entry_id                  7FVR 
_struct.title                     'PanDDA analysis group deposition -- PHIP in complex with Z166737374' 
_struct.pdbx_model_details        ? 
_struct.pdbx_CASP_flag            ? 
_struct.pdbx_model_type_details   ? 
# 
_struct_keywords.entry_id        7FVR 
_struct_keywords.text            
'False negatives, ligand features, rescreening, catalogue, fragment follow-ups, automated chemistry, SIGNALING PROTEIN' 
_struct_keywords.pdbx_keywords   'SIGNALING PROTEIN' 
# 
loop_
_struct_asym.id 
_struct_asym.pdbx_blank_PDB_chainid_flag 
_struct_asym.pdbx_modified 
_struct_asym.entity_id 
_struct_asym.details 
A N N 1 ? 
B N N 2 ? 
C N N 3 ? 
# 
_struct_ref.id                         1 
_struct_ref.db_name                    UNP 
_struct_ref.db_code                    PHIP_HUMAN 
_struct_ref.pdbx_db_accession          Q8WWQ0 
_struct_ref.pdbx_db_isoform            ? 
_struct_ref.entity_id                  1 
_struct_ref.pdbx_seq_one_letter_code   
;SYDIQAWKKQCEELLNLIFQCEDSEPFRQPVDLLEYPDYRDIIDTPMDFATVRETLEAGNYESPMELCKDVRLIFSNSKA
YTPSKRSRIYSMSLRLSAFFEEHISSVLSDYKSALRFHKRNTITKR
;
_struct_ref.pdbx_align_begin           1315 
# 
_struct_ref_seq.align_id                      1 
_struct_ref_seq.ref_id                        1 
_struct_ref_seq.pdbx_PDB_id_code              7FVR 
_struct_ref_seq.pdbx_strand_id                A 
_struct_ref_seq.seq_align_beg                 24 
_struct_ref_seq.pdbx_seq_align_beg_ins_code   ? 
_struct_ref_seq.seq_align_end                 149 
_struct_ref_seq.pdbx_seq_align_end_ins_code   ? 
_struct_ref_seq.pdbx_db_accession             Q8WWQ0 
_struct_ref_seq.db_align_beg                  1315 
_struct_ref_seq.pdbx_db_align_beg_ins_code    ? 
_struct_ref_seq.db_align_end                  1440 
_struct_ref_seq.pdbx_db_align_end_ins_code    ? 
_struct_ref_seq.pdbx_auth_seq_align_beg       1315 
_struct_ref_seq.pdbx_auth_seq_align_end       1440 
# 
loop_
_struct_ref_seq_dif.align_id 
_struct_ref_seq_dif.pdbx_pdb_id_code 
_struct_ref_seq_dif.mon_id 
_struct_ref_seq_dif.pdbx_pdb_strand_id 
_struct_ref_seq_dif.seq_num 
_struct_ref_seq_dif.pdbx_pdb_ins_code 
_struct_ref_seq_dif.pdbx_seq_db_name 
_struct_ref_seq_dif.pdbx_seq_db_accession_code 
_struct_ref_seq_dif.db_mon_id 
_struct_ref_seq_dif.pdbx_seq_db_seq_num 
_struct_ref_seq_dif.details 
_struct_ref_seq_dif.pdbx_auth_seq_num 
_struct_ref_seq_dif.pdbx_ordinal 
1 7FVR MET A 1  ? UNP Q8WWQ0 ? ? 'initiating methionine' 1292 1  
1 7FVR HIS A 2  ? UNP Q8WWQ0 ? ? 'expression tag'        1293 2  
1 7FVR HIS A 3  ? UNP Q8WWQ0 ? ? 'expression tag'        1294 3  
1 7FVR HIS A 4  ? UNP Q8WWQ0 ? ? 'expression tag'        1295 4  
1 7FVR HIS A 5  ? UNP Q8WWQ0 ? ? 'expression tag'        1296 5  
1 7FVR HIS A 6  ? UNP Q8WWQ0 ? ? 'expression tag'        1297 6  
1 7FVR HIS A 7  ? UNP Q8WWQ0 ? ? 'expression tag'        1298 7  
1 7FVR SER A 8  ? UNP Q8WWQ0 ? ? 'expression tag'        1299 8  
1 7FVR SER A 9  ? UNP Q8WWQ0 ? ? 'expression tag'        1300 9  
1 7FVR GLY A 10 ? UNP Q8WWQ0 ? ? 'expression tag'        1301 10 
1 7FVR VAL A 11 ? UNP Q8WWQ0 ? ? 'expression tag'        1302 11 
1 7FVR ASP A 12 ? UNP Q8WWQ0 ? ? 'expression tag'        1303 12 
1 7FVR LEU A 13 ? UNP Q8WWQ0 ? ? 'expression tag'        1304 13 
1 7FVR GLY A 14 ? UNP Q8WWQ0 ? ? 'expression tag'        1305 14 
1 7FVR THR A 15 ? UNP Q8WWQ0 ? ? 'expression tag'        1306 15 
1 7FVR GLU A 16 ? UNP Q8WWQ0 ? ? 'expression tag'        1307 16 
1 7FVR ASN A 17 ? UNP Q8WWQ0 ? ? 'expression tag'        1308 17 
1 7FVR LEU A 18 ? UNP Q8WWQ0 ? ? 'expression tag'        1309 18 
1 7FVR TYR A 19 ? UNP Q8WWQ0 ? ? 'expression tag'        1310 19 
1 7FVR PHE A 20 ? UNP Q8WWQ0 ? ? 'expression tag'        1311 20 
1 7FVR GLN A 21 ? UNP Q8WWQ0 ? ? 'expression tag'        1312 21 
1 7FVR SER A 22 ? UNP Q8WWQ0 ? ? 'expression tag'        1313 22 
1 7FVR MET A 23 ? UNP Q8WWQ0 ? ? 'expression tag'        1314 23 
# 
_pdbx_struct_assembly.id                   1 
_pdbx_struct_assembly.details              author_and_software_defined_assembly 
_pdbx_struct_assembly.method_details       PISA 
_pdbx_struct_assembly.oligomeric_details   monomeric 
_pdbx_struct_assembly.oligomeric_count     1 
# 
_pdbx_struct_assembly_gen.assembly_id       1 
_pdbx_struct_assembly_gen.oper_expression   1 
_pdbx_struct_assembly_gen.asym_id_list      A,B,C 
# 
_pdbx_struct_oper_list.id                   1 
_pdbx_struct_oper_list.type                 'identity operation' 
_pdbx_struct_oper_list.name                 1_555 
_pdbx_struct_oper_list.symmetry_operation   x,y,z 
_pdbx_struct_oper_list.matrix[1][1]         1.0000000000 
_pdbx_struct_oper_list.matrix[1][2]         0.0000000000 
_pdbx_struct_oper_list.matrix[1][3]         0.0000000000 
_pdbx_struct_oper_list.vector[1]            0.0000000000 
_pdbx_struct_oper_list.matrix[2][1]         0.0000000000 
_pdbx_struct_oper_list.matrix[2][2]         1.0000000000 
_pdbx_struct_oper_list.matrix[2][3]         0.0000000000 
_pdbx_struct_oper_list.vector[2]            0.0000000000 
_pdbx_struct_oper_list.matrix[3][1]         0.0000000000 
_pdbx_struct_oper_list.matrix[3][2]         0.0000000000 
_pdbx_struct_oper_list.matrix[3][3]         1.0000000000 
_pdbx_struct_oper_list.vector[3]            0.0000000000 
# 
loop_
_struct_conf.conf_type_id 
_struct_conf.id 
_struct_conf.pdbx_PDB_helix_id 
_struct_conf.beg_label_comp_id 
_struct_conf.beg_label_asym_id 
_struct_conf.beg_label_seq_id 
_struct_conf.pdbx_beg_PDB_ins_code 
_struct_conf.end_label_comp_id 
_struct_conf.end_label_asym_id 
_struct_conf.end_label_seq_id 
_struct_conf.pdbx_end_PDB_ins_code 
_struct_conf.beg_auth_comp_id 
_struct_conf.beg_auth_asym_id 
_struct_conf.beg_auth_seq_id 
_struct_conf.end_auth_comp_id 
_struct_conf.end_auth_asym_id 
_struct_conf.end_auth_seq_id 
_struct_conf.pdbx_PDB_helix_class 
_struct_conf.details 
_struct_conf.pdbx_PDB_helix_length 
HELX_P HELX_P1 AA1 ALA A 29  ? CYS A 44  ? ALA A 1320 CYS A 1335 1 ? 16 
HELX_P HELX_P2 AA2 GLU A 45  ? ARG A 51  ? GLU A 1336 ARG A 1342 5 ? 7  
HELX_P HELX_P3 AA3 ASP A 61  ? ILE A 66  ? ASP A 1352 ILE A 1357 1 ? 6  
HELX_P HELX_P4 AA4 ASP A 71  ? ALA A 81  ? ASP A 1362 ALA A 1372 1 ? 11 
HELX_P HELX_P5 AA5 SER A 86  ? THR A 105 ? SER A 1377 THR A 1396 1 ? 20 
HELX_P HELX_P6 AA6 SER A 110 ? LYS A 142 ? SER A 1401 LYS A 1433 1 ? 33 
# 
_struct_conf_type.id          HELX_P 
_struct_conf_type.criteria    ? 
_struct_conf_type.reference   ? 
# 
loop_
_pdbx_validate_close_contact.id 
_pdbx_validate_close_contact.PDB_model_num 
_pdbx_validate_close_contact.auth_atom_id_1 
_pdbx_validate_close_contact.auth_asym_id_1 
_pdbx_validate_close_contact.auth_comp_id_1 
_pdbx_validate_close_contact.auth_seq_id_1 
_pdbx_validate_close_contact.PDB_ins_code_1 
_pdbx_validate_close_contact.label_alt_id_1 
_pdbx_validate_close_contact.auth_atom_id_2 
_pdbx_validate_close_contact.auth_asym_id_2 
_pdbx_validate_close_contact.auth_comp_id_2 
_pdbx_validate_close_contact.auth_seq_id_2 
_pdbx_validate_close_contact.PDB_ins_code_2 
_pdbx_validate_close_contact.label_alt_id_2 
_pdbx_validate_close_contact.dist 
1 1 O  A HOH 2058 ? ? O A HOH 2085 ? ? 1.96 
2 1 OG A SER 1315 ? ? O A HOH 2001 ? ? 2.05 
# 
_pdbx_validate_torsion.id              1 
_pdbx_validate_torsion.PDB_model_num   1 
_pdbx_validate_torsion.auth_comp_id    TYR 
_pdbx_validate_torsion.auth_asym_id    A 
_pdbx_validate_torsion.auth_seq_id     1350 
_pdbx_validate_torsion.PDB_ins_code    ? 
_pdbx_validate_torsion.label_alt_id    ? 
_pdbx_validate_torsion.phi             -113.11 
_pdbx_validate_torsion.psi             77.76 
# 
_pdbx_struct_special_symmetry.id              1 
_pdbx_struct_special_symmetry.PDB_model_num   1 
_pdbx_struct_special_symmetry.auth_asym_id    A 
_pdbx_struct_special_symmetry.auth_comp_id    HOH 
_pdbx_struct_special_symmetry.auth_seq_id     2195 
_pdbx_struct_special_symmetry.PDB_ins_code    ? 
_pdbx_struct_special_symmetry.label_asym_id   C 
_pdbx_struct_special_symmetry.label_comp_id   HOH 
_pdbx_struct_special_symmetry.label_seq_id    . 
# 
_phasing.method   MR 
# 
_pdbx_entry_details.entry_id                 7FVR 
_pdbx_entry_details.compound_details         ? 
_pdbx_entry_details.source_details           ? 
_pdbx_entry_details.nonpolymer_details       ? 
_pdbx_entry_details.sequence_details         ? 
_pdbx_entry_details.has_ligand_of_interest   Y 
# 
loop_
_pdbx_unobs_or_zero_occ_residues.id 
_pdbx_unobs_or_zero_occ_residues.PDB_model_num 
_pdbx_unobs_or_zero_occ_residues.polymer_flag 
_pdbx_unobs_or_zero_occ_residues.occupancy_flag 
_pdbx_unobs_or_zero_occ_residues.auth_asym_id 
_pdbx_unobs_or_zero_occ_residues.auth_comp_id 
_pdbx_unobs_or_zero_occ_residues.auth_seq_id 
_pdbx_unobs_or_zero_occ_residues.PDB_ins_code 
_pdbx_unobs_or_zero_occ_residues.label_asym_id 
_pdbx_unobs_or_zero_occ_residues.label_comp_id 
_pdbx_unobs_or_zero_occ_residues.label_seq_id 
1  1 Y 1 A MET 1292 ? A MET 1   
2  1 Y 1 A HIS 1293 ? A HIS 2   
3  1 Y 1 A HIS 1294 ? A HIS 3   
4  1 Y 1 A HIS 1295 ? A HIS 4   
5  1 Y 1 A HIS 1296 ? A HIS 5   
6  1 Y 1 A HIS 1297 ? A HIS 6   
7  1 Y 1 A HIS 1298 ? A HIS 7   
8  1 Y 1 A SER 1299 ? A SER 8   
9  1 Y 1 A SER 1300 ? A SER 9   
10 1 Y 1 A GLY 1301 ? A GLY 10  
11 1 Y 1 A VAL 1302 ? A VAL 11  
12 1 Y 1 A ASP 1303 ? A ASP 12  
13 1 Y 1 A LEU 1304 ? A LEU 13  
14 1 Y 1 A GLY 1305 ? A GLY 14  
15 1 Y 1 A THR 1306 ? A THR 15  
16 1 Y 1 A GLU 1307 ? A GLU 16  
17 1 Y 1 A ASN 1308 ? A ASN 17  
18 1 Y 1 A LEU 1309 ? A LEU 18  
19 1 Y 1 A TYR 1310 ? A TYR 19  
20 1 Y 1 A PHE 1311 ? A PHE 20  
21 1 Y 1 A GLN 1312 ? A GLN 21  
22 1 Y 1 A SER 1313 ? A SER 22  
23 1 Y 1 A MET 1314 ? A MET 23  
24 1 Y 1 A THR 1436 ? A THR 145 
25 1 Y 1 A ILE 1437 ? A ILE 146 
26 1 Y 1 A THR 1438 ? A THR 147 
27 1 Y 1 A LYS 1439 ? A LYS 148 
28 1 Y 1 A ARG 1440 ? A ARG 149 
# 
loop_
_chem_comp_atom.comp_id 
_chem_comp_atom.atom_id 
_chem_comp_atom.type_symbol 
_chem_comp_atom.pdbx_aromatic_flag 
_chem_comp_atom.pdbx_stereo_config 
_chem_comp_atom.pdbx_ordinal 
ALA N    N N N 1   
ALA CA   C N S 2   
ALA C    C N N 3   
ALA O    O N N 4   
ALA CB   C N N 5   
ALA OXT  O N N 6   
ALA H    H N N 7   
ALA H2   H N N 8   
ALA HA   H N N 9   
ALA HB1  H N N 10  
ALA HB2  H N N 11  
ALA HB3  H N N 12  
ALA HXT  H N N 13  
ARG N    N N N 14  
ARG CA   C N S 15  
ARG C    C N N 16  
ARG O    O N N 17  
ARG CB   C N N 18  
ARG CG   C N N 19  
ARG CD   C N N 20  
ARG NE   N N N 21  
ARG CZ   C N N 22  
ARG NH1  N N N 23  
ARG NH2  N N N 24  
ARG OXT  O N N 25  
ARG H    H N N 26  
ARG H2   H N N 27  
ARG HA   H N N 28  
ARG HB2  H N N 29  
ARG HB3  H N N 30  
ARG HG2  H N N 31  
ARG HG3  H N N 32  
ARG HD2  H N N 33  
ARG HD3  H N N 34  
ARG HE   H N N 35  
ARG HH11 H N N 36  
ARG HH12 H N N 37  
ARG HH21 H N N 38  
ARG HH22 H N N 39  
ARG HXT  H N N 40  
ASN N    N N N 41  
ASN CA   C N S 42  
ASN C    C N N 43  
ASN O    O N N 44  
ASN CB   C N N 45  
ASN CG   C N N 46  
ASN OD1  O N N 47  
ASN ND2  N N N 48  
ASN OXT  O N N 49  
ASN H    H N N 50  
ASN H2   H N N 51  
ASN HA   H N N 52  
ASN HB2  H N N 53  
ASN HB3  H N N 54  
ASN HD21 H N N 55  
ASN HD22 H N N 56  
ASN HXT  H N N 57  
ASP N    N N N 58  
ASP CA   C N S 59  
ASP C    C N N 60  
ASP O    O N N 61  
ASP CB   C N N 62  
ASP CG   C N N 63  
ASP OD1  O N N 64  
ASP OD2  O N N 65  
ASP OXT  O N N 66  
ASP H    H N N 67  
ASP H2   H N N 68  
ASP HA   H N N 69  
ASP HB2  H N N 70  
ASP HB3  H N N 71  
ASP HD2  H N N 72  
ASP HXT  H N N 73  
CYS N    N N N 74  
CYS CA   C N R 75  
CYS C    C N N 76  
CYS O    O N N 77  
CYS CB   C N N 78  
CYS SG   S N N 79  
CYS OXT  O N N 80  
CYS H    H N N 81  
CYS H2   H N N 82  
CYS HA   H N N 83  
CYS HB2  H N N 84  
CYS HB3  H N N 85  
CYS HG   H N N 86  
CYS HXT  H N N 87  
GLN N    N N N 88  
GLN CA   C N S 89  
GLN C    C N N 90  
GLN O    O N N 91  
GLN CB   C N N 92  
GLN CG   C N N 93  
GLN CD   C N N 94  
GLN OE1  O N N 95  
GLN NE2  N N N 96  
GLN OXT  O N N 97  
GLN H    H N N 98  
GLN H2   H N N 99  
GLN HA   H N N 100 
GLN HB2  H N N 101 
GLN HB3  H N N 102 
GLN HG2  H N N 103 
GLN HG3  H N N 104 
GLN HE21 H N N 105 
GLN HE22 H N N 106 
GLN HXT  H N N 107 
GLU N    N N N 108 
GLU CA   C N S 109 
GLU C    C N N 110 
GLU O    O N N 111 
GLU CB   C N N 112 
GLU CG   C N N 113 
GLU CD   C N N 114 
GLU OE1  O N N 115 
GLU OE2  O N N 116 
GLU OXT  O N N 117 
GLU H    H N N 118 
GLU H2   H N N 119 
GLU HA   H N N 120 
GLU HB2  H N N 121 
GLU HB3  H N N 122 
GLU HG2  H N N 123 
GLU HG3  H N N 124 
GLU HE2  H N N 125 
GLU HXT  H N N 126 
GLY N    N N N 127 
GLY CA   C N N 128 
GLY C    C N N 129 
GLY O    O N N 130 
GLY OXT  O N N 131 
GLY H    H N N 132 
GLY H2   H N N 133 
GLY HA2  H N N 134 
GLY HA3  H N N 135 
GLY HXT  H N N 136 
HIS N    N N N 137 
HIS CA   C N S 138 
HIS C    C N N 139 
HIS O    O N N 140 
HIS CB   C N N 141 
HIS CG   C Y N 142 
HIS ND1  N Y N 143 
HIS CD2  C Y N 144 
HIS CE1  C Y N 145 
HIS NE2  N Y N 146 
HIS OXT  O N N 147 
HIS H    H N N 148 
HIS H2   H N N 149 
HIS HA   H N N 150 
HIS HB2  H N N 151 
HIS HB3  H N N 152 
HIS HD1  H N N 153 
HIS HD2  H N N 154 
HIS HE1  H N N 155 
HIS HE2  H N N 156 
HIS HXT  H N N 157 
HOH O    O N N 158 
HOH H1   H N N 159 
HOH H2   H N N 160 
ILE N    N N N 161 
ILE CA   C N S 162 
ILE C    C N N 163 
ILE O    O N N 164 
ILE CB   C N S 165 
ILE CG1  C N N 166 
ILE CG2  C N N 167 
ILE CD1  C N N 168 
ILE OXT  O N N 169 
ILE H    H N N 170 
ILE H2   H N N 171 
ILE HA   H N N 172 
ILE HB   H N N 173 
ILE HG12 H N N 174 
ILE HG13 H N N 175 
ILE HG21 H N N 176 
ILE HG22 H N N 177 
ILE HG23 H N N 178 
ILE HD11 H N N 179 
ILE HD12 H N N 180 
ILE HD13 H N N 181 
ILE HXT  H N N 182 
LEU N    N N N 183 
LEU CA   C N S 184 
LEU C    C N N 185 
LEU O    O N N 186 
LEU CB   C N N 187 
LEU CG   C N N 188 
LEU CD1  C N N 189 
LEU CD2  C N N 190 
LEU OXT  O N N 191 
LEU H    H N N 192 
LEU H2   H N N 193 
LEU HA   H N N 194 
LEU HB2  H N N 195 
LEU HB3  H N N 196 
LEU HG   H N N 197 
LEU HD11 H N N 198 
LEU HD12 H N N 199 
LEU HD13 H N N 200 
LEU HD21 H N N 201 
LEU HD22 H N N 202 
LEU HD23 H N N 203 
LEU HXT  H N N 204 
LYS N    N N N 205 
LYS CA   C N S 206 
LYS C    C N N 207 
LYS O    O N N 208 
LYS CB   C N N 209 
LYS CG   C N N 210 
LYS CD   C N N 211 
LYS CE   C N N 212 
LYS NZ   N N N 213 
LYS OXT  O N N 214 
LYS H    H N N 215 
LYS H2   H N N 216 
LYS HA   H N N 217 
LYS HB2  H N N 218 
LYS HB3  H N N 219 
LYS HG2  H N N 220 
LYS HG3  H N N 221 
LYS HD2  H N N 222 
LYS HD3  H N N 223 
LYS HE2  H N N 224 
LYS HE3  H N N 225 
LYS HZ1  H N N 226 
LYS HZ2  H N N 227 
LYS HZ3  H N N 228 
LYS HXT  H N N 229 
MET N    N N N 230 
MET CA   C N S 231 
MET C    C N N 232 
MET O    O N N 233 
MET CB   C N N 234 
MET CG   C N N 235 
MET SD   S N N 236 
MET CE   C N N 237 
MET OXT  O N N 238 
MET H    H N N 239 
MET H2   H N N 240 
MET HA   H N N 241 
MET HB2  H N N 242 
MET HB3  H N N 243 
MET HG2  H N N 244 
MET HG3  H N N 245 
MET HE1  H N N 246 
MET HE2  H N N 247 
MET HE3  H N N 248 
MET HXT  H N N 249 
PHE N    N N N 250 
PHE CA   C N S 251 
PHE C    C N N 252 
PHE O    O N N 253 
PHE CB   C N N 254 
PHE CG   C Y N 255 
PHE CD1  C Y N 256 
PHE CD2  C Y N 257 
PHE CE1  C Y N 258 
PHE CE2  C Y N 259 
PHE CZ   C Y N 260 
PHE OXT  O N N 261 
PHE H    H N N 262 
PHE H2   H N N 263 
PHE HA   H N N 264 
PHE HB2  H N N 265 
PHE HB3  H N N 266 
PHE HD1  H N N 267 
PHE HD2  H N N 268 
PHE HE1  H N N 269 
PHE HE2  H N N 270 
PHE HZ   H N N 271 
PHE HXT  H N N 272 
PRO N    N N N 273 
PRO CA   C N S 274 
PRO C    C N N 275 
PRO O    O N N 276 
PRO CB   C N N 277 
PRO CG   C N N 278 
PRO CD   C N N 279 
PRO OXT  O N N 280 
PRO H    H N N 281 
PRO HA   H N N 282 
PRO HB2  H N N 283 
PRO HB3  H N N 284 
PRO HG2  H N N 285 
PRO HG3  H N N 286 
PRO HD2  H N N 287 
PRO HD3  H N N 288 
PRO HXT  H N N 289 
SER N    N N N 290 
SER CA   C N S 291 
SER C    C N N 292 
SER O    O N N 293 
SER CB   C N N 294 
SER OG   O N N 295 
SER OXT  O N N 296 
SER H    H N N 297 
SER H2   H N N 298 
SER HA   H N N 299 
SER HB2  H N N 300 
SER HB3  H N N 301 
SER HG   H N N 302 
SER HXT  H N N 303 
THR N    N N N 304 
THR CA   C N S 305 
THR C    C N N 306 
THR O    O N N 307 
THR CB   C N R 308 
THR OG1  O N N 309 
THR CG2  C N N 310 
THR OXT  O N N 311 
THR H    H N N 312 
THR H2   H N N 313 
THR HA   H N N 314 
THR HB   H N N 315 
THR HG1  H N N 316 
THR HG21 H N N 317 
THR HG22 H N N 318 
THR HG23 H N N 319 
THR HXT  H N N 320 
TRP N    N N N 321 
TRP CA   C N S 322 
TRP C    C N N 323 
TRP O    O N N 324 
TRP CB   C N N 325 
TRP CG   C Y N 326 
TRP CD1  C Y N 327 
TRP CD2  C Y N 328 
TRP NE1  N Y N 329 
TRP CE2  C Y N 330 
TRP CE3  C Y N 331 
TRP CZ2  C Y N 332 
TRP CZ3  C Y N 333 
TRP CH2  C Y N 334 
TRP OXT  O N N 335 
TRP H    H N N 336 
TRP H2   H N N 337 
TRP HA   H N N 338 
TRP HB2  H N N 339 
TRP HB3  H N N 340 
TRP HD1  H N N 341 
TRP HE1  H N N 342 
TRP HE3  H N N 343 
TRP HZ2  H N N 344 
TRP HZ3  H N N 345 
TRP HH2  H N N 346 
TRP HXT  H N N 347 
TYR N    N N N 348 
TYR CA   C N S 349 
TYR C    C N N 350 
TYR O    O N N 351 
TYR CB   C N N 352 
TYR CG   C Y N 353 
TYR CD1  C Y N 354 
TYR CD2  C Y N 355 
TYR CE1  C Y N 356 
TYR CE2  C Y N 357 
TYR CZ   C Y N 358 
TYR OH   O N N 359 
TYR OXT  O N N 360 
TYR H    H N N 361 
TYR H2   H N N 362 
TYR HA   H N N 363 
TYR HB2  H N N 364 
TYR HB3  H N N 365 
TYR HD1  H N N 366 
TYR HD2  H N N 367 
TYR HE1  H N N 368 
TYR HE2  H N N 369 
TYR HH   H N N 370 
TYR HXT  H N N 371 
VAL N    N N N 372 
VAL CA   C N S 373 
VAL C    C N N 374 
VAL O    O N N 375 
VAL CB   C N N 376 
VAL CG1  C N N 377 
VAL CG2  C N N 378 
VAL OXT  O N N 379 
VAL H    H N N 380 
VAL H2   H N N 381 
VAL HA   H N N 382 
VAL HB   H N N 383 
VAL HG11 H N N 384 
VAL HG12 H N N 385 
VAL HG13 H N N 386 
VAL HG21 H N N 387 
VAL HG22 H N N 388 
VAL HG23 H N N 389 
VAL HXT  H N N 390 
ZQ9 N1   N N N 391 
ZQ9 N3   N N N 392 
ZQ9 C4   C Y N 393 
ZQ9 C5   C Y N 394 
ZQ9 C6   C Y N 395 
ZQ9 C7   C N N 396 
ZQ9 C8   C N N 397 
ZQ9 C10  C N N 398 
ZQ9 C13  C Y N 399 
ZQ9 C15  C Y N 400 
ZQ9 C1   C N N 401 
ZQ9 C11  C N N 402 
ZQ9 C12  C Y N 403 
ZQ9 C14  C Y N 404 
ZQ9 C2   C N N 405 
ZQ9 C3   C Y N 406 
ZQ9 C9   C N N 407 
ZQ9 N2   N N N 408 
ZQ9 O1   O N N 409 
ZQ9 O2   O N N 410 
ZQ9 S1   S Y N 411 
ZQ9 S2   S Y N 412 
ZQ9 H1   H N N 413 
ZQ9 H4   H N N 414 
ZQ9 H5   H N N 415 
ZQ9 H6   H N N 416 
ZQ9 H7   H N N 417 
ZQ9 H8   H N N 418 
ZQ9 H10  H N N 419 
ZQ9 H9   H N N 420 
ZQ9 H14  H N N 421 
ZQ9 H13  H N N 422 
ZQ9 H15  H N N 423 
ZQ9 H17  H N N 424 
ZQ9 H16  H N N 425 
ZQ9 H2   H N N 426 
ZQ9 H3   H N N 427 
ZQ9 H11  H N N 428 
ZQ9 H12  H N N 429 
# 
loop_
_chem_comp_bond.comp_id 
_chem_comp_bond.atom_id_1 
_chem_comp_bond.atom_id_2 
_chem_comp_bond.value_order 
_chem_comp_bond.pdbx_aromatic_flag 
_chem_comp_bond.pdbx_stereo_config 
_chem_comp_bond.pdbx_ordinal 
ALA N   CA   sing N N 1   
ALA N   H    sing N N 2   
ALA N   H2   sing N N 3   
ALA CA  C    sing N N 4   
ALA CA  CB   sing N N 5   
ALA CA  HA   sing N N 6   
ALA C   O    doub N N 7   
ALA C   OXT  sing N N 8   
ALA CB  HB1  sing N N 9   
ALA CB  HB2  sing N N 10  
ALA CB  HB3  sing N N 11  
ALA OXT HXT  sing N N 12  
ARG N   CA   sing N N 13  
ARG N   H    sing N N 14  
ARG N   H2   sing N N 15  
ARG CA  C    sing N N 16  
ARG CA  CB   sing N N 17  
ARG CA  HA   sing N N 18  
ARG C   O    doub N N 19  
ARG C   OXT  sing N N 20  
ARG CB  CG   sing N N 21  
ARG CB  HB2  sing N N 22  
ARG CB  HB3  sing N N 23  
ARG CG  CD   sing N N 24  
ARG CG  HG2  sing N N 25  
ARG CG  HG3  sing N N 26  
ARG CD  NE   sing N N 27  
ARG CD  HD2  sing N N 28  
ARG CD  HD3  sing N N 29  
ARG NE  CZ   sing N N 30  
ARG NE  HE   sing N N 31  
ARG CZ  NH1  sing N N 32  
ARG CZ  NH2  doub N N 33  
ARG NH1 HH11 sing N N 34  
ARG NH1 HH12 sing N N 35  
ARG NH2 HH21 sing N N 36  
ARG NH2 HH22 sing N N 37  
ARG OXT HXT  sing N N 38  
ASN N   CA   sing N N 39  
ASN N   H    sing N N 40  
ASN N   H2   sing N N 41  
ASN CA  C    sing N N 42  
ASN CA  CB   sing N N 43  
ASN CA  HA   sing N N 44  
ASN C   O    doub N N 45  
ASN C   OXT  sing N N 46  
ASN CB  CG   sing N N 47  
ASN CB  HB2  sing N N 48  
ASN CB  HB3  sing N N 49  
ASN CG  OD1  doub N N 50  
ASN CG  ND2  sing N N 51  
ASN ND2 HD21 sing N N 52  
ASN ND2 HD22 sing N N 53  
ASN OXT HXT  sing N N 54  
ASP N   CA   sing N N 55  
ASP N   H    sing N N 56  
ASP N   H2   sing N N 57  
ASP CA  C    sing N N 58  
ASP CA  CB   sing N N 59  
ASP CA  HA   sing N N 60  
ASP C   O    doub N N 61  
ASP C   OXT  sing N N 62  
ASP CB  CG   sing N N 63  
ASP CB  HB2  sing N N 64  
ASP CB  HB3  sing N N 65  
ASP CG  OD1  doub N N 66  
ASP CG  OD2  sing N N 67  
ASP OD2 HD2  sing N N 68  
ASP OXT HXT  sing N N 69  
CYS N   CA   sing N N 70  
CYS N   H    sing N N 71  
CYS N   H2   sing N N 72  
CYS CA  C    sing N N 73  
CYS CA  CB   sing N N 74  
CYS CA  HA   sing N N 75  
CYS C   O    doub N N 76  
CYS C   OXT  sing N N 77  
CYS CB  SG   sing N N 78  
CYS CB  HB2  sing N N 79  
CYS CB  HB3  sing N N 80  
CYS SG  HG   sing N N 81  
CYS OXT HXT  sing N N 82  
GLN N   CA   sing N N 83  
GLN N   H    sing N N 84  
GLN N   H2   sing N N 85  
GLN CA  C    sing N N 86  
GLN CA  CB   sing N N 87  
GLN CA  HA   sing N N 88  
GLN C   O    doub N N 89  
GLN C   OXT  sing N N 90  
GLN CB  CG   sing N N 91  
GLN CB  HB2  sing N N 92  
GLN CB  HB3  sing N N 93  
GLN CG  CD   sing N N 94  
GLN CG  HG2  sing N N 95  
GLN CG  HG3  sing N N 96  
GLN CD  OE1  doub N N 97  
GLN CD  NE2  sing N N 98  
GLN NE2 HE21 sing N N 99  
GLN NE2 HE22 sing N N 100 
GLN OXT HXT  sing N N 101 
GLU N   CA   sing N N 102 
GLU N   H    sing N N 103 
GLU N   H2   sing N N 104 
GLU CA  C    sing N N 105 
GLU CA  CB   sing N N 106 
GLU CA  HA   sing N N 107 
GLU C   O    doub N N 108 
GLU C   OXT  sing N N 109 
GLU CB  CG   sing N N 110 
GLU CB  HB2  sing N N 111 
GLU CB  HB3  sing N N 112 
GLU CG  CD   sing N N 113 
GLU CG  HG2  sing N N 114 
GLU CG  HG3  sing N N 115 
GLU CD  OE1  doub N N 116 
GLU CD  OE2  sing N N 117 
GLU OE2 HE2  sing N N 118 
GLU OXT HXT  sing N N 119 
GLY N   CA   sing N N 120 
GLY N   H    sing N N 121 
GLY N   H2   sing N N 122 
GLY CA  C    sing N N 123 
GLY CA  HA2  sing N N 124 
GLY CA  HA3  sing N N 125 
GLY C   O    doub N N 126 
GLY C   OXT  sing N N 127 
GLY OXT HXT  sing N N 128 
HIS N   CA   sing N N 129 
HIS N   H    sing N N 130 
HIS N   H2   sing N N 131 
HIS CA  C    sing N N 132 
HIS CA  CB   sing N N 133 
HIS CA  HA   sing N N 134 
HIS C   O    doub N N 135 
HIS C   OXT  sing N N 136 
HIS CB  CG   sing N N 137 
HIS CB  HB2  sing N N 138 
HIS CB  HB3  sing N N 139 
HIS CG  ND1  sing Y N 140 
HIS CG  CD2  doub Y N 141 
HIS ND1 CE1  doub Y N 142 
HIS ND1 HD1  sing N N 143 
HIS CD2 NE2  sing Y N 144 
HIS CD2 HD2  sing N N 145 
HIS CE1 NE2  sing Y N 146 
HIS CE1 HE1  sing N N 147 
HIS NE2 HE2  sing N N 148 
HIS OXT HXT  sing N N 149 
HOH O   H1   sing N N 150 
HOH O   H2   sing N N 151 
ILE N   CA   sing N N 152 
ILE N   H    sing N N 153 
ILE N   H2   sing N N 154 
ILE CA  C    sing N N 155 
ILE CA  CB   sing N N 156 
ILE CA  HA   sing N N 157 
ILE C   O    doub N N 158 
ILE C   OXT  sing N N 159 
ILE CB  CG1  sing N N 160 
ILE CB  CG2  sing N N 161 
ILE CB  HB   sing N N 162 
ILE CG1 CD1  sing N N 163 
ILE CG1 HG12 sing N N 164 
ILE CG1 HG13 sing N N 165 
ILE CG2 HG21 sing N N 166 
ILE CG2 HG22 sing N N 167 
ILE CG2 HG23 sing N N 168 
ILE CD1 HD11 sing N N 169 
ILE CD1 HD12 sing N N 170 
ILE CD1 HD13 sing N N 171 
ILE OXT HXT  sing N N 172 
LEU N   CA   sing N N 173 
LEU N   H    sing N N 174 
LEU N   H2   sing N N 175 
LEU CA  C    sing N N 176 
LEU CA  CB   sing N N 177 
LEU CA  HA   sing N N 178 
LEU C   O    doub N N 179 
LEU C   OXT  sing N N 180 
LEU CB  CG   sing N N 181 
LEU CB  HB2  sing N N 182 
LEU CB  HB3  sing N N 183 
LEU CG  CD1  sing N N 184 
LEU CG  CD2  sing N N 185 
LEU CG  HG   sing N N 186 
LEU CD1 HD11 sing N N 187 
LEU CD1 HD12 sing N N 188 
LEU CD1 HD13 sing N N 189 
LEU CD2 HD21 sing N N 190 
LEU CD2 HD22 sing N N 191 
LEU CD2 HD23 sing N N 192 
LEU OXT HXT  sing N N 193 
LYS N   CA   sing N N 194 
LYS N   H    sing N N 195 
LYS N   H2   sing N N 196 
LYS CA  C    sing N N 197 
LYS CA  CB   sing N N 198 
LYS CA  HA   sing N N 199 
LYS C   O    doub N N 200 
LYS C   OXT  sing N N 201 
LYS CB  CG   sing N N 202 
LYS CB  HB2  sing N N 203 
LYS CB  HB3  sing N N 204 
LYS CG  CD   sing N N 205 
LYS CG  HG2  sing N N 206 
LYS CG  HG3  sing N N 207 
LYS CD  CE   sing N N 208 
LYS CD  HD2  sing N N 209 
LYS CD  HD3  sing N N 210 
LYS CE  NZ   sing N N 211 
LYS CE  HE2  sing N N 212 
LYS CE  HE3  sing N N 213 
LYS NZ  HZ1  sing N N 214 
LYS NZ  HZ2  sing N N 215 
LYS NZ  HZ3  sing N N 216 
LYS OXT HXT  sing N N 217 
MET N   CA   sing N N 218 
MET N   H    sing N N 219 
MET N   H2   sing N N 220 
MET CA  C    sing N N 221 
MET CA  CB   sing N N 222 
MET CA  HA   sing N N 223 
MET C   O    doub N N 224 
MET C   OXT  sing N N 225 
MET CB  CG   sing N N 226 
MET CB  HB2  sing N N 227 
MET CB  HB3  sing N N 228 
MET CG  SD   sing N N 229 
MET CG  HG2  sing N N 230 
MET CG  HG3  sing N N 231 
MET SD  CE   sing N N 232 
MET CE  HE1  sing N N 233 
MET CE  HE2  sing N N 234 
MET CE  HE3  sing N N 235 
MET OXT HXT  sing N N 236 
PHE N   CA   sing N N 237 
PHE N   H    sing N N 238 
PHE N   H2   sing N N 239 
PHE CA  C    sing N N 240 
PHE CA  CB   sing N N 241 
PHE CA  HA   sing N N 242 
PHE C   O    doub N N 243 
PHE C   OXT  sing N N 244 
PHE CB  CG   sing N N 245 
PHE CB  HB2  sing N N 246 
PHE CB  HB3  sing N N 247 
PHE CG  CD1  doub Y N 248 
PHE CG  CD2  sing Y N 249 
PHE CD1 CE1  sing Y N 250 
PHE CD1 HD1  sing N N 251 
PHE CD2 CE2  doub Y N 252 
PHE CD2 HD2  sing N N 253 
PHE CE1 CZ   doub Y N 254 
PHE CE1 HE1  sing N N 255 
PHE CE2 CZ   sing Y N 256 
PHE CE2 HE2  sing N N 257 
PHE CZ  HZ   sing N N 258 
PHE OXT HXT  sing N N 259 
PRO N   CA   sing N N 260 
PRO N   CD   sing N N 261 
PRO N   H    sing N N 262 
PRO CA  C    sing N N 263 
PRO CA  CB   sing N N 264 
PRO CA  HA   sing N N 265 
PRO C   O    doub N N 266 
PRO C   OXT  sing N N 267 
PRO CB  CG   sing N N 268 
PRO CB  HB2  sing N N 269 
PRO CB  HB3  sing N N 270 
PRO CG  CD   sing N N 271 
PRO CG  HG2  sing N N 272 
PRO CG  HG3  sing N N 273 
PRO CD  HD2  sing N N 274 
PRO CD  HD3  sing N N 275 
PRO OXT HXT  sing N N 276 
SER N   CA   sing N N 277 
SER N   H    sing N N 278 
SER N   H2   sing N N 279 
SER CA  C    sing N N 280 
SER CA  CB   sing N N 281 
SER CA  HA   sing N N 282 
SER C   O    doub N N 283 
SER C   OXT  sing N N 284 
SER CB  OG   sing N N 285 
SER CB  HB2  sing N N 286 
SER CB  HB3  sing N N 287 
SER OG  HG   sing N N 288 
SER OXT HXT  sing N N 289 
THR N   CA   sing N N 290 
THR N   H    sing N N 291 
THR N   H2   sing N N 292 
THR CA  C    sing N N 293 
THR CA  CB   sing N N 294 
THR CA  HA   sing N N 295 
THR C   O    doub N N 296 
THR C   OXT  sing N N 297 
THR CB  OG1  sing N N 298 
THR CB  CG2  sing N N 299 
THR CB  HB   sing N N 300 
THR OG1 HG1  sing N N 301 
THR CG2 HG21 sing N N 302 
THR CG2 HG22 sing N N 303 
THR CG2 HG23 sing N N 304 
THR OXT HXT  sing N N 305 
TRP N   CA   sing N N 306 
TRP N   H    sing N N 307 
TRP N   H2   sing N N 308 
TRP CA  C    sing N N 309 
TRP CA  CB   sing N N 310 
TRP CA  HA   sing N N 311 
TRP C   O    doub N N 312 
TRP C   OXT  sing N N 313 
TRP CB  CG   sing N N 314 
TRP CB  HB2  sing N N 315 
TRP CB  HB3  sing N N 316 
TRP CG  CD1  doub Y N 317 
TRP CG  CD2  sing Y N 318 
TRP CD1 NE1  sing Y N 319 
TRP CD1 HD1  sing N N 320 
TRP CD2 CE2  doub Y N 321 
TRP CD2 CE3  sing Y N 322 
TRP NE1 CE2  sing Y N 323 
TRP NE1 HE1  sing N N 324 
TRP CE2 CZ2  sing Y N 325 
TRP CE3 CZ3  doub Y N 326 
TRP CE3 HE3  sing N N 327 
TRP CZ2 CH2  doub Y N 328 
TRP CZ2 HZ2  sing N N 329 
TRP CZ3 CH2  sing Y N 330 
TRP CZ3 HZ3  sing N N 331 
TRP CH2 HH2  sing N N 332 
TRP OXT HXT  sing N N 333 
TYR N   CA   sing N N 334 
TYR N   H    sing N N 335 
TYR N   H2   sing N N 336 
TYR CA  C    sing N N 337 
TYR CA  CB   sing N N 338 
TYR CA  HA   sing N N 339 
TYR C   O    doub N N 340 
TYR C   OXT  sing N N 341 
TYR CB  CG   sing N N 342 
TYR CB  HB2  sing N N 343 
TYR CB  HB3  sing N N 344 
TYR CG  CD1  doub Y N 345 
TYR CG  CD2  sing Y N 346 
TYR CD1 CE1  sing Y N 347 
TYR CD1 HD1  sing N N 348 
TYR CD2 CE2  doub Y N 349 
TYR CD2 HD2  sing N N 350 
TYR CE1 CZ   doub Y N 351 
TYR CE1 HE1  sing N N 352 
TYR CE2 CZ   sing Y N 353 
TYR CE2 HE2  sing N N 354 
TYR CZ  OH   sing N N 355 
TYR OH  HH   sing N N 356 
TYR OXT HXT  sing N N 357 
VAL N   CA   sing N N 358 
VAL N   H    sing N N 359 
VAL N   H2   sing N N 360 
VAL CA  C    sing N N 361 
VAL CA  CB   sing N N 362 
VAL CA  HA   sing N N 363 
VAL C   O    doub N N 364 
VAL C   OXT  sing N N 365 
VAL CB  CG1  sing N N 366 
VAL CB  CG2  sing N N 367 
VAL CB  HB   sing N N 368 
VAL CG1 HG11 sing N N 369 
VAL CG1 HG12 sing N N 370 
VAL CG1 HG13 sing N N 371 
VAL CG2 HG21 sing N N 372 
VAL CG2 HG22 sing N N 373 
VAL CG2 HG23 sing N N 374 
VAL OXT HXT  sing N N 375 
ZQ9 O1  C1   doub N N 376 
ZQ9 C1  N1   sing N N 377 
ZQ9 N1  C2   sing N N 378 
ZQ9 C2  C3   sing N N 379 
ZQ9 C3  C4   doub Y N 380 
ZQ9 C4  C5   sing Y N 381 
ZQ9 C5  C6   doub Y N 382 
ZQ9 C6  S1   sing Y N 383 
ZQ9 C1  N2   sing N N 384 
ZQ9 N2  C7   sing N N 385 
ZQ9 C7  C8   sing N N 386 
ZQ9 C8  N3   sing N N 387 
ZQ9 N3  C9   sing N N 388 
ZQ9 C9  C10  sing N N 389 
ZQ9 N3  C11  sing N N 390 
ZQ9 C11 O2   doub N N 391 
ZQ9 C11 C12  sing N N 392 
ZQ9 C12 C13  doub Y N 393 
ZQ9 C13 C14  sing Y N 394 
ZQ9 C14 C15  doub Y N 395 
ZQ9 C15 S2   sing Y N 396 
ZQ9 C3  S1   sing Y N 397 
ZQ9 N2  C10  sing N N 398 
ZQ9 C12 S2   sing Y N 399 
ZQ9 N1  H1   sing N N 400 
ZQ9 C4  H4   sing N N 401 
ZQ9 C5  H5   sing N N 402 
ZQ9 C6  H6   sing N N 403 
ZQ9 C7  H7   sing N N 404 
ZQ9 C7  H8   sing N N 405 
ZQ9 C8  H10  sing N N 406 
ZQ9 C8  H9   sing N N 407 
ZQ9 C10 H14  sing N N 408 
ZQ9 C10 H13  sing N N 409 
ZQ9 C13 H15  sing N N 410 
ZQ9 C15 H17  sing N N 411 
ZQ9 C14 H16  sing N N 412 
ZQ9 C2  H2   sing N N 413 
ZQ9 C2  H3   sing N N 414 
ZQ9 C9  H11  sing N N 415 
ZQ9 C9  H12  sing N N 416 
# 
_pdbx_audit_support.ordinal                1 
_pdbx_audit_support.funding_organization   'Wellcome Trust' 
_pdbx_audit_support.grant_number           None 
_pdbx_audit_support.country                'United Kingdom' 
# 
_pdbx_deposit_group.group_id            G_1002265 
_pdbx_deposit_group.group_description   
;XDomainX of XOrganismX PHIP screened against predicted false negatives and catalogue compounds by X-ray Crystallography at the XChem facility of Diamond Light Source beamline I04-1
;
_pdbx_deposit_group.group_title         'PanDDA analysis group deposition' 
_pdbx_deposit_group.group_type          'changed state' 
# 
_pdbx_entity_instance_feature.ordinal        1 
_pdbx_entity_instance_feature.comp_id        ZQ9 
_pdbx_entity_instance_feature.asym_id        ? 
_pdbx_entity_instance_feature.seq_num        ? 
_pdbx_entity_instance_feature.auth_comp_id   ZQ9 
_pdbx_entity_instance_feature.auth_asym_id   ? 
_pdbx_entity_instance_feature.auth_seq_num   ? 
_pdbx_entity_instance_feature.feature_type   'SUBJECT OF INVESTIGATION' 
_pdbx_entity_instance_feature.details        ? 
# 
_atom_sites.entry_id                    7FVR 
_atom_sites.fract_transf_matrix[1][1]   -0.00264400 
_atom_sites.fract_transf_matrix[1][2]   0.01129694 
_atom_sites.fract_transf_matrix[1][3]   0.00433324 
_atom_sites.fract_transf_matrix[2][1]   0.03216063 
_atom_sites.fract_transf_matrix[2][2]   0.00105362 
_atom_sites.fract_transf_matrix[2][3]   0.01687650 
_atom_sites.fract_transf_matrix[3][1]   0.00667391 
_atom_sites.fract_transf_matrix[3][2]   0.01007117 
_atom_sites.fract_transf_matrix[3][3]   -0.01334686 
_atom_sites.fract_transf_vector[1]      -0.146951 
_atom_sites.fract_transf_vector[2]      0.449341 
_atom_sites.fract_transf_vector[3]      0.216954 
# 
loop_
_atom_type.symbol 
C 
N 
O 
S 
# 
loop_
_atom_site.group_PDB 
_atom_site.id 
_atom_site.type_symbol 
_atom_site.label_atom_id 
_atom_site.label_alt_id 
_atom_site.label_comp_id 
_atom_site.label_asym_id 
_atom_site.label_entity_id 
_atom_site.label_seq_id 
_atom_site.pdbx_PDB_ins_code 
_atom_site.Cartn_x 
_atom_site.Cartn_y 
_atom_site.Cartn_z 
_atom_site.occupancy 
_atom_site.B_iso_or_equiv 
_atom_site.pdbx_formal_charge 
_atom_site.auth_seq_id 
_atom_site.auth_comp_id 
_atom_site.auth_asym_id 
_atom_site.auth_atom_id 
_atom_site.pdbx_PDB_model_num 
ATOM   1    N N   . SER A 1 24  ? -9.744  -10.937 19.739  1.00 25.34 ? 1315 SER A N   1 
ATOM   2    C CA  . SER A 1 24  ? -8.844  -9.745  19.648  1.00 25.56 ? 1315 SER A CA  1 
ATOM   3    C C   . SER A 1 24  ? -9.612  -8.582  19.027  1.00 22.61 ? 1315 SER A C   1 
ATOM   4    O O   . SER A 1 24  ? -9.491  -8.399  17.800  1.00 22.80 ? 1315 SER A O   1 
ATOM   5    C CB  . SER A 1 24  ? -7.617  -10.045 18.836  1.00 26.56 ? 1315 SER A CB  1 
ATOM   6    O OG  . SER A 1 24  ? -6.796  -8.883  18.757  1.00 29.35 ? 1315 SER A OG  1 
ATOM   7    N N   . TYR A 1 25  ? -10.374 -7.820  19.818  1.00 19.47 ? 1316 TYR A N   1 
ATOM   8    C CA  . TYR A 1 25  ? -11.414 -6.936  19.231  1.00 15.51 ? 1316 TYR A CA  1 
ATOM   9    C C   . TYR A 1 25  ? -11.021 -5.459  19.382  1.00 14.27 ? 1316 TYR A C   1 
ATOM   10   O O   . TYR A 1 25  ? -11.929 -4.606  19.448  1.00 14.73 ? 1316 TYR A O   1 
ATOM   11   C CB  . TYR A 1 25  ? -12.793 -7.247  19.810  1.00 14.91 ? 1316 TYR A CB  1 
ATOM   12   C CG  . TYR A 1 25  ? -13.173 -8.707  19.786  1.00 14.81 ? 1316 TYR A CG  1 
ATOM   13   C CD1 . TYR A 1 25  ? -13.346 -9.387  18.587  1.00 14.29 ? 1316 TYR A CD1 1 
ATOM   14   C CD2 . TYR A 1 25  ? -13.384 -9.402  20.964  1.00 14.73 ? 1316 TYR A CD2 1 
ATOM   15   C CE1 . TYR A 1 25  ? -13.681 -10.732 18.558  1.00 14.23 ? 1316 TYR A CE1 1 
ATOM   16   C CE2 . TYR A 1 25  ? -13.745 -10.740 20.951  1.00 15.11 ? 1316 TYR A CE2 1 
ATOM   17   C CZ  . TYR A 1 25  ? -13.896 -11.402 19.746  1.00 14.65 ? 1316 TYR A CZ  1 
ATOM   18   O OH  . TYR A 1 25  ? -14.276 -12.724 19.711  1.00 14.25 ? 1316 TYR A OH  1 
ATOM   19   N N   . ASP A 1 26  ? -9.716  -5.161  19.316  1.00 13.85 ? 1317 ASP A N   1 
ATOM   20   C CA  . ASP A 1 26  ? -9.218  -3.748  19.372  1.00 13.82 ? 1317 ASP A CA  1 
ATOM   21   C C   . ASP A 1 26  ? -9.464  -3.102  17.995  1.00 13.23 ? 1317 ASP A C   1 
ATOM   22   O O   . ASP A 1 26  ? -8.764  -3.412  17.041  1.00 13.88 ? 1317 ASP A O   1 
ATOM   23   C CB  . ASP A 1 26  ? -7.749  -3.724  19.752  1.00 14.93 ? 1317 ASP A CB  1 
ATOM   24   C CG  . ASP A 1 26  ? -7.133  -2.343  19.933  1.00 13.50 ? 1317 ASP A CG  1 
ATOM   25   O OD1 . ASP A 1 26  ? -7.717  -1.358  19.446  1.00 14.80 ? 1317 ASP A OD1 1 
ATOM   26   O OD2 . ASP A 1 26  ? -6.111  -2.236  20.668  1.00 20.37 ? 1317 ASP A OD2 1 
ATOM   27   N N   . ILE A 1 27  ? -10.395 -2.145  17.947  1.00 12.94 ? 1318 ILE A N   1 
ATOM   28   C CA  . ILE A 1 27  ? -10.830 -1.392  16.736  1.00 13.13 ? 1318 ILE A CA  1 
ATOM   29   C C   . ILE A 1 27  ? -9.689  -0.491  16.238  1.00 13.25 ? 1318 ILE A C   1 
ATOM   30   O O   . ILE A 1 27  ? -9.688  -0.174  15.048  1.00 14.34 ? 1318 ILE A O   1 
ATOM   31   C CB  . ILE A 1 27  ? -12.111 -0.580  17.022  1.00 13.74 ? 1318 ILE A CB  1 
ATOM   32   C CG1 . ILE A 1 27  ? -13.290 -1.482  17.400  1.00 14.63 ? 1318 ILE A CG1 1 
ATOM   33   C CG2 . ILE A 1 27  ? -12.446 0.318   15.840  1.00 13.90 ? 1318 ILE A CG2 1 
ATOM   34   C CD1 . ILE A 1 27  ? -14.515 -0.734  17.865  1.00 14.69 ? 1318 ILE A CD1 1 
ATOM   35   N N   . GLN A 1 28  ? -8.738  -0.117  17.099  1.00 11.87 ? 1319 GLN A N   1 
ATOM   36   C CA  . GLN A 1 28  ? -7.631  0.814   16.711  1.00 13.07 ? 1319 GLN A CA  1 
ATOM   37   C C   . GLN A 1 28  ? -6.325  0.106   16.350  1.00 13.47 ? 1319 GLN A C   1 
ATOM   38   O O   . GLN A 1 28  ? -5.371  0.775   15.878  1.00 13.28 ? 1319 GLN A O   1 
ATOM   39   C CB  . GLN A 1 28  ? -7.383  1.808   17.850  1.00 13.82 ? 1319 GLN A CB  1 
ATOM   40   C CG  . GLN A 1 28  ? -8.436  2.928   17.911  1.00 13.81 ? 1319 GLN A CG  1 
ATOM   41   C CD  . GLN A 1 28  ? -9.579  2.637   18.877  1.00 12.23 ? 1319 GLN A CD  1 
ATOM   42   O OE1 . GLN A 1 28  ? -9.339  2.258   20.034  1.00 14.38 ? 1319 GLN A OE1 1 
ATOM   43   N NE2 . GLN A 1 28  ? -10.781 2.861   18.449  1.00 13.88 ? 1319 GLN A NE2 1 
ATOM   44   N N   . ALA A 1 29  ? -6.233  -1.227  16.531  1.00 12.81 ? 1320 ALA A N   1 
ATOM   45   C CA  . ALA A 1 29  ? -4.938  -1.927  16.445  1.00 12.64 ? 1320 ALA A CA  1 
ATOM   46   C C   . ALA A 1 29  ? -4.352  -1.900  15.016  1.00 11.53 ? 1320 ALA A C   1 
ATOM   47   O O   . ALA A 1 29  ? -3.144  -1.967  14.882  1.00 12.36 ? 1320 ALA A O   1 
ATOM   48   C CB  . ALA A 1 29  ? -5.091  -3.346  16.956  1.00 13.52 ? 1320 ALA A CB  1 
ATOM   49   N N   . TRP A 1 30  ? -5.209  -1.734  14.004  1.00 11.29 ? 1321 TRP A N   1 
ATOM   50   C CA  . TRP A 1 30  ? -4.754  -1.734  12.595  1.00 11.48 ? 1321 TRP A CA  1 
ATOM   51   C C   . TRP A 1 30  ? -3.678  -0.671  12.379  1.00 11.78 ? 1321 TRP A C   1 
ATOM   52   O O   . TRP A 1 30  ? -2.802  -0.852  11.510  1.00 11.82 ? 1321 TRP A O   1 
ATOM   53   C CB  . TRP A 1 30  ? -5.937  -1.550  11.642  1.00 12.69 ? 1321 TRP A CB  1 
ATOM   54   C CG  . TRP A 1 30  ? -6.600  -0.211  11.774  1.00 12.35 ? 1321 TRP A CG  1 
ATOM   55   C CD1 . TRP A 1 30  ? -7.562  0.112   12.673  1.00 13.12 ? 1321 TRP A CD1 1 
ATOM   56   C CD2 . TRP A 1 30  ? -6.297  1.004   11.056  1.00 12.41 ? 1321 TRP A CD2 1 
ATOM   57   N NE1 . TRP A 1 30  ? -7.883  1.453   12.564  1.00 13.25 ? 1321 TRP A NE1 1 
ATOM   58   C CE2 . TRP A 1 30  ? -7.155  1.994   11.570  1.00 13.27 ? 1321 TRP A CE2 1 
ATOM   59   C CE3 . TRP A 1 30  ? -5.466  1.346   9.996   1.00 12.67 ? 1321 TRP A CE3 1 
ATOM   60   C CZ2 . TRP A 1 30  ? -7.162  3.317   11.121  1.00 14.23 ? 1321 TRP A CZ2 1 
ATOM   61   C CZ3 . TRP A 1 30  ? -5.476  2.652   9.539   1.00 13.78 ? 1321 TRP A CZ3 1 
ATOM   62   C CH2 . TRP A 1 30  ? -6.314  3.617   10.090  1.00 15.79 ? 1321 TRP A CH2 1 
ATOM   63   N N   . LYS A 1 31  ? -3.697  0.449   13.107  1.00 12.46 ? 1322 LYS A N   1 
ATOM   64   C CA  . LYS A 1 31  ? -2.874  1.593   12.710  1.00 13.06 ? 1322 LYS A CA  1 
ATOM   65   C C   . LYS A 1 31  ? -1.406  1.269   12.959  1.00 12.90 ? 1322 LYS A C   1 
ATOM   66   O O   . LYS A 1 31  ? -0.581  1.392   12.044  1.00 14.26 ? 1322 LYS A O   1 
ATOM   67   C CB  . LYS A 1 31  ? -3.363  2.881   13.384  1.00 12.63 ? 1322 LYS A CB  1 
ATOM   68   C CG  . LYS A 1 31  ? -2.538  4.103   13.032  1.00 13.80 ? 1322 LYS A CG  1 
ATOM   69   C CD  . LYS A 1 31  ? -3.093  5.344   13.611  1.00 13.92 ? 1322 LYS A CD  1 
ATOM   70   C CE  . LYS A 1 31  ? -2.338  6.583   13.219  1.00 14.62 ? 1322 LYS A CE  1 
ATOM   71   N NZ  . LYS A 1 31  ? -3.036  7.768   13.755  1.00 16.10 ? 1322 LYS A NZ  1 
ATOM   72   N N   . LYS A 1 32  ? -1.081  0.767   14.149  1.00 14.09 ? 1323 LYS A N   1 
ATOM   73   C CA  . LYS A 1 32  ? 0.317   0.381   14.450  1.00 14.91 ? 1323 LYS A CA  1 
ATOM   74   C C   . LYS A 1 32  ? 0.698   -0.852  13.611  1.00 13.84 ? 1323 LYS A C   1 
ATOM   75   O O   . LYS A 1 32  ? 1.838   -0.919  13.189  1.00 15.23 ? 1323 LYS A O   1 
ATOM   76   C CB  . LYS A 1 32  ? 0.529   0.147   15.947  1.00 16.95 ? 1323 LYS A CB  1 
ATOM   77   C CG  . LYS A 1 32  ? 1.947   -0.278  16.294  1.00 20.25 ? 1323 LYS A CG  1 
ATOM   78   C CD  . LYS A 1 32  ? 2.545   0.419   17.513  1.00 22.62 ? 1323 LYS A CD  1 
ATOM   79   C CE  . LYS A 1 32  ? 4.046   0.232   17.636  1.00 25.36 ? 1323 LYS A CE  1 
ATOM   80   N NZ  . LYS A 1 32  ? 4.536   0.674   18.964  1.00 26.47 ? 1323 LYS A NZ  1 
ATOM   81   N N   . GLN A 1 33  ? -0.246  -1.761  13.331  1.00 13.87 ? 1324 GLN A N   1 
ATOM   82   C CA  . GLN A 1 33  ? 0.029   -2.928  12.443  1.00 12.78 ? 1324 GLN A CA  1 
ATOM   83   C C   . GLN A 1 33  ? 0.476   -2.411  11.067  1.00 12.84 ? 1324 GLN A C   1 
ATOM   84   O O   . GLN A 1 33  ? 1.458   -2.903  10.479  1.00 13.39 ? 1324 GLN A O   1 
ATOM   85   C CB  . GLN A 1 33  ? -1.182  -3.843  12.374  1.00 14.63 ? 1324 GLN A CB  1 
ATOM   86   C CG  . GLN A 1 33  ? -1.362  -4.606  13.694  1.00 14.22 ? 1324 GLN A CG  1 
ATOM   87   C CD  . GLN A 1 33  ? -2.728  -5.216  13.780  1.00 16.38 ? 1324 GLN A CD  1 
ATOM   88   O OE1 . GLN A 1 33  ? -3.573  -5.128  12.894  1.00 17.00 ? 1324 GLN A OE1 1 
ATOM   89   N NE2 . GLN A 1 33  ? -2.986  -5.824  14.937  1.00 19.15 ? 1324 GLN A NE2 1 
ATOM   90   N N   . CYS A 1 34  ? -0.225  -1.412  10.540  1.00 12.82 ? 1325 CYS A N   1 
ATOM   91   C CA  . CYS A 1 34  ? 0.118   -0.827  9.226   1.00 13.41 ? 1325 CYS A CA  1 
ATOM   92   C C   . CYS A 1 34  ? 1.438   -0.050  9.292   1.00 12.97 ? 1325 CYS A C   1 
ATOM   93   O O   . CYS A 1 34  ? 2.252   -0.080  8.357   1.00 12.64 ? 1325 CYS A O   1 
ATOM   94   C CB  . CYS A 1 34  ? -0.999  0.039   8.702   1.00 12.78 ? 1325 CYS A CB  1 
ATOM   95   S SG  . CYS A 1 34  ? -2.483  -0.852  8.138   1.00 13.73 ? 1325 CYS A SG  1 
ATOM   96   N N   . GLU A 1 35  ? 1.723   0.646   10.382  1.00 12.89 ? 1326 GLU A N   1 
ATOM   97   C CA  . GLU A 1 35  ? 3.036   1.341   10.565  1.00 14.77 ? 1326 GLU A CA  1 
ATOM   98   C C   . GLU A 1 35  ? 4.169   0.315   10.477  1.00 14.96 ? 1326 GLU A C   1 
ATOM   99   O O   . GLU A 1 35  ? 5.157   0.578   9.782   1.00 16.08 ? 1326 GLU A O   1 
ATOM   100  C CB  . GLU A 1 35  ? 3.082   2.077   11.910  1.00 16.90 ? 1326 GLU A CB  1 
ATOM   101  C CG  . GLU A 1 35  ? 2.221   3.310   12.000  1.00 20.12 ? 1326 GLU A CG  1 
ATOM   102  C CD  . GLU A 1 35  ? 2.056   3.855   13.419  1.00 22.95 ? 1326 GLU A CD  1 
ATOM   103  O OE1 . GLU A 1 35  ? 2.611   3.263   14.364  1.00 27.04 ? 1326 GLU A OE1 1 
ATOM   104  O OE2 . GLU A 1 35  ? 1.328   4.836   13.573  1.00 25.55 ? 1326 GLU A OE2 1 
ATOM   105  N N   . GLU A 1 36  ? 4.015   -0.805  11.196  1.00 15.36 ? 1327 GLU A N   1 
ATOM   106  C CA  . GLU A 1 36  ? 4.974   -1.944  11.235  1.00 16.17 ? 1327 GLU A CA  1 
ATOM   107  C C   . GLU A 1 36  ? 5.194   -2.436  9.806   1.00 14.99 ? 1327 GLU A C   1 
ATOM   108  O O   . GLU A 1 36  ? 6.368   -2.532  9.391   1.00 16.19 ? 1327 GLU A O   1 
ATOM   109  C CB  . GLU A 1 36  ? 4.465   -3.027  12.200  1.00 17.77 ? 1327 GLU A CB  1 
ATOM   110  C CG  . GLU A 1 36  ? 4.432   -2.530  13.642  1.00 21.02 ? 1327 GLU A CG  1 
ATOM   111  C CD  . GLU A 1 36  ? 3.658   -3.301  14.703  1.00 23.84 ? 1327 GLU A CD  1 
ATOM   112  O OE1 . GLU A 1 36  ? 2.956   -4.275  14.368  1.00 27.82 ? 1327 GLU A OE1 1 
ATOM   113  O OE2 . GLU A 1 36  ? 3.761   -2.909  15.890  1.00 28.31 ? 1327 GLU A OE2 1 
ATOM   114  N N   . LEU A 1 37  ? 4.104   -2.714  9.079   1.00 14.70 ? 1328 LEU A N   1 
ATOM   115  C CA  . LEU A 1 37  ? 4.177   -3.303  7.701   1.00 13.06 ? 1328 LEU A CA  1 
ATOM   116  C C   . LEU A 1 37  ? 4.845   -2.283  6.768   1.00 12.34 ? 1328 LEU A C   1 
ATOM   117  O O   . LEU A 1 37  ? 5.749   -2.680  5.954   1.00 13.58 ? 1328 LEU A O   1 
ATOM   118  C CB  . LEU A 1 37  ? 2.790   -3.714  7.213   1.00 14.25 ? 1328 LEU A CB  1 
ATOM   119  C CG  . LEU A 1 37  ? 2.703   -4.253  5.784   1.00 14.49 ? 1328 LEU A CG  1 
ATOM   120  C CD1 . LEU A 1 37  ? 3.660   -5.419  5.573   1.00 15.30 ? 1328 LEU A CD1 1 
ATOM   121  C CD2 . LEU A 1 37  ? 1.312   -4.674  5.481   1.00 16.36 ? 1328 LEU A CD2 1 
ATOM   122  N N   . LEU A 1 38  ? 4.548   -0.980  6.888   1.00 13.76 ? 1329 LEU A N   1 
ATOM   123  C CA  . LEU A 1 38  ? 5.240   0.039   6.067   1.00 13.55 ? 1329 LEU A CA  1 
ATOM   124  C C   . LEU A 1 38  ? 6.730   0.041   6.392   1.00 15.09 ? 1329 LEU A C   1 
ATOM   125  O O   . LEU A 1 38  ? 7.536   0.153   5.476   1.00 17.59 ? 1329 LEU A O   1 
ATOM   126  C CB  . LEU A 1 38  ? 4.601   1.417   6.263   1.00 15.31 ? 1329 LEU A CB  1 
ATOM   127  C CG  . LEU A 1 38  ? 3.221   1.573   5.660   1.00 15.26 ? 1329 LEU A CG  1 
ATOM   128  C CD1 . LEU A 1 38  ? 2.600   2.863   6.152   1.00 17.93 ? 1329 LEU A CD1 1 
ATOM   129  C CD2 . LEU A 1 38  ? 3.257   1.580   4.122   1.00 17.29 ? 1329 LEU A CD2 1 
ATOM   130  N N   . ASN A 1 39  ? 7.114   -0.097  7.637   1.00 17.00 ? 1330 ASN A N   1 
ATOM   131  C CA  . ASN A 1 39  ? 8.558   -0.209  7.998   1.00 18.80 ? 1330 ASN A CA  1 
ATOM   132  C C   . ASN A 1 39  ? 9.197   -1.408  7.262   1.00 17.13 ? 1330 ASN A C   1 
ATOM   133  O O   . ASN A 1 39  ? 10.337  -1.239  6.701   1.00 20.32 ? 1330 ASN A O   1 
ATOM   134  C CB  . ASN A 1 39  ? 8.733   -0.296  9.516   1.00 21.46 ? 1330 ASN A CB  1 
ATOM   135  C CG  . ASN A 1 39  ? 8.447   0.997   10.249  1.00 26.20 ? 1330 ASN A CG  1 
ATOM   136  O OD1 . ASN A 1 39  ? 8.394   2.076   9.659   1.00 32.71 ? 1330 ASN A OD1 1 
ATOM   137  N ND2 . ASN A 1 39  ? 8.226   0.905   11.552  1.00 29.24 ? 1330 ASN A ND2 1 
ATOM   138  N N   . LEU A 1 40  ? 8.556   -2.555  7.260   1.00 16.20 ? 1331 LEU A N   1 
ATOM   139  C CA  . LEU A 1 40  ? 9.082   -3.761  6.568   1.00 17.66 ? 1331 LEU A CA  1 
ATOM   140  C C   . LEU A 1 40  ? 9.217   -3.447  5.073   1.00 16.95 ? 1331 LEU A C   1 
ATOM   141  O O   . LEU A 1 40  ? 10.267  -3.780  4.448   1.00 19.09 ? 1331 LEU A O   1 
ATOM   142  C CB  . LEU A 1 40  ? 8.185   -4.980  6.784   1.00 17.85 ? 1331 LEU A CB  1 
ATOM   143  C CG  . LEU A 1 40  ? 8.199   -5.590  8.197   1.00 17.64 ? 1331 LEU A CG  1 
ATOM   144  C CD1 . LEU A 1 40  ? 7.207   -6.717  8.285   1.00 22.43 ? 1331 LEU A CD1 1 
ATOM   145  C CD2 . LEU A 1 40  ? 9.583   -6.107  8.590   1.00 21.88 ? 1331 LEU A CD2 1 
ATOM   146  N N   . ILE A 1 41  ? 8.235   -2.772  4.481   1.00 15.89 ? 1332 ILE A N   1 
ATOM   147  C CA  . ILE A 1 41  ? 8.278   -2.474  3.025   1.00 15.02 ? 1332 ILE A CA  1 
ATOM   148  C C   . ILE A 1 41  ? 9.441   -1.510  2.755   1.00 15.54 ? 1332 ILE A C   1 
ATOM   149  O O   . ILE A 1 41  ? 10.193  -1.745  1.777   1.00 15.16 ? 1332 ILE A O   1 
ATOM   150  C CB  . ILE A 1 41  ? 6.913   -1.908  2.609   1.00 15.27 ? 1332 ILE A CB  1 
ATOM   151  C CG1 . ILE A 1 41  ? 5.887   -3.036  2.599   1.00 16.59 ? 1332 ILE A CG1 1 
ATOM   152  C CG2 . ILE A 1 41  ? 7.004   -1.149  1.307   1.00 13.89 ? 1332 ILE A CG2 1 
ATOM   153  C CD1 . ILE A 1 41  ? 4.500   -2.564  2.477   1.00 19.27 ? 1332 ILE A CD1 1 
ATOM   154  N N   . PHE A 1 42  ? 9.630   -0.483  3.583   1.00 17.76 ? 1333 PHE A N   1 
ATOM   155  C CA  . PHE A 1 42  ? 10.814  0.411   3.451   1.00 21.35 ? 1333 PHE A CA  1 
ATOM   156  C C   . PHE A 1 42  ? 12.169  -0.347  3.542   1.00 23.09 ? 1333 PHE A C   1 
ATOM   157  O O   . PHE A 1 42  ? 13.124  0.074   2.844   1.00 28.27 ? 1333 PHE A O   1 
ATOM   158  C CB  . PHE A 1 42  ? 10.644  1.629   4.365   1.00 20.05 ? 1333 PHE A CB  1 
ATOM   159  C CG  . PHE A 1 42  ? 9.821   2.746   3.764   1.00 18.95 ? 1333 PHE A CG  1 
ATOM   160  C CD1 . PHE A 1 42  ? 10.443  3.721   3.015   1.00 20.59 ? 1333 PHE A CD1 1 
ATOM   161  C CD2 . PHE A 1 42  ? 8.455   2.846   3.955   1.00 22.40 ? 1333 PHE A CD2 1 
ATOM   162  C CE1 . PHE A 1 42  ? 9.733   4.780   2.467   1.00 24.58 ? 1333 PHE A CE1 1 
ATOM   163  C CE2 . PHE A 1 42  ? 7.753   3.925   3.441   1.00 22.41 ? 1333 PHE A CE2 1 
ATOM   164  C CZ  . PHE A 1 42  ? 8.380   4.853   2.648   1.00 22.74 ? 1333 PHE A CZ  1 
ATOM   165  N N   . GLN A 1 43  ? 12.274  -1.441  4.298   1.00 23.65 ? 1334 GLN A N   1 
ATOM   166  C CA  . GLN A 1 43  ? 13.545  -2.226  4.370   1.00 23.35 ? 1334 GLN A CA  1 
ATOM   167  C C   . GLN A 1 43  ? 13.748  -3.059  3.096   1.00 23.13 ? 1334 GLN A C   1 
ATOM   168  O O   . GLN A 1 43  ? 14.922  -3.354  2.762   1.00 21.40 ? 1334 GLN A O   1 
ATOM   169  C CB  . GLN A 1 43  ? 13.558  -3.109  5.618   1.00 24.51 ? 1334 GLN A CB  1 
ATOM   170  C CG  . GLN A 1 43  ? 13.493  -2.303  6.903   1.00 24.71 ? 1334 GLN A CG  1 
ATOM   171  N N   A CYS A 1 44  ? 12.667  -3.445  2.411   0.31 20.72 ? 1335 CYS A N   1 
ATOM   172  N N   B CYS A 1 44  ? 12.669  -3.434  2.400   0.31 21.47 ? 1335 CYS A N   1 
ATOM   173  C CA  A CYS A 1 44  ? 12.714  -4.263  1.170   0.31 19.61 ? 1335 CYS A CA  1 
ATOM   174  C CA  B CYS A 1 44  ? 12.707  -4.278  1.176   0.31 20.64 ? 1335 CYS A CA  1 
ATOM   175  C C   A CYS A 1 44  ? 13.439  -3.471  0.075   0.31 19.70 ? 1335 CYS A C   1 
ATOM   176  C C   B CYS A 1 44  ? 13.410  -3.499  0.054   0.31 20.22 ? 1335 CYS A C   1 
ATOM   177  O O   A CYS A 1 44  ? 13.048  -2.322  -0.209  0.31 16.85 ? 1335 CYS A O   1 
ATOM   178  O O   B CYS A 1 44  ? 12.967  -2.388  -0.275  0.31 17.15 ? 1335 CYS A O   1 
ATOM   179  C CB  A CYS A 1 44  ? 11.321  -4.664  0.686   0.31 18.69 ? 1335 CYS A CB  1 
ATOM   180  C CB  B CYS A 1 44  ? 11.313  -4.692  0.707   0.31 20.39 ? 1335 CYS A CB  1 
ATOM   181  S SG  A CYS A 1 44  ? 10.549  -5.881  1.780   0.31 21.24 ? 1335 CYS A SG  1 
ATOM   182  S SG  B CYS A 1 44  ? 11.343  -6.140  -0.382  0.31 25.14 ? 1335 CYS A SG  1 
ATOM   183  N N   . GLU A 1 45  ? 14.463  -4.058  -0.548  1.00 19.27 ? 1336 GLU A N   1 
ATOM   184  C CA  . GLU A 1 45  ? 15.102  -3.399  -1.725  1.00 18.62 ? 1336 GLU A CA  1 
ATOM   185  C C   . GLU A 1 45  ? 14.089  -3.222  -2.864  1.00 16.16 ? 1336 GLU A C   1 
ATOM   186  O O   . GLU A 1 45  ? 14.163  -2.201  -3.584  1.00 17.06 ? 1336 GLU A O   1 
ATOM   187  C CB  . GLU A 1 45  ? 16.263  -4.230  -2.241  1.00 19.75 ? 1336 GLU A CB  1 
ATOM   188  C CG  . GLU A 1 45  ? 17.428  -4.240  -1.276  1.00 23.10 ? 1336 GLU A CG  1 
ATOM   189  C CD  . GLU A 1 45  ? 18.647  -5.036  -1.700  1.00 26.61 ? 1336 GLU A CD  1 
ATOM   190  O OE1 . GLU A 1 45  ? 18.601  -5.655  -2.772  1.00 27.18 ? 1336 GLU A OE1 1 
ATOM   191  O OE2 . GLU A 1 45  ? 19.673  -5.002  -0.922  1.00 24.64 ? 1336 GLU A OE2 1 
ATOM   192  N N   . ASP A 1 46  ? 13.099  -4.103  -2.956  1.00 16.11 ? 1337 ASP A N   1 
ATOM   193  C CA  . ASP A 1 46  ? 12.052  -4.014  -3.997  1.00 16.20 ? 1337 ASP A CA  1 
ATOM   194  C C   . ASP A 1 46  ? 11.184  -2.759  -3.848  1.00 15.36 ? 1337 ASP A C   1 
ATOM   195  O O   . ASP A 1 46  ? 10.464  -2.430  -4.849  1.00 15.70 ? 1337 ASP A O   1 
ATOM   196  C CB  . ASP A 1 46  ? 11.181  -5.247  -3.991  1.00 15.72 ? 1337 ASP A CB  1 
ATOM   197  C CG  . ASP A 1 46  ? 11.862  -6.471  -4.611  1.00 17.69 ? 1337 ASP A CG  1 
ATOM   198  O OD1 . ASP A 1 46  ? 12.893  -6.270  -5.365  1.00 19.71 ? 1337 ASP A OD1 1 
ATOM   199  O OD2 . ASP A 1 46  ? 11.331  -7.581  -4.427  1.00 18.34 ? 1337 ASP A OD2 1 
ATOM   200  N N   . SER A 1 47  ? 11.184  -2.098  -2.701  1.00 14.53 ? 1338 SER A N   1 
ATOM   201  C CA  . SER A 1 47  ? 10.374  -0.862  -2.607  1.00 14.57 ? 1338 SER A CA  1 
ATOM   202  C C   . SER A 1 47  ? 11.027  0.398   -3.159  1.00 14.39 ? 1338 SER A C   1 
ATOM   203  O O   . SER A 1 47  ? 10.361  1.424   -3.244  1.00 14.43 ? 1338 SER A O   1 
ATOM   204  C CB  . SER A 1 47  ? 9.887   -0.597  -1.218  1.00 13.87 ? 1338 SER A CB  1 
ATOM   205  O OG  . SER A 1 47  ? 10.941  -0.200  -0.323  1.00 15.26 ? 1338 SER A OG  1 
ATOM   206  N N   . GLU A 1 48  ? 12.335  0.390   -3.412  1.00 15.45 ? 1339 GLU A N   1 
ATOM   207  C CA  . GLU A 1 48  ? 13.057  1.680   -3.583  1.00 16.93 ? 1339 GLU A CA  1 
ATOM   208  C C   . GLU A 1 48  ? 12.399  2.537   -4.672  1.00 14.62 ? 1339 GLU A C   1 
ATOM   209  O O   . GLU A 1 48  ? 12.229  3.739   -4.482  1.00 15.06 ? 1339 GLU A O   1 
ATOM   210  C CB  . GLU A 1 48  ? 14.554  1.419   -3.734  1.00 20.01 ? 1339 GLU A CB  1 
ATOM   211  C CG  . GLU A 1 48  ? 15.398  2.675   -3.699  1.00 24.70 ? 1339 GLU A CG  1 
ATOM   212  C CD  . GLU A 1 48  ? 15.842  3.139   -5.069  1.00 29.24 ? 1339 GLU A CD  1 
ATOM   213  O OE1 . GLU A 1 48  ? 15.072  2.926   -6.020  1.00 32.23 ? 1339 GLU A OE1 1 
ATOM   214  O OE2 . GLU A 1 48  ? 16.973  3.670   -5.186  1.00 32.54 ? 1339 GLU A OE2 1 
ATOM   215  N N   . PRO A 1 49  ? 11.905  1.992   -5.811  1.00 14.28 ? 1340 PRO A N   1 
ATOM   216  C CA  . PRO A 1 49  ? 11.288  2.844   -6.833  1.00 14.36 ? 1340 PRO A CA  1 
ATOM   217  C C   . PRO A 1 49  ? 9.933   3.465   -6.467  1.00 14.44 ? 1340 PRO A C   1 
ATOM   218  O O   . PRO A 1 49  ? 9.488   4.385   -7.164  1.00 14.11 ? 1340 PRO A O   1 
ATOM   219  C CB  . PRO A 1 49  ? 11.075  1.875   -8.006  1.00 15.14 ? 1340 PRO A CB  1 
ATOM   220  C CG  . PRO A 1 49  ? 12.033  0.749   -7.722  1.00 15.41 ? 1340 PRO A CG  1 
ATOM   221  C CD  . PRO A 1 49  ? 11.968  0.583   -6.223  1.00 14.29 ? 1340 PRO A CD  1 
ATOM   222  N N   . PHE A 1 50  ? 9.306   2.950   -5.404  1.00 14.58 ? 1341 PHE A N   1 
ATOM   223  C CA  . PHE A 1 50  ? 7.919   3.301   -5.004  1.00 14.11 ? 1341 PHE A CA  1 
ATOM   224  C C   . PHE A 1 50  ? 7.925   4.121   -3.712  1.00 14.84 ? 1341 PHE A C   1 
ATOM   225  O O   . PHE A 1 50  ? 6.853   4.398   -3.205  1.00 14.26 ? 1341 PHE A O   1 
ATOM   226  C CB  . PHE A 1 50  ? 7.059   2.040   -4.870  1.00 13.34 ? 1341 PHE A CB  1 
ATOM   227  C CG  . PHE A 1 50  ? 7.233   1.055   -6.000  1.00 12.91 ? 1341 PHE A CG  1 
ATOM   228  C CD1 . PHE A 1 50  ? 6.715   1.313   -7.257  1.00 13.53 ? 1341 PHE A CD1 1 
ATOM   229  C CD2 . PHE A 1 50  ? 7.959   -0.109  -5.818  1.00 13.29 ? 1341 PHE A CD2 1 
ATOM   230  C CE1 . PHE A 1 50  ? 6.948   0.441   -8.311  1.00 13.58 ? 1341 PHE A CE1 1 
ATOM   231  C CE2 . PHE A 1 50  ? 8.178   -0.983  -6.866  1.00 13.00 ? 1341 PHE A CE2 1 
ATOM   232  C CZ  . PHE A 1 50  ? 7.673   -0.712  -8.114  1.00 13.15 ? 1341 PHE A CZ  1 
ATOM   233  N N   . ARG A 1 51  ? 9.091   4.502   -3.189  1.00 15.30 ? 1342 ARG A N   1 
ATOM   234  C CA  . ARG A 1 51  ? 9.196   5.152   -1.859  1.00 16.17 ? 1342 ARG A CA  1 
ATOM   235  C C   . ARG A 1 51  ? 8.744   6.604   -1.958  1.00 17.12 ? 1342 ARG A C   1 
ATOM   236  O O   . ARG A 1 51  ? 8.190   7.111   -0.965  1.00 17.99 ? 1342 ARG A O   1 
ATOM   237  C CB  . ARG A 1 51  ? 10.627  5.089   -1.317  1.00 16.86 ? 1342 ARG A CB  1 
ATOM   238  C CG  . ARG A 1 51  ? 10.966  3.705   -0.797  1.00 17.26 ? 1342 ARG A CG  1 
ATOM   239  C CD  . ARG A 1 51  ? 12.425  3.557   -0.430  1.00 18.61 ? 1342 ARG A CD  1 
ATOM   240  N NE  . ARG A 1 51  ? 12.764  2.165   -0.163  1.00 19.63 ? 1342 ARG A NE  1 
ATOM   241  C CZ  . ARG A 1 51  ? 13.972  1.622   -0.290  1.00 22.30 ? 1342 ARG A CZ  1 
ATOM   242  N NH1 . ARG A 1 51  ? 15.018  2.343   -0.675  1.00 23.86 ? 1342 ARG A NH1 1 
ATOM   243  N NH2 . ARG A 1 51  ? 14.127  0.340   -0.028  1.00 21.90 ? 1342 ARG A NH2 1 
ATOM   244  N N   . GLN A 1 52  ? 8.989   7.252   -3.087  1.00 17.80 ? 1343 GLN A N   1 
ATOM   245  C CA  . GLN A 1 52  ? 8.752   8.703   -3.231  1.00 19.10 ? 1343 GLN A CA  1 
ATOM   246  C C   . GLN A 1 52  ? 7.988   8.923   -4.533  1.00 19.84 ? 1343 GLN A C   1 
ATOM   247  O O   . GLN A 1 52  ? 8.025   8.070   -5.423  1.00 19.56 ? 1343 GLN A O   1 
ATOM   248  C CB  . GLN A 1 52  ? 10.089  9.450   -3.098  1.00 21.51 ? 1343 GLN A CB  1 
ATOM   249  C CG  . GLN A 1 52  ? 10.959  8.976   -1.927  1.00 24.67 ? 1343 GLN A CG  1 
ATOM   250  C CD  . GLN A 1 52  ? 10.436  9.279   -0.538  1.00 28.17 ? 1343 GLN A CD  1 
ATOM   251  O OE1 . GLN A 1 52  ? 9.672   10.220  -0.320  1.00 29.48 ? 1343 GLN A OE1 1 
ATOM   252  N NE2 . GLN A 1 52  ? 10.875  8.495   0.439   1.00 28.58 ? 1343 GLN A NE2 1 
ATOM   253  N N   . PRO A 1 53  ? 7.223   10.033  -4.661  1.00 21.60 ? 1344 PRO A N   1 
ATOM   254  C CA  . PRO A 1 53  ? 6.436   10.276  -5.865  1.00 21.74 ? 1344 PRO A CA  1 
ATOM   255  C C   . PRO A 1 53  ? 7.354   10.227  -7.089  1.00 22.13 ? 1344 PRO A C   1 
ATOM   256  O O   . PRO A 1 53  ? 8.503   10.696  -6.995  1.00 24.22 ? 1344 PRO A O   1 
ATOM   257  C CB  . PRO A 1 53  ? 5.829   11.676  -5.668  1.00 20.86 ? 1344 PRO A CB  1 
ATOM   258  C CG  . PRO A 1 53  ? 5.862   11.894  -4.169  1.00 21.63 ? 1344 PRO A CG  1 
ATOM   259  C CD  . PRO A 1 53  ? 7.062   11.113  -3.668  1.00 20.82 ? 1344 PRO A CD  1 
ATOM   260  N N   . VAL A 1 54  ? 6.860   9.632   -8.177  1.00 23.40 ? 1345 VAL A N   1 
ATOM   261  C CA  . VAL A 1 54  ? 7.577   9.560   -9.480  1.00 23.16 ? 1345 VAL A CA  1 
ATOM   262  C C   . VAL A 1 54  ? 7.996   10.978  -9.877  1.00 26.24 ? 1345 VAL A C   1 
ATOM   263  O O   . VAL A 1 54  ? 7.250   11.940  -9.575  1.00 24.55 ? 1345 VAL A O   1 
ATOM   264  C CB  . VAL A 1 54  ? 6.728   8.901   -10.583 1.00 24.39 ? 1345 VAL A CB  1 
ATOM   265  C CG1 . VAL A 1 54  ? 7.403   8.999   -11.943 1.00 24.79 ? 1345 VAL A CG1 1 
ATOM   266  C CG2 . VAL A 1 54  ? 6.413   7.453   -10.258 1.00 24.77 ? 1345 VAL A CG2 1 
ATOM   267  N N   . ASP A 1 55  ? 9.168   11.084  -10.507 1.00 28.18 ? 1346 ASP A N   1 
ATOM   268  C CA  . ASP A 1 55  ? 9.714   12.341  -11.076 1.00 30.82 ? 1346 ASP A CA  1 
ATOM   269  C C   . ASP A 1 55  ? 9.307   12.424  -12.552 1.00 31.70 ? 1346 ASP A C   1 
ATOM   270  O O   . ASP A 1 55  ? 9.574   11.463  -13.297 1.00 32.46 ? 1346 ASP A O   1 
ATOM   271  C CB  . ASP A 1 55  ? 11.230  12.416  -10.915 1.00 31.88 ? 1346 ASP A CB  1 
ATOM   272  C CG  . ASP A 1 55  ? 11.847  13.529  -11.738 1.00 33.42 ? 1346 ASP A CG  1 
ATOM   273  O OD1 . ASP A 1 55  ? 11.315  14.656  -11.685 1.00 32.50 ? 1346 ASP A OD1 1 
ATOM   274  O OD2 . ASP A 1 55  ? 12.830  13.252  -12.440 1.00 35.09 ? 1346 ASP A OD2 1 
ATOM   275  N N   . LEU A 1 56  ? 8.708   13.540  -12.958 1.00 35.22 ? 1347 LEU A N   1 
ATOM   276  C CA  . LEU A 1 56  ? 8.194   13.746  -14.338 1.00 37.19 ? 1347 LEU A CA  1 
ATOM   277  C C   . LEU A 1 56  ? 9.342   14.193  -15.252 1.00 37.65 ? 1347 LEU A C   1 
ATOM   278  O O   . LEU A 1 56  ? 9.229   14.011  -16.478 1.00 39.63 ? 1347 LEU A O   1 
ATOM   279  C CB  . LEU A 1 56  ? 7.053   14.770  -14.300 1.00 37.89 ? 1347 LEU A CB  1 
ATOM   280  C CG  . LEU A 1 56  ? 5.951   14.495  -13.274 1.00 38.70 ? 1347 LEU A CG  1 
ATOM   281  C CD1 . LEU A 1 56  ? 4.774   15.431  -13.482 1.00 39.37 ? 1347 LEU A CD1 1 
ATOM   282  C CD2 . LEU A 1 56  ? 5.477   13.048  -13.330 1.00 40.91 ? 1347 LEU A CD2 1 
ATOM   283  N N   . LEU A 1 57  ? 10.422  14.733  -14.685 1.00 39.93 ? 1348 LEU A N   1 
ATOM   284  C CA  . LEU A 1 57  ? 11.599  15.187  -15.468 1.00 39.63 ? 1348 LEU A CA  1 
ATOM   285  C C   . LEU A 1 57  ? 12.182  13.971  -16.202 1.00 39.04 ? 1348 LEU A C   1 
ATOM   286  O O   . LEU A 1 57  ? 12.489  14.096  -17.410 1.00 40.91 ? 1348 LEU A O   1 
ATOM   287  C CB  . LEU A 1 57  ? 12.625  15.850  -14.538 1.00 42.84 ? 1348 LEU A CB  1 
ATOM   288  C CG  . LEU A 1 57  ? 12.084  16.934  -13.599 1.00 45.40 ? 1348 LEU A CG  1 
ATOM   289  C CD1 . LEU A 1 57  ? 13.177  17.451  -12.672 1.00 46.52 ? 1348 LEU A CD1 1 
ATOM   290  C CD2 . LEU A 1 57  ? 11.457  18.081  -14.375 1.00 46.67 ? 1348 LEU A CD2 1 
ATOM   291  N N   . GLU A 1 58  ? 12.276  12.827  -15.517 1.00 35.24 ? 1349 GLU A N   1 
ATOM   292  C CA  . GLU A 1 58  ? 12.868  11.573  -16.058 1.00 34.21 ? 1349 GLU A CA  1 
ATOM   293  C C   . GLU A 1 58  ? 11.823  10.790  -16.863 1.00 31.20 ? 1349 GLU A C   1 
ATOM   294  O O   . GLU A 1 58  ? 12.204  10.169  -17.882 1.00 31.72 ? 1349 GLU A O   1 
ATOM   295  C CB  . GLU A 1 58  ? 13.404  10.716  -14.913 1.00 33.96 ? 1349 GLU A CB  1 
ATOM   296  C CG  . GLU A 1 58  ? 14.594  11.337  -14.207 1.00 37.31 ? 1349 GLU A CG  1 
ATOM   297  C CD  . GLU A 1 58  ? 14.817  10.837  -12.793 1.00 39.30 ? 1349 GLU A CD  1 
ATOM   298  O OE1 . GLU A 1 58  ? 13.814  10.616  -12.081 1.00 39.09 ? 1349 GLU A OE1 1 
ATOM   299  O OE2 . GLU A 1 58  ? 15.998  10.677  -12.407 1.00 41.34 ? 1349 GLU A OE2 1 
ATOM   300  N N   . TYR A 1 59  ? 10.569  10.789  -16.399 1.00 30.66 ? 1350 TYR A N   1 
ATOM   301  C CA  . TYR A 1 59  ? 9.425   10.084  -17.040 1.00 29.29 ? 1350 TYR A CA  1 
ATOM   302  C C   . TYR A 1 59  ? 8.441   11.132  -17.556 1.00 27.39 ? 1350 TYR A C   1 
ATOM   303  O O   . TYR A 1 59  ? 7.419   11.402  -16.927 1.00 26.23 ? 1350 TYR A O   1 
ATOM   304  C CB  . TYR A 1 59  ? 8.845   9.074   -16.045 1.00 29.79 ? 1350 TYR A CB  1 
ATOM   305  C CG  . TYR A 1 59  ? 9.750   7.892   -15.796 1.00 29.89 ? 1350 TYR A CG  1 
ATOM   306  C CD1 . TYR A 1 59  ? 9.805   6.846   -16.700 1.00 30.65 ? 1350 TYR A CD1 1 
ATOM   307  C CD2 . TYR A 1 59  ? 10.572  7.818   -14.681 1.00 31.56 ? 1350 TYR A CD2 1 
ATOM   308  C CE1 . TYR A 1 59  ? 10.637  5.754   -16.506 1.00 31.80 ? 1350 TYR A CE1 1 
ATOM   309  C CE2 . TYR A 1 59  ? 11.420  6.737   -14.473 1.00 32.12 ? 1350 TYR A CE2 1 
ATOM   310  C CZ  . TYR A 1 59  ? 11.446  5.694   -15.386 1.00 32.33 ? 1350 TYR A CZ  1 
ATOM   311  O OH  . TYR A 1 59  ? 12.249  4.599   -15.200 1.00 32.46 ? 1350 TYR A OH  1 
ATOM   312  N N   . PRO A 1 60  ? 8.735   11.782  -18.711 1.00 25.72 ? 1351 PRO A N   1 
ATOM   313  C CA  . PRO A 1 60  ? 8.001   12.981  -19.121 1.00 23.54 ? 1351 PRO A CA  1 
ATOM   314  C C   . PRO A 1 60  ? 6.533   12.720  -19.492 1.00 22.65 ? 1351 PRO A C   1 
ATOM   315  O O   . PRO A 1 60  ? 5.722   13.634  -19.411 1.00 21.51 ? 1351 PRO A O   1 
ATOM   316  C CB  . PRO A 1 60  ? 8.783   13.478  -20.351 1.00 24.84 ? 1351 PRO A CB  1 
ATOM   317  C CG  . PRO A 1 60  ? 9.442   12.232  -20.905 1.00 26.14 ? 1351 PRO A CG  1 
ATOM   318  C CD  . PRO A 1 60  ? 9.772   11.397  -19.684 1.00 26.54 ? 1351 PRO A CD  1 
ATOM   319  N N   . ASP A 1 61  ? 6.224   11.480  -19.874 1.00 19.91 ? 1352 ASP A N   1 
ATOM   320  C CA  . ASP A 1 61  ? 4.852   11.069  -20.263 1.00 19.22 ? 1352 ASP A CA  1 
ATOM   321  C C   . ASP A 1 61  ? 4.076   10.500  -19.061 1.00 17.42 ? 1352 ASP A C   1 
ATOM   322  O O   . ASP A 1 61  ? 2.926   10.062  -19.278 1.00 15.97 ? 1352 ASP A O   1 
ATOM   323  C CB  . ASP A 1 61  ? 4.915   10.030  -21.379 1.00 20.50 ? 1352 ASP A CB  1 
ATOM   324  C CG  . ASP A 1 61  ? 5.629   8.760   -20.957 1.00 21.48 ? 1352 ASP A CG  1 
ATOM   325  O OD1 . ASP A 1 61  ? 6.475   8.844   -20.030 1.00 25.52 ? 1352 ASP A OD1 1 
ATOM   326  O OD2 . ASP A 1 61  ? 5.371   7.702   -21.579 1.00 27.64 ? 1352 ASP A OD2 1 
ATOM   327  N N   . TYR A 1 62  ? 4.625   10.513  -17.839 1.00 16.72 ? 1353 TYR A N   1 
ATOM   328  C CA  . TYR A 1 62  ? 4.013   9.747   -16.710 1.00 16.59 ? 1353 TYR A CA  1 
ATOM   329  C C   . TYR A 1 62  ? 2.554   10.181  -16.493 1.00 17.82 ? 1353 TYR A C   1 
ATOM   330  O O   . TYR A 1 62  ? 1.647   9.308   -16.427 1.00 16.41 ? 1353 TYR A O   1 
ATOM   331  C CB  . TYR A 1 62  ? 4.825   9.879   -15.422 1.00 16.08 ? 1353 TYR A CB  1 
ATOM   332  C CG  . TYR A 1 62  ? 4.387   8.938   -14.326 1.00 15.64 ? 1353 TYR A CG  1 
ATOM   333  C CD1 . TYR A 1 62  ? 4.543   7.581   -14.502 1.00 15.76 ? 1353 TYR A CD1 1 
ATOM   334  C CD2 . TYR A 1 62  ? 3.794   9.375   -13.146 1.00 15.47 ? 1353 TYR A CD2 1 
ATOM   335  C CE1 . TYR A 1 62  ? 4.148   6.670   -13.539 1.00 14.66 ? 1353 TYR A CE1 1 
ATOM   336  C CE2 . TYR A 1 62  ? 3.415   8.475   -12.152 1.00 14.61 ? 1353 TYR A CE2 1 
ATOM   337  C CZ  . TYR A 1 62  ? 3.580   7.117   -12.361 1.00 14.84 ? 1353 TYR A CZ  1 
ATOM   338  O OH  . TYR A 1 62  ? 3.210   6.171   -11.435 1.00 15.10 ? 1353 TYR A OH  1 
ATOM   339  N N   . ARG A 1 63  ? 2.298   11.491  -16.391 1.00 17.48 ? 1354 ARG A N   1 
ATOM   340  C CA  . ARG A 1 63  ? 0.954   12.026  -16.059 1.00 18.52 ? 1354 ARG A CA  1 
ATOM   341  C C   . ARG A 1 63  ? 0.019   11.963  -17.272 1.00 17.38 ? 1354 ARG A C   1 
ATOM   342  O O   . ARG A 1 63  ? -1.190  12.104  -17.050 1.00 16.98 ? 1354 ARG A O   1 
ATOM   343  C CB  . ARG A 1 63  ? 1.039   13.440  -15.475 1.00 20.70 ? 1354 ARG A CB  1 
ATOM   344  C CG  . ARG A 1 63  ? 1.466   13.487  -14.015 1.00 24.11 ? 1354 ARG A CG  1 
ATOM   345  C CD  . ARG A 1 63  ? 0.564   12.708  -13.061 1.00 25.51 ? 1354 ARG A CD  1 
ATOM   346  N NE  . ARG A 1 63  ? -0.848  13.058  -13.171 1.00 29.07 ? 1354 ARG A NE  1 
ATOM   347  C CZ  . ARG A 1 63  ? -1.462  14.039  -12.503 1.00 29.00 ? 1354 ARG A CZ  1 
ATOM   348  N NH1 . ARG A 1 63  ? -0.803  14.809  -11.649 1.00 29.81 ? 1354 ARG A NH1 1 
ATOM   349  N NH2 . ARG A 1 63  ? -2.750  14.250  -12.692 1.00 29.97 ? 1354 ARG A NH2 1 
ATOM   350  N N   . ASP A 1 64  ? 0.519   11.668  -18.478 1.00 17.70 ? 1355 ASP A N   1 
ATOM   351  C CA  . ASP A 1 64  ? -0.340  11.332  -19.650 1.00 19.01 ? 1355 ASP A CA  1 
ATOM   352  C C   . ASP A 1 64  ? -1.059  10.002  -19.378 1.00 18.69 ? 1355 ASP A C   1 
ATOM   353  O O   . ASP A 1 64  ? -2.254  9.880   -19.748 1.00 22.35 ? 1355 ASP A O   1 
ATOM   354  C CB  . ASP A 1 64  ? 0.455   11.259  -20.958 1.00 20.29 ? 1355 ASP A CB  1 
ATOM   355  C CG  . ASP A 1 64  ? 1.283   12.497  -21.261 1.00 21.50 ? 1355 ASP A CG  1 
ATOM   356  O OD1 . ASP A 1 64  ? 1.005   13.566  -20.669 1.00 22.95 ? 1355 ASP A OD1 1 
ATOM   357  O OD2 . ASP A 1 64  ? 2.211   12.385  -22.081 1.00 24.78 ? 1355 ASP A OD2 1 
ATOM   358  N N   . ILE A 1 65  ? -0.375  9.079   -18.686 1.00 16.85 ? 1356 ILE A N   1 
ATOM   359  C CA  . ILE A 1 65  ? -0.787  7.659   -18.512 1.00 15.63 ? 1356 ILE A CA  1 
ATOM   360  C C   . ILE A 1 65  ? -1.475  7.464   -17.155 1.00 15.49 ? 1356 ILE A C   1 
ATOM   361  O O   . ILE A 1 65  ? -2.449  6.663   -17.110 1.00 15.43 ? 1356 ILE A O   1 
ATOM   362  C CB  . ILE A 1 65  ? 0.440   6.745   -18.668 1.00 15.94 ? 1356 ILE A CB  1 
ATOM   363  C CG1 . ILE A 1 65  ? 1.244   7.066   -19.935 1.00 16.57 ? 1356 ILE A CG1 1 
ATOM   364  C CG2 . ILE A 1 65  ? 0.035   5.288   -18.616 1.00 16.18 ? 1356 ILE A CG2 1 
ATOM   365  C CD1 . ILE A 1 65  ? 0.475   6.951   -21.230 1.00 17.66 ? 1356 ILE A CD1 1 
ATOM   366  N N   . ILE A 1 66  ? -1.031  8.189   -16.120 1.00 15.34 ? 1357 ILE A N   1 
ATOM   367  C CA  . ILE A 1 66  ? -1.391  7.944   -14.690 1.00 15.94 ? 1357 ILE A CA  1 
ATOM   368  C C   . ILE A 1 66  ? -2.164  9.148   -14.149 1.00 16.33 ? 1357 ILE A C   1 
ATOM   369  O O   . ILE A 1 66  ? -1.560  10.224  -13.990 1.00 17.31 ? 1357 ILE A O   1 
ATOM   370  C CB  . ILE A 1 66  ? -0.128  7.648   -13.858 1.00 14.50 ? 1357 ILE A CB  1 
ATOM   371  C CG1 . ILE A 1 66  ? 0.576   6.369   -14.323 1.00 15.29 ? 1357 ILE A CG1 1 
ATOM   372  C CG2 . ILE A 1 66  ? -0.447  7.625   -12.362 1.00 14.65 ? 1357 ILE A CG2 1 
ATOM   373  C CD1 . ILE A 1 66  ? -0.291  5.148   -14.329 1.00 15.35 ? 1357 ILE A CD1 1 
ATOM   374  N N   . ASP A 1 67  ? -3.439  8.932   -13.818 1.00 19.07 ? 1358 ASP A N   1 
ATOM   375  C CA  . ASP A 1 67  ? -4.355  9.991   -13.323 1.00 20.94 ? 1358 ASP A CA  1 
ATOM   376  C C   . ASP A 1 67  ? -4.107  10.296  -11.845 1.00 19.83 ? 1358 ASP A C   1 
ATOM   377  O O   . ASP A 1 67  ? -4.388  11.429  -11.425 1.00 19.67 ? 1358 ASP A O   1 
ATOM   378  C CB  . ASP A 1 67  ? -5.823  9.573   -13.436 1.00 23.16 ? 1358 ASP A CB  1 
ATOM   379  C CG  . ASP A 1 67  ? -6.365  9.524   -14.851 1.00 27.02 ? 1358 ASP A CG  1 
ATOM   380  O OD1 . ASP A 1 67  ? -5.789  10.195  -15.727 1.00 27.95 ? 1358 ASP A OD1 1 
ATOM   381  O OD2 . ASP A 1 67  ? -7.359  8.798   -15.062 1.00 30.48 ? 1358 ASP A OD2 1 
ATOM   382  N N   . THR A 1 68  ? -3.712  9.303   -11.039 1.00 19.29 ? 1359 THR A N   1 
ATOM   383  C CA  . THR A 1 68  ? -3.558  9.508   -9.582  1.00 17.98 ? 1359 THR A CA  1 
ATOM   384  C C   . THR A 1 68  ? -2.247  8.887   -9.117  1.00 15.34 ? 1359 THR A C   1 
ATOM   385  O O   . THR A 1 68  ? -2.237  7.690   -8.759  1.00 16.92 ? 1359 THR A O   1 
ATOM   386  C CB  . THR A 1 68  ? -4.709  8.917   -8.765  1.00 18.28 ? 1359 THR A CB  1 
ATOM   387  O OG1 . THR A 1 68  ? -5.941  9.419   -9.320  1.00 21.93 ? 1359 THR A OG1 1 
ATOM   388  C CG2 . THR A 1 68  ? -4.631  9.277   -7.289  1.00 20.27 ? 1359 THR A CG2 1 
ATOM   389  N N   . PRO A 1 69  ? -1.139  9.649   -9.092  1.00 15.61 ? 1360 PRO A N   1 
ATOM   390  C CA  . PRO A 1 69  ? 0.140   9.153   -8.569  1.00 16.64 ? 1360 PRO A CA  1 
ATOM   391  C C   . PRO A 1 69  ? -0.023  8.728   -7.106  1.00 14.31 ? 1360 PRO A C   1 
ATOM   392  O O   . PRO A 1 69  ? -0.811  9.266   -6.353  1.00 15.89 ? 1360 PRO A O   1 
ATOM   393  C CB  . PRO A 1 69  ? 1.092   10.325  -8.723  1.00 17.35 ? 1360 PRO A CB  1 
ATOM   394  C CG  . PRO A 1 69  ? 0.474   11.110  -9.892  1.00 19.74 ? 1360 PRO A CG  1 
ATOM   395  C CD  . PRO A 1 69  ? -1.011  11.059  -9.582  1.00 16.85 ? 1360 PRO A CD  1 
ATOM   396  N N   . MET A 1 70  ? 0.714   7.702   -6.717  1.00 12.78 ? 1361 MET A N   1 
ATOM   397  C CA  . MET A 1 70  ? 0.762   7.273   -5.300  1.00 13.12 ? 1361 MET A CA  1 
ATOM   398  C C   . MET A 1 70  ? 2.122   6.634   -5.013  1.00 13.15 ? 1361 MET A C   1 
ATOM   399  O O   . MET A 1 70  ? 2.710   6.029   -5.910  1.00 13.27 ? 1361 MET A O   1 
ATOM   400  C CB  . MET A 1 70  ? -0.391  6.305   -4.993  1.00 13.57 ? 1361 MET A CB  1 
ATOM   401  C CG  . MET A 1 70  ? -0.552  5.981   -3.532  1.00 13.06 ? 1361 MET A CG  1 
ATOM   402  S SD  . MET A 1 70  ? -0.723  7.375   -2.375  1.00 14.47 ? 1361 MET A SD  1 
ATOM   403  C CE  . MET A 1 70  ? -2.123  8.250   -3.078  1.00 17.08 ? 1361 MET A CE  1 
ATOM   404  N N   . ASP A 1 71  ? 2.573   6.748   -3.782  1.00 12.32 ? 1362 ASP A N   1 
ATOM   405  C CA  . ASP A 1 71  ? 3.882   6.220   -3.348  1.00 12.37 ? 1362 ASP A CA  1 
ATOM   406  C C   . ASP A 1 71  ? 3.817   5.927   -1.863  1.00 12.48 ? 1362 ASP A C   1 
ATOM   407  O O   . ASP A 1 71  ? 2.917   6.379   -1.171  1.00 12.45 ? 1362 ASP A O   1 
ATOM   408  C CB  . ASP A 1 71  ? 5.007   7.211   -3.666  1.00 14.48 ? 1362 ASP A CB  1 
ATOM   409  C CG  . ASP A 1 71  ? 4.804   8.455   -2.840  1.00 17.65 ? 1362 ASP A CG  1 
ATOM   410  O OD1 . ASP A 1 71  ? 4.000   9.311   -3.251  1.00 18.71 ? 1362 ASP A OD1 1 
ATOM   411  O OD2 . ASP A 1 71  ? 5.377   8.483   -1.765  1.00 17.22 ? 1362 ASP A OD2 1 
ATOM   412  N N   . PHE A 1 72  ? 4.789   5.173   -1.330  1.00 12.17 ? 1363 PHE A N   1 
ATOM   413  C CA  . PHE A 1 72  ? 4.731   4.696   0.062   1.00 12.00 ? 1363 PHE A CA  1 
ATOM   414  C C   . PHE A 1 72  ? 4.981   5.845   1.039   1.00 13.59 ? 1363 PHE A C   1 
ATOM   415  O O   . PHE A 1 72  ? 4.465   5.779   2.167   1.00 13.40 ? 1363 PHE A O   1 
ATOM   416  C CB  . PHE A 1 72  ? 5.691   3.531   0.275   1.00 11.92 ? 1363 PHE A CB  1 
ATOM   417  C CG  . PHE A 1 72  ? 5.171   2.218   -0.241  1.00 11.50 ? 1363 PHE A CG  1 
ATOM   418  C CD1 . PHE A 1 72  ? 4.107   1.594   0.363   1.00 12.19 ? 1363 PHE A CD1 1 
ATOM   419  C CD2 . PHE A 1 72  ? 5.695   1.654   -1.378  1.00 12.21 ? 1363 PHE A CD2 1 
ATOM   420  C CE1 . PHE A 1 72  ? 3.628   0.401   -0.102  1.00 13.68 ? 1363 PHE A CE1 1 
ATOM   421  C CE2 . PHE A 1 72  ? 5.201   0.463   -1.865  1.00 12.13 ? 1363 PHE A CE2 1 
ATOM   422  C CZ  . PHE A 1 72  ? 4.142   -0.121  -1.255  1.00 11.77 ? 1363 PHE A CZ  1 
ATOM   423  N N   . ALA A 1 73  ? 5.752   6.878   0.665   1.00 12.50 ? 1364 ALA A N   1 
ATOM   424  C CA  . ALA A 1 73  ? 5.912   8.015   1.595   1.00 14.59 ? 1364 ALA A CA  1 
ATOM   425  C C   . ALA A 1 73  ? 4.585   8.775   1.764   1.00 13.55 ? 1364 ALA A C   1 
ATOM   426  O O   . ALA A 1 73  ? 4.216   9.146   2.921   1.00 14.18 ? 1364 ALA A O   1 
ATOM   427  C CB  . ALA A 1 73  ? 6.991   8.947   1.090   1.00 15.35 ? 1364 ALA A CB  1 
ATOM   428  N N   . THR A 1 74  ? 3.812   8.923   0.699   1.00 13.48 ? 1365 THR A N   1 
ATOM   429  C CA  . THR A 1 74  ? 2.458   9.566   0.775   1.00 13.66 ? 1365 THR A CA  1 
ATOM   430  C C   . THR A 1 74  ? 1.549   8.695   1.645   1.00 11.52 ? 1365 THR A C   1 
ATOM   431  O O   . THR A 1 74  ? 0.877   9.219   2.549   1.00 12.94 ? 1365 THR A O   1 
ATOM   432  C CB  . THR A 1 74  ? 1.863   9.794   -0.595  1.00 14.50 ? 1365 THR A CB  1 
ATOM   433  O OG1 . THR A 1 74  ? 2.763   10.715  -1.270  1.00 17.28 ? 1365 THR A OG1 1 
ATOM   434  C CG2 . THR A 1 74  ? 0.442   10.317  -0.568  1.00 14.68 ? 1365 THR A CG2 1 
ATOM   435  N N   . VAL A 1 75  ? 1.611   7.366   1.505   1.00 11.20 ? 1366 VAL A N   1 
ATOM   436  C CA  . VAL A 1 75  ? 0.781   6.478   2.367   1.00 11.07 ? 1366 VAL A CA  1 
ATOM   437  C C   . VAL A 1 75  ? 1.157   6.651   3.837   1.00 11.24 ? 1366 VAL A C   1 
ATOM   438  O O   . VAL A 1 75  ? 0.257   6.798   4.699   1.00 11.27 ? 1366 VAL A O   1 
ATOM   439  C CB  . VAL A 1 75  ? 0.815   5.009   1.898   1.00 11.95 ? 1366 VAL A CB  1 
ATOM   440  C CG1 . VAL A 1 75  ? 0.094   4.121   2.871   1.00 13.05 ? 1366 VAL A CG1 1 
ATOM   441  C CG2 . VAL A 1 75  ? 0.280   4.849   0.506   1.00 12.22 ? 1366 VAL A CG2 1 
ATOM   442  N N   . ARG A 1 76  ? 2.442   6.604   4.152   1.00 11.31 ? 1367 ARG A N   1 
ATOM   443  C CA  . ARG A 1 76  ? 2.928   6.746   5.550   1.00 13.10 ? 1367 ARG A CA  1 
ATOM   444  C C   . ARG A 1 76  ? 2.507   8.119   6.106   1.00 12.77 ? 1367 ARG A C   1 
ATOM   445  O O   . ARG A 1 76  ? 2.056   8.174   7.284   1.00 13.18 ? 1367 ARG A O   1 
ATOM   446  C CB  . ARG A 1 76  ? 4.460   6.595   5.603   1.00 15.04 ? 1367 ARG A CB  1 
ATOM   447  C CG  . ARG A 1 76  ? 5.067   6.737   6.978   1.00 19.69 ? 1367 ARG A CG  1 
ATOM   448  C CD  . ARG A 1 76  ? 6.565   6.538   6.785   1.00 24.68 ? 1367 ARG A CD  1 
ATOM   449  N NE  . ARG A 1 76  ? 6.989   5.202   7.083   1.00 26.15 ? 1367 ARG A NE  1 
ATOM   450  C CZ  . ARG A 1 76  ? 8.216   4.712   6.852   1.00 29.64 ? 1367 ARG A CZ  1 
ATOM   451  N NH1 . ARG A 1 76  ? 9.115   5.414   6.182   1.00 25.81 ? 1367 ARG A NH1 1 
ATOM   452  N NH2 . ARG A 1 76  ? 8.510   3.501   7.277   1.00 30.79 ? 1367 ARG A NH2 1 
ATOM   453  N N   . GLU A 1 77  ? 2.666   9.186   5.343   1.00 12.82 ? 1368 GLU A N   1 
ATOM   454  C CA  . GLU A 1 77  ? 2.327   10.536  5.836   1.00 14.49 ? 1368 GLU A CA  1 
ATOM   455  C C   . GLU A 1 77  ? 0.811   10.588  6.047   1.00 13.94 ? 1368 GLU A C   1 
ATOM   456  O O   . GLU A 1 77  ? 0.347   11.279  7.009   1.00 13.61 ? 1368 GLU A O   1 
ATOM   457  C CB  . GLU A 1 77  ? 2.788   11.555  4.820   1.00 17.06 ? 1368 GLU A CB  1 
ATOM   458  C CG  . GLU A 1 77  ? 4.283   11.798  4.796   1.00 21.96 ? 1368 GLU A CG  1 
ATOM   459  C CD  . GLU A 1 77  ? 4.883   12.357  3.506   1.00 30.68 ? 1368 GLU A CD  1 
ATOM   460  O OE1 . GLU A 1 77  ? 4.107   12.761  2.574   1.00 36.82 ? 1368 GLU A OE1 1 
ATOM   461  O OE2 . GLU A 1 77  ? 6.157   12.349  3.416   1.00 38.43 ? 1368 GLU A OE2 1 
ATOM   462  N N   . THR A 1 78  ? -0.021  10.034  5.174   1.00 12.55 ? 1369 THR A N   1 
ATOM   463  C CA  . THR A 1 78  ? -1.502  10.057  5.331   1.00 12.07 ? 1369 THR A CA  1 
ATOM   464  C C   . THR A 1 78  ? -1.890  9.309   6.604   1.00 13.55 ? 1369 THR A C   1 
ATOM   465  O O   . THR A 1 78  ? -2.743  9.842   7.420   1.00 13.76 ? 1369 THR A O   1 
ATOM   466  C CB  . THR A 1 78  ? -2.183  9.467   4.089   1.00 12.70 ? 1369 THR A CB  1 
ATOM   467  O OG1 . THR A 1 78  ? -1.794  10.191  2.913   1.00 14.22 ? 1369 THR A OG1 1 
ATOM   468  C CG2 . THR A 1 78  ? -3.677  9.443   4.199   1.00 12.93 ? 1369 THR A CG2 1 
ATOM   469  N N   . LEU A 1 79  ? -1.242  8.156   6.857   1.00 11.64 ? 1370 LEU A N   1 
ATOM   470  C CA  . LEU A 1 79  ? -1.494  7.388   8.095   1.00 12.84 ? 1370 LEU A CA  1 
ATOM   471  C C   . LEU A 1 79  ? -1.126  8.214   9.333   1.00 12.82 ? 1370 LEU A C   1 
ATOM   472  O O   . LEU A 1 79  ? -1.934  8.336   10.326  1.00 12.57 ? 1370 LEU A O   1 
ATOM   473  C CB  . LEU A 1 79  ? -0.731  6.056   7.980   1.00 12.38 ? 1370 LEU A CB  1 
ATOM   474  C CG  . LEU A 1 79  ? -0.974  5.070   9.140   1.00 12.97 ? 1370 LEU A CG  1 
ATOM   475  C CD1 . LEU A 1 79  ? -2.408  4.576   9.135   1.00 12.57 ? 1370 LEU A CD1 1 
ATOM   476  C CD2 . LEU A 1 79  ? -0.006  3.888   8.998   1.00 14.17 ? 1370 LEU A CD2 1 
ATOM   477  N N   . GLU A 1 80  ? 0.089   8.763   9.364   1.00 13.26 ? 1371 GLU A N   1 
ATOM   478  C CA  . GLU A 1 80  ? 0.586   9.537   10.539  1.00 14.48 ? 1371 GLU A CA  1 
ATOM   479  C C   . GLU A 1 80  ? -0.255  10.800  10.758  1.00 14.26 ? 1371 GLU A C   1 
ATOM   480  O O   . GLU A 1 80  ? -0.477  11.186  11.922  1.00 15.50 ? 1371 GLU A O   1 
ATOM   481  C CB  . GLU A 1 80  ? 2.058   9.927   10.401  1.00 15.33 ? 1371 GLU A CB  1 
ATOM   482  C CG  . GLU A 1 80  ? 2.569   10.686  11.617  1.00 17.57 ? 1371 GLU A CG  1 
ATOM   483  C CD  . GLU A 1 80  ? 2.399   9.981   12.953  1.00 20.07 ? 1371 GLU A CD  1 
ATOM   484  O OE1 . GLU A 1 80  ? 1.954   8.801   12.986  1.00 23.40 ? 1371 GLU A OE1 1 
ATOM   485  O OE2 . GLU A 1 80  ? 2.701   10.628  13.976  1.00 24.01 ? 1371 GLU A OE2 1 
ATOM   486  N N   . ALA A 1 81  ? -0.748  11.411  9.697   1.00 13.53 ? 1372 ALA A N   1 
ATOM   487  C CA  . ALA A 1 81  ? -1.619  12.613  9.822   1.00 14.66 ? 1372 ALA A CA  1 
ATOM   488  C C   . ALA A 1 81  ? -2.968  12.260  10.443  1.00 15.20 ? 1372 ALA A C   1 
ATOM   489  O O   . ALA A 1 81  ? -3.751  13.181  10.787  1.00 16.62 ? 1372 ALA A O   1 
ATOM   490  C CB  . ALA A 1 81  ? -1.823  13.216  8.466   1.00 17.17 ? 1372 ALA A CB  1 
ATOM   491  N N   . GLY A 1 82  ? -3.325  10.975  10.598  1.00 14.39 ? 1373 GLY A N   1 
ATOM   492  C CA  . GLY A 1 82  ? -4.679  10.619  11.026  1.00 13.18 ? 1373 GLY A CA  1 
ATOM   493  C C   . GLY A 1 82  ? -5.701  10.854  9.958   1.00 13.40 ? 1373 GLY A C   1 
ATOM   494  O O   . GLY A 1 82  ? -6.864  11.172  10.227  1.00 14.41 ? 1373 GLY A O   1 
ATOM   495  N N   . ASN A 1 83  ? -5.334  10.613  8.691   1.00 12.15 ? 1374 ASN A N   1 
ATOM   496  C CA  . ASN A 1 83  ? -6.240  10.837  7.544   1.00 12.57 ? 1374 ASN A CA  1 
ATOM   497  C C   . ASN A 1 83  ? -6.652  9.520   6.811   1.00 12.80 ? 1374 ASN A C   1 
ATOM   498  O O   . ASN A 1 83  ? -7.303  9.572   5.750   1.00 14.32 ? 1374 ASN A O   1 
ATOM   499  C CB  . ASN A 1 83  ? -5.600  11.828  6.587   1.00 14.04 ? 1374 ASN A CB  1 
ATOM   500  C CG  . ASN A 1 83  ? -5.505  13.263  7.072   1.00 16.21 ? 1374 ASN A CG  1 
ATOM   501  O OD1 . ASN A 1 83  ? -4.963  14.076  6.330   1.00 20.15 ? 1374 ASN A OD1 1 
ATOM   502  N ND2 . ASN A 1 83  ? -6.095  13.639  8.191   1.00 15.45 ? 1374 ASN A ND2 1 
ATOM   503  N N   . TYR A 1 84  ? -6.416  8.373   7.440   1.00 12.47 ? 1375 TYR A N   1 
ATOM   504  C CA  . TYR A 1 84  ? -7.112  7.122   7.074   1.00 12.98 ? 1375 TYR A CA  1 
ATOM   505  C C   . TYR A 1 84  ? -8.086  6.800   8.221   1.00 13.82 ? 1375 TYR A C   1 
ATOM   506  O O   . TYR A 1 84  ? -7.684  6.832   9.383   1.00 14.42 ? 1375 TYR A O   1 
ATOM   507  C CB  . TYR A 1 84  ? -6.150  5.945   6.872   1.00 12.03 ? 1375 TYR A CB  1 
ATOM   508  C CG  . TYR A 1 84  ? -5.278  6.012   5.647   1.00 11.51 ? 1375 TYR A CG  1 
ATOM   509  C CD1 . TYR A 1 84  ? -5.821  6.224   4.397   1.00 11.64 ? 1375 TYR A CD1 1 
ATOM   510  C CD2 . TYR A 1 84  ? -3.902  5.891   5.706   1.00 11.37 ? 1375 TYR A CD2 1 
ATOM   511  C CE1 . TYR A 1 84  ? -5.050  6.248   3.263   1.00 10.90 ? 1375 TYR A CE1 1 
ATOM   512  C CE2 . TYR A 1 84  ? -3.102  5.911   4.582   1.00 12.35 ? 1375 TYR A CE2 1 
ATOM   513  C CZ  . TYR A 1 84  ? -3.684  6.141   3.361   1.00 10.81 ? 1375 TYR A CZ  1 
ATOM   514  O OH  . TYR A 1 84  ? -2.874  6.185   2.250   1.00 13.50 ? 1375 TYR A OH  1 
ATOM   515  N N   . GLU A 1 85  ? -9.308  6.421   7.852   1.00 14.09 ? 1376 GLU A N   1 
ATOM   516  C CA  . GLU A 1 85  ? -10.297 5.971   8.881   1.00 16.31 ? 1376 GLU A CA  1 
ATOM   517  C C   . GLU A 1 85  ? -10.239 4.445   9.078   1.00 15.87 ? 1376 GLU A C   1 
ATOM   518  O O   . GLU A 1 85  ? -10.691 3.972   10.136  1.00 20.89 ? 1376 GLU A O   1 
ATOM   519  C CB  . GLU A 1 85  ? -11.708 6.367   8.469   1.00 19.41 ? 1376 GLU A CB  1 
ATOM   520  C CG  . GLU A 1 85  ? -12.700 6.027   9.565   1.00 25.01 ? 1376 GLU A CG  1 
ATOM   521  C CD  . GLU A 1 85  ? -14.104 6.521   9.298   1.00 29.95 ? 1376 GLU A CD  1 
ATOM   522  O OE1 . GLU A 1 85  ? -14.383 6.889   8.130   1.00 36.67 ? 1376 GLU A OE1 1 
ATOM   523  O OE2 . GLU A 1 85  ? -14.900 6.603   10.303  1.00 36.92 ? 1376 GLU A OE2 1 
ATOM   524  N N   . SER A 1 86  ? -9.692  3.660   8.145   1.00 15.05 ? 1377 SER A N   1 
ATOM   525  C CA  . SER A 1 86  ? -9.685  2.186   8.204   1.00 13.76 ? 1377 SER A CA  1 
ATOM   526  C C   . SER A 1 86  ? -8.491  1.663   7.441   1.00 12.68 ? 1377 SER A C   1 
ATOM   527  O O   . SER A 1 86  ? -7.926  2.346   6.585   1.00 12.90 ? 1377 SER A O   1 
ATOM   528  C CB  . SER A 1 86  ? -10.951 1.627   7.577   1.00 13.56 ? 1377 SER A CB  1 
ATOM   529  O OG  . SER A 1 86  ? -11.002 1.817   6.166   1.00 15.71 ? 1377 SER A OG  1 
ATOM   530  N N   . PRO A 1 87  ? -8.121  0.406   7.706   1.00 13.16 ? 1378 PRO A N   1 
ATOM   531  C CA  . PRO A 1 87  ? -7.067  -0.207  6.900   1.00 13.24 ? 1378 PRO A CA  1 
ATOM   532  C C   . PRO A 1 87  ? -7.513  -0.494  5.461   1.00 11.90 ? 1378 PRO A C   1 
ATOM   533  O O   . PRO A 1 87  ? -6.614  -0.577  4.606   1.00 12.55 ? 1378 PRO A O   1 
ATOM   534  C CB  . PRO A 1 87  ? -6.739  -1.503  7.660   1.00 13.49 ? 1378 PRO A CB  1 
ATOM   535  C CG  . PRO A 1 87  ? -8.026  -1.816  8.450   1.00 13.15 ? 1378 PRO A CG  1 
ATOM   536  C CD  . PRO A 1 87  ? -8.585  -0.444  8.825   1.00 13.04 ? 1378 PRO A CD  1 
ATOM   537  N N   . MET A 1 88  ? -8.823  -0.531  5.188   1.00 11.60 ? 1379 MET A N   1 
ATOM   538  C CA  . MET A 1 88  ? -9.304  -0.700  3.804   1.00 11.85 ? 1379 MET A CA  1 
ATOM   539  C C   . MET A 1 88  ? -8.875  0.516   2.978   1.00 10.61 ? 1379 MET A C   1 
ATOM   540  O O   . MET A 1 88  ? -8.483  0.364   1.803   1.00 11.78 ? 1379 MET A O   1 
ATOM   541  C CB  . MET A 1 88  ? -10.832 -0.923  3.711   1.00 13.79 ? 1379 MET A CB  1 
ATOM   542  C CG  . MET A 1 88  ? -11.283 -2.220  4.382   1.00 14.02 ? 1379 MET A CG  1 
ATOM   543  S SD  . MET A 1 88  ? -11.494 -2.142  6.190   1.00 15.74 ? 1379 MET A SD  1 
ATOM   544  C CE  . MET A 1 88  ? -13.073 -1.312  6.256   1.00 17.78 ? 1379 MET A CE  1 
ATOM   545  N N   . GLU A 1 89  ? -8.926  1.732   3.545   1.00 11.83 ? 1380 GLU A N   1 
ATOM   546  C CA  . GLU A 1 89  ? -8.564  2.916   2.769   1.00 12.36 ? 1380 GLU A CA  1 
ATOM   547  C C   . GLU A 1 89  ? -7.050  2.901   2.487   1.00 11.94 ? 1380 GLU A C   1 
ATOM   548  O O   . GLU A 1 89  ? -6.593  3.250   1.365   1.00 12.16 ? 1380 GLU A O   1 
ATOM   549  C CB  . GLU A 1 89  ? -8.891  4.175   3.580   1.00 14.19 ? 1380 GLU A CB  1 
ATOM   550  C CG  . GLU A 1 89  ? -10.371 4.452   3.715   1.00 15.20 ? 1380 GLU A CG  1 
ATOM   551  C CD  . GLU A 1 89  ? -10.671 5.694   4.506   1.00 18.05 ? 1380 GLU A CD  1 
ATOM   552  O OE1 . GLU A 1 89  ? -9.787  6.226   5.094   1.00 17.07 ? 1380 GLU A OE1 1 
ATOM   553  O OE2 . GLU A 1 89  ? -11.866 6.090   4.477   1.00 21.87 ? 1380 GLU A OE2 1 
ATOM   554  N N   . LEU A 1 90  ? -6.249  2.518   3.474   1.00 11.86 ? 1381 LEU A N   1 
ATOM   555  C CA  . LEU A 1 90  ? -4.781  2.406   3.282   1.00 12.53 ? 1381 LEU A CA  1 
ATOM   556  C C   . LEU A 1 90  ? -4.494  1.371   2.178   1.00 12.37 ? 1381 LEU A C   1 
ATOM   557  O O   . LEU A 1 90  ? -3.608  1.590   1.291   1.00 11.67 ? 1381 LEU A O   1 
ATOM   558  C CB  . LEU A 1 90  ? -4.062  2.031   4.611   1.00 12.26 ? 1381 LEU A CB  1 
ATOM   559  C CG  . LEU A 1 90  ? -2.528  1.873   4.536   1.00 12.80 ? 1381 LEU A CG  1 
ATOM   560  C CD1 . LEU A 1 90  ? -1.823  2.333   5.811   1.00 13.30 ? 1381 LEU A CD1 1 
ATOM   561  C CD2 . LEU A 1 90  ? -2.186  0.393   4.215   1.00 12.66 ? 1381 LEU A CD2 1 
ATOM   562  N N   A CYS A 1 91  ? -5.189  0.238   2.245   0.26 11.82 ? 1382 CYS A N   1 
ATOM   563  N N   B CYS A 1 91  ? -5.180  0.228   2.218   0.24 12.91 ? 1382 CYS A N   1 
ATOM   564  C CA  A CYS A 1 91  ? -5.015  -0.882  1.296   0.26 11.70 ? 1382 CYS A CA  1 
ATOM   565  C CA  B CYS A 1 91  ? -4.988  -0.853  1.223   0.24 13.52 ? 1382 CYS A CA  1 
ATOM   566  C C   A CYS A 1 91  ? -5.355  -0.410  -0.136  0.26 12.06 ? 1382 CYS A C   1 
ATOM   567  C C   B CYS A 1 91  ? -5.319  -0.356  -0.183  0.24 13.10 ? 1382 CYS A C   1 
ATOM   568  O O   A CYS A 1 91  ? -4.636  -0.832  -1.083  0.26 12.17 ? 1382 CYS A O   1 
ATOM   569  O O   B CYS A 1 91  ? -4.607  -0.742  -1.151  0.24 13.01 ? 1382 CYS A O   1 
ATOM   570  C CB  A CYS A 1 91  ? -5.849  -2.079  1.741   0.26 11.72 ? 1382 CYS A CB  1 
ATOM   571  C CB  B CYS A 1 91  ? -5.864  -2.052  1.530   0.24 14.78 ? 1382 CYS A CB  1 
ATOM   572  S SG  A CYS A 1 91  ? -5.392  -3.617  0.909   0.26 11.09 ? 1382 CYS A SG  1 
ATOM   573  S SG  B CYS A 1 91  ? -5.186  -2.976  2.917   0.24 17.14 ? 1382 CYS A SG  1 
ATOM   574  N N   . LYS A 1 92  ? -6.377  0.439   -0.311  1.00 12.90 ? 1383 LYS A N   1 
ATOM   575  C CA  . LYS A 1 92  ? -6.746  0.973   -1.622  1.00 13.15 ? 1383 LYS A CA  1 
ATOM   576  C C   . LYS A 1 92  ? -5.588  1.812   -2.168  1.00 12.59 ? 1383 LYS A C   1 
ATOM   577  O O   . LYS A 1 92  ? -5.221  1.705   -3.342  1.00 13.40 ? 1383 LYS A O   1 
ATOM   578  C CB  . LYS A 1 92  ? -8.034  1.791   -1.490  1.00 15.21 ? 1383 LYS A CB  1 
ATOM   579  C CG  . LYS A 1 92  ? -8.557  2.333   -2.806  1.00 17.88 ? 1383 LYS A CG  1 
ATOM   580  C CD  . LYS A 1 92  ? -9.955  2.875   -2.702  1.00 21.53 ? 1383 LYS A CD  1 
ATOM   581  C CE  . LYS A 1 92  ? -10.359 3.661   -3.931  1.00 28.20 ? 1383 LYS A CE  1 
ATOM   582  N NZ  . LYS A 1 92  ? -11.689 4.323   -3.767  1.00 33.72 ? 1383 LYS A NZ  1 
ATOM   583  N N   . ASP A 1 93  ? -5.000  2.684   -1.357  1.00 11.85 ? 1384 ASP A N   1 
ATOM   584  C CA  . ASP A 1 93  ? -3.864  3.518   -1.839  1.00 12.25 ? 1384 ASP A CA  1 
ATOM   585  C C   . ASP A 1 93  ? -2.629  2.638   -2.164  1.00 11.05 ? 1384 ASP A C   1 
ATOM   586  O O   . ASP A 1 93  ? -1.938  2.879   -3.173  1.00 11.16 ? 1384 ASP A O   1 
ATOM   587  C CB  . ASP A 1 93  ? -3.514  4.623   -0.852  1.00 13.06 ? 1384 ASP A CB  1 
ATOM   588  C CG  . ASP A 1 93  ? -4.443  5.818   -0.861  1.00 16.90 ? 1384 ASP A CG  1 
ATOM   589  O OD1 . ASP A 1 93  ? -5.322  5.889   -1.774  1.00 19.75 ? 1384 ASP A OD1 1 
ATOM   590  O OD2 . ASP A 1 93  ? -4.269  6.676   0.050   1.00 15.37 ? 1384 ASP A OD2 1 
ATOM   591  N N   . VAL A 1 94  ? -2.323  1.614   -1.344  1.00 11.30 ? 1385 VAL A N   1 
ATOM   592  C CA  . VAL A 1 94  ? -1.133  0.757   -1.658  1.00 11.54 ? 1385 VAL A CA  1 
ATOM   593  C C   . VAL A 1 94  ? -1.397  0.012   -2.977  1.00 11.16 ? 1385 VAL A C   1 
ATOM   594  O O   . VAL A 1 94  ? -0.545  -0.073  -3.841  1.00 11.07 ? 1385 VAL A O   1 
ATOM   595  C CB  . VAL A 1 94  ? -0.779  -0.204  -0.506  1.00 12.09 ? 1385 VAL A CB  1 
ATOM   596  C CG1 . VAL A 1 94  ? 0.206   -1.265  -0.952  1.00 12.40 ? 1385 VAL A CG1 1 
ATOM   597  C CG2 . VAL A 1 94  ? -0.306  0.561   0.729   1.00 11.56 ? 1385 VAL A CG2 1 
ATOM   598  N N   . ARG A 1 95  ? -2.629  -0.487  -3.153  1.00 10.78 ? 1386 ARG A N   1 
ATOM   599  C CA  . ARG A 1 95  ? -2.961  -1.211  -4.400  1.00 11.19 ? 1386 ARG A CA  1 
ATOM   600  C C   . ARG A 1 95  ? -2.851  -0.259  -5.600  1.00 10.95 ? 1386 ARG A C   1 
ATOM   601  O O   . ARG A 1 95  ? -2.479  -0.693  -6.692  1.00 12.17 ? 1386 ARG A O   1 
ATOM   602  C CB  . ARG A 1 95  ? -4.338  -1.887  -4.277  1.00 11.95 ? 1386 ARG A CB  1 
ATOM   603  C CG  . ARG A 1 95  ? -4.253  -3.107  -3.373  1.00 12.71 ? 1386 ARG A CG  1 
ATOM   604  C CD  . ARG A 1 95  ? -5.614  -3.625  -3.008  1.00 15.45 ? 1386 ARG A CD  1 
ATOM   605  N NE  . ARG A 1 95  ? -5.530  -4.837  -2.223  1.00 16.35 ? 1386 ARG A NE  1 
ATOM   606  C CZ  . ARG A 1 95  ? -6.599  -5.495  -1.750  1.00 21.25 ? 1386 ARG A CZ  1 
ATOM   607  N NH1 . ARG A 1 95  ? -7.811  -4.946  -1.795  1.00 21.97 ? 1386 ARG A NH1 1 
ATOM   608  N NH2 . ARG A 1 95  ? -6.401  -6.647  -1.102  1.00 24.24 ? 1386 ARG A NH2 1 
ATOM   609  N N   . LEU A 1 96  ? -3.113  1.046   -5.433  1.00 11.21 ? 1387 LEU A N   1 
ATOM   610  C CA  . LEU A 1 96  ? -2.960  2.073   -6.501  1.00 12.21 ? 1387 LEU A CA  1 
ATOM   611  C C   . LEU A 1 96  ? -1.474  2.203   -6.887  1.00 11.47 ? 1387 LEU A C   1 
ATOM   612  O O   . LEU A 1 96  ? -1.126  2.354   -8.078  1.00 11.79 ? 1387 LEU A O   1 
ATOM   613  C CB  . LEU A 1 96  ? -3.514  3.409   -6.017  1.00 13.55 ? 1387 LEU A CB  1 
ATOM   614  C CG  . LEU A 1 96  ? -3.469  4.565   -6.993  1.00 15.25 ? 1387 LEU A CG  1 
ATOM   615  C CD1 . LEU A 1 96  ? -4.229  4.234   -8.247  1.00 16.31 ? 1387 LEU A CD1 1 
ATOM   616  C CD2 . LEU A 1 96  ? -4.056  5.791   -6.328  1.00 14.50 ? 1387 LEU A CD2 1 
ATOM   617  N N   . ILE A 1 97  ? -0.531  2.094   -5.943  1.00 11.73 ? 1388 ILE A N   1 
ATOM   618  C CA  . ILE A 1 97  ? 0.915   2.113   -6.299  1.00 11.39 ? 1388 ILE A CA  1 
ATOM   619  C C   . ILE A 1 97  ? 1.136   1.016   -7.343  1.00 11.43 ? 1388 ILE A C   1 
ATOM   620  O O   . ILE A 1 97  ? 1.837   1.219   -8.349  1.00 12.25 ? 1388 ILE A O   1 
ATOM   621  C CB  . ILE A 1 97  ? 1.801   1.920   -5.039  1.00 11.40 ? 1388 ILE A CB  1 
ATOM   622  C CG1 . ILE A 1 97  ? 1.620   3.077   -4.036  1.00 11.18 ? 1388 ILE A CG1 1 
ATOM   623  C CG2 . ILE A 1 97  ? 3.265   1.782   -5.407  1.00 12.75 ? 1388 ILE A CG2 1 
ATOM   624  C CD1 . ILE A 1 97  ? 2.261   2.897   -2.662  1.00 10.99 ? 1388 ILE A CD1 1 
ATOM   625  N N   . PHE A 1 98  ? 0.601   -0.161  -7.070  1.00 10.83 ? 1389 PHE A N   1 
ATOM   626  C CA  . PHE A 1 98  ? 0.935   -1.356  -7.900  1.00 11.36 ? 1389 PHE A CA  1 
ATOM   627  C C   . PHE A 1 98  ? 0.179   -1.270  -9.217  1.00 11.10 ? 1389 PHE A C   1 
ATOM   628  O O   . PHE A 1 98  ? 0.778   -1.608  -10.268 1.00 11.99 ? 1389 PHE A O   1 
ATOM   629  C CB  . PHE A 1 98  ? 0.640   -2.651  -7.154  1.00 12.43 ? 1389 PHE A CB  1 
ATOM   630  C CG  . PHE A 1 98  ? 1.416   -2.790  -5.878  1.00 12.52 ? 1389 PHE A CG  1 
ATOM   631  C CD1 . PHE A 1 98  ? 2.766   -2.558  -5.892  1.00 13.62 ? 1389 PHE A CD1 1 
ATOM   632  C CD2 . PHE A 1 98  ? 0.826   -3.182  -4.683  1.00 12.85 ? 1389 PHE A CD2 1 
ATOM   633  C CE1 . PHE A 1 98  ? 3.542   -2.679  -4.727  1.00 16.05 ? 1389 PHE A CE1 1 
ATOM   634  C CE2 . PHE A 1 98  ? 1.611   -3.262  -3.516  1.00 13.57 ? 1389 PHE A CE2 1 
ATOM   635  C CZ  . PHE A 1 98  ? 2.946   -3.063  -3.584  1.00 14.95 ? 1389 PHE A CZ  1 
ATOM   636  N N   . SER A 1 99  ? -1.085  -0.819  -9.231  1.00 11.31 ? 1390 SER A N   1 
ATOM   637  C CA  . SER A 1 99  ? -1.819  -0.675  -10.525 1.00 11.16 ? 1390 SER A CA  1 
ATOM   638  C C   . SER A 1 99  ? -1.172  0.405   -11.368 1.00 12.52 ? 1390 SER A C   1 
ATOM   639  O O   . SER A 1 99  ? -1.134  0.261   -12.623 1.00 12.78 ? 1390 SER A O   1 
ATOM   640  C CB  . SER A 1 99  ? -3.287  -0.481  -10.296 1.00 12.49 ? 1390 SER A CB  1 
ATOM   641  O OG  . SER A 1 99  ? -3.567  0.691   -9.614  1.00 14.82 ? 1390 SER A OG  1 
ATOM   642  N N   . ASN A 1 100 ? -0.652  1.480   -10.788 1.00 12.18 ? 1391 ASN A N   1 
ATOM   643  C CA  . ASN A 1 100 ? 0.061   2.524   -11.555 1.00 12.48 ? 1391 ASN A CA  1 
ATOM   644  C C   . ASN A 1 100 ? 1.292   1.917   -12.214 1.00 13.19 ? 1391 ASN A C   1 
ATOM   645  O O   . ASN A 1 100 ? 1.554   2.178   -13.418 1.00 12.76 ? 1391 ASN A O   1 
ATOM   646  C CB  . ASN A 1 100 ? 0.425   3.723   -10.708 1.00 12.87 ? 1391 ASN A CB  1 
ATOM   647  C CG  . ASN A 1 100 ? -0.740  4.600   -10.311 1.00 12.97 ? 1391 ASN A CG  1 
ATOM   648  O OD1 . ASN A 1 100 ? -1.835  4.500   -10.874 1.00 12.35 ? 1391 ASN A OD1 1 
ATOM   649  N ND2 . ASN A 1 100 ? -0.505  5.518   -9.413  1.00 13.98 ? 1391 ASN A ND2 1 
ATOM   650  N N   . SER A 1 101 ? 2.068   1.116   -11.499 1.00 11.85 ? 1392 SER A N   1 
ATOM   651  C CA  . SER A 1 101 ? 3.267   0.492   -12.105 1.00 12.42 ? 1392 SER A CA  1 
ATOM   652  C C   . SER A 1 101 ? 2.848   -0.418  -13.274 1.00 12.30 ? 1392 SER A C   1 
ATOM   653  O O   . SER A 1 101 ? 3.496   -0.424  -14.359 1.00 13.82 ? 1392 SER A O   1 
ATOM   654  C CB  . SER A 1 101 ? 4.048   -0.227  -11.041 1.00 12.57 ? 1392 SER A CB  1 
ATOM   655  O OG  . SER A 1 101 ? 5.202   -0.843  -11.610 1.00 14.40 ? 1392 SER A OG  1 
ATOM   656  N N   . LYS A 1 102 ? 1.822   -1.234  -13.138 1.00 13.29 ? 1393 LYS A N   1 
ATOM   657  C CA  . LYS A 1 102 ? 1.324   -2.117  -14.224 1.00 14.17 ? 1393 LYS A CA  1 
ATOM   658  C C   . LYS A 1 102 ? 0.836   -1.297  -15.433 1.00 15.39 ? 1393 LYS A C   1 
ATOM   659  O O   . LYS A 1 102 ? 1.059   -1.714  -16.599 1.00 16.26 ? 1393 LYS A O   1 
ATOM   660  C CB  . LYS A 1 102 ? 0.201   -2.995  -13.690 1.00 14.83 ? 1393 LYS A CB  1 
ATOM   661  C CG  . LYS A 1 102 ? -0.299  -4.068  -14.652 1.00 16.51 ? 1393 LYS A CG  1 
ATOM   662  C CD  . LYS A 1 102 ? -1.245  -5.025  -14.043 1.00 16.99 ? 1393 LYS A CD  1 
ATOM   663  C CE  . LYS A 1 102 ? -1.595  -6.211  -14.937 1.00 18.39 ? 1393 LYS A CE  1 
ATOM   664  N NZ  . LYS A 1 102 ? -2.478  -7.145  -14.207 1.00 21.86 ? 1393 LYS A NZ  1 
ATOM   665  N N   . ALA A 1 103 ? 0.219   -0.140  -15.197 1.00 14.74 ? 1394 ALA A N   1 
ATOM   666  C CA  . ALA A 1 103 ? -0.314  0.711   -16.287 1.00 15.11 ? 1394 ALA A CA  1 
ATOM   667  C C   . ALA A 1 103 ? 0.826   1.455   -16.986 1.00 15.35 ? 1394 ALA A C   1 
ATOM   668  O O   . ALA A 1 103 ? 0.705   1.771   -18.204 1.00 15.02 ? 1394 ALA A O   1 
ATOM   669  C CB  . ALA A 1 103 ? -1.335  1.664   -15.722 1.00 13.98 ? 1394 ALA A CB  1 
ATOM   670  N N   . TYR A 1 104 ? 1.905   1.769   -16.287 1.00 14.21 ? 1395 TYR A N   1 
ATOM   671  C CA  . TYR A 1 104 ? 3.027   2.522   -16.899 1.00 14.07 ? 1395 TYR A CA  1 
ATOM   672  C C   . TYR A 1 104 ? 3.996   1.571   -17.614 1.00 13.72 ? 1395 TYR A C   1 
ATOM   673  O O   . TYR A 1 104 ? 4.675   2.046   -18.520 1.00 11.74 ? 1395 TYR A O   1 
ATOM   674  C CB  . TYR A 1 104 ? 3.743   3.428   -15.902 1.00 14.58 ? 1395 TYR A CB  1 
ATOM   675  C CG  . TYR A 1 104 ? 4.705   4.359   -16.591 1.00 15.30 ? 1395 TYR A CG  1 
ATOM   676  C CD1 . TYR A 1 104 ? 4.256   5.374   -17.419 1.00 15.23 ? 1395 TYR A CD1 1 
ATOM   677  C CD2 . TYR A 1 104 ? 6.070   4.180   -16.469 1.00 17.24 ? 1395 TYR A CD2 1 
ATOM   678  C CE1 . TYR A 1 104 ? 5.141   6.189   -18.107 1.00 15.27 ? 1395 TYR A CE1 1 
ATOM   679  C CE2 . TYR A 1 104 ? 6.968   5.004   -17.123 1.00 16.82 ? 1395 TYR A CE2 1 
ATOM   680  C CZ  . TYR A 1 104 ? 6.498   6.022   -17.936 1.00 17.02 ? 1395 TYR A CZ  1 
ATOM   681  O OH  . TYR A 1 104 ? 7.350   6.839   -18.607 1.00 16.83 ? 1395 TYR A OH  1 
ATOM   682  N N   . THR A 1 105 ? 4.088   0.288   -17.256 1.00 14.51 ? 1396 THR A N   1 
ATOM   683  C CA  . THR A 1 105 ? 5.191   -0.577  -17.745 1.00 15.28 ? 1396 THR A CA  1 
ATOM   684  C C   . THR A 1 105 ? 5.046   -0.815  -19.253 1.00 16.24 ? 1396 THR A C   1 
ATOM   685  O O   . THR A 1 105 ? 3.962   -1.148  -19.745 1.00 14.87 ? 1396 THR A O   1 
ATOM   686  C CB  . THR A 1 105 ? 5.289   -1.894  -16.960 1.00 15.34 ? 1396 THR A CB  1 
ATOM   687  O OG1 . THR A 1 105 ? 6.518   -2.529  -17.327 1.00 14.74 ? 1396 THR A OG1 1 
ATOM   688  C CG2 . THR A 1 105 ? 4.150   -2.849  -17.227 1.00 16.06 ? 1396 THR A CG2 1 
ATOM   689  N N   . PRO A 1 106 ? 6.146   -0.678  -20.037 1.00 17.69 ? 1397 PRO A N   1 
ATOM   690  C CA  . PRO A 1 106 ? 6.081   -0.933  -21.479 1.00 18.02 ? 1397 PRO A CA  1 
ATOM   691  C C   . PRO A 1 106 ? 6.031   -2.440  -21.717 1.00 19.69 ? 1397 PRO A C   1 
ATOM   692  O O   . PRO A 1 106 ? 5.657   -2.864  -22.802 1.00 19.14 ? 1397 PRO A O   1 
ATOM   693  C CB  . PRO A 1 106 ? 7.396   -0.346  -22.016 1.00 19.79 ? 1397 PRO A CB  1 
ATOM   694  C CG  . PRO A 1 106 ? 8.344   -0.458  -20.844 1.00 19.61 ? 1397 PRO A CG  1 
ATOM   695  C CD  . PRO A 1 106 ? 7.491   -0.278  -19.604 1.00 18.77 ? 1397 PRO A CD  1 
ATOM   696  N N   . SER A 1 107 ? 6.471   -3.203  -20.712 1.00 17.48 ? 1398 SER A N   1 
ATOM   697  C CA  . SER A 1 107 ? 6.626   -4.666  -20.796 1.00 19.04 ? 1398 SER A CA  1 
ATOM   698  C C   . SER A 1 107 ? 6.349   -5.322  -19.447 1.00 18.57 ? 1398 SER A C   1 
ATOM   699  O O   . SER A 1 107 ? 6.692   -4.762  -18.353 1.00 18.45 ? 1398 SER A O   1 
ATOM   700  C CB  . SER A 1 107 ? 8.063   -4.964  -21.163 1.00 22.18 ? 1398 SER A CB  1 
ATOM   701  O OG  . SER A 1 107 ? 8.295   -6.342  -21.013 1.00 25.25 ? 1398 SER A OG  1 
ATOM   702  N N   . LYS A 1 108 ? 5.859   -6.564  -19.502 1.00 21.36 ? 1399 LYS A N   1 
ATOM   703  C CA  . LYS A 1 108 ? 5.699   -7.436  -18.309 1.00 22.30 ? 1399 LYS A CA  1 
ATOM   704  C C   . LYS A 1 108 ? 7.075   -7.829  -17.757 1.00 24.18 ? 1399 LYS A C   1 
ATOM   705  O O   . LYS A 1 108 ? 7.126   -8.210  -16.579 1.00 22.24 ? 1399 LYS A O   1 
ATOM   706  C CB  . LYS A 1 108 ? 4.870   -8.683  -18.643 1.00 26.71 ? 1399 LYS A CB  1 
ATOM   707  C CG  . LYS A 1 108 ? 3.405   -8.412  -18.968 1.00 29.69 ? 1399 LYS A CG  1 
ATOM   708  C CD  . LYS A 1 108 ? 2.434   -9.295  -18.206 1.00 33.84 ? 1399 LYS A CD  1 
ATOM   709  C CE  . LYS A 1 108 ? 0.977   -9.006  -18.498 1.00 34.68 ? 1399 LYS A CE  1 
ATOM   710  N NZ  . LYS A 1 108 ? 0.526   -7.734  -17.883 1.00 36.18 ? 1399 LYS A NZ  1 
ATOM   711  N N   . ARG A 1 109 ? 8.142   -7.712  -18.557 1.00 22.57 ? 1400 ARG A N   1 
ATOM   712  C CA  . ARG A 1 109 ? 9.506   -8.212  -18.221 1.00 25.53 ? 1400 ARG A CA  1 
ATOM   713  C C   . ARG A 1 109 ? 10.372  -7.051  -17.707 1.00 23.27 ? 1400 ARG A C   1 
ATOM   714  O O   . ARG A 1 109 ? 11.587  -7.230  -17.576 1.00 25.23 ? 1400 ARG A O   1 
ATOM   715  C CB  . ARG A 1 109 ? 10.125  -8.892  -19.449 1.00 28.48 ? 1400 ARG A CB  1 
ATOM   716  C CG  . ARG A 1 109 ? 9.234   -9.955  -20.079 1.00 31.25 ? 1400 ARG A CG  1 
ATOM   717  C CD  . ARG A 1 109 ? 9.819   -10.543 -21.351 1.00 33.13 ? 1400 ARG A CD  1 
ATOM   718  N NE  . ARG A 1 109 ? 10.863  -11.512 -21.046 1.00 35.13 ? 1400 ARG A NE  1 
ATOM   719  C CZ  . ARG A 1 109 ? 12.171  -11.257 -20.974 1.00 36.91 ? 1400 ARG A CZ  1 
ATOM   720  N NH1 . ARG A 1 109 ? 12.644  -10.037 -21.178 1.00 37.76 ? 1400 ARG A NH1 1 
ATOM   721  N NH2 . ARG A 1 109 ? 13.009  -12.239 -20.682 1.00 38.06 ? 1400 ARG A NH2 1 
ATOM   722  N N   . SER A 1 110 ? 9.770   -5.903  -17.389 1.00 20.47 ? 1401 SER A N   1 
ATOM   723  C CA  . SER A 1 110 ? 10.512  -4.703  -16.938 1.00 20.13 ? 1401 SER A CA  1 
ATOM   724  C C   . SER A 1 110 ? 10.980  -4.879  -15.489 1.00 17.86 ? 1401 SER A C   1 
ATOM   725  O O   . SER A 1 110 ? 10.319  -5.576  -14.699 1.00 16.64 ? 1401 SER A O   1 
ATOM   726  C CB  . SER A 1 110 ? 9.720   -3.454  -17.127 1.00 20.82 ? 1401 SER A CB  1 
ATOM   727  O OG  . SER A 1 110 ? 9.004   -3.105  -15.957 1.00 24.26 ? 1401 SER A OG  1 
ATOM   728  N N   . ARG A 1 111 ? 12.139  -4.313  -15.172 1.00 16.31 ? 1402 ARG A N   1 
ATOM   729  C CA  . ARG A 1 111 ? 12.731  -4.345  -13.815 1.00 16.16 ? 1402 ARG A CA  1 
ATOM   730  C C   . ARG A 1 111 ? 11.739  -3.764  -12.803 1.00 15.77 ? 1402 ARG A C   1 
ATOM   731  O O   . ARG A 1 111 ? 11.443  -4.430  -11.798 1.00 14.10 ? 1402 ARG A O   1 
ATOM   732  C CB  . ARG A 1 111 ? 14.032  -3.532  -13.803 1.00 16.87 ? 1402 ARG A CB  1 
ATOM   733  C CG  . ARG A 1 111 ? 14.681  -3.419  -12.433 1.00 17.39 ? 1402 ARG A CG  1 
ATOM   734  C CD  . ARG A 1 111 ? 15.380  -4.707  -12.044 1.00 18.38 ? 1402 ARG A CD  1 
ATOM   735  N NE  . ARG A 1 111 ? 15.685  -4.783  -10.621 1.00 20.94 ? 1402 ARG A NE  1 
ATOM   736  C CZ  . ARG A 1 111 ? 16.802  -4.359  -10.025 1.00 20.05 ? 1402 ARG A CZ  1 
ATOM   737  N NH1 . ARG A 1 111 ? 17.793  -3.810  -10.705 1.00 21.38 ? 1402 ARG A NH1 1 
ATOM   738  N NH2 . ARG A 1 111 ? 16.936  -4.501  -8.716  1.00 21.20 ? 1402 ARG A NH2 1 
ATOM   739  N N   . ILE A 1 112 ? 11.297  -2.539  -13.021 1.00 14.68 ? 1403 ILE A N   1 
ATOM   740  C CA  . ILE A 1 112 ? 10.466  -1.853  -11.981 1.00 14.84 ? 1403 ILE A CA  1 
ATOM   741  C C   . ILE A 1 112 ? 9.145   -2.577  -11.809 1.00 16.10 ? 1403 ILE A C   1 
ATOM   742  O O   . ILE A 1 112 ? 8.712   -2.845  -10.672 1.00 13.99 ? 1403 ILE A O   1 
ATOM   743  C CB  . ILE A 1 112 ? 10.329  -0.359  -12.278 1.00 14.92 ? 1403 ILE A CB  1 
ATOM   744  C CG1 . ILE A 1 112 ? 11.699  0.311   -12.130 1.00 16.93 ? 1403 ILE A CG1 1 
ATOM   745  C CG2 . ILE A 1 112 ? 9.298   0.290   -11.349 1.00 15.60 ? 1403 ILE A CG2 1 
ATOM   746  C CD1 . ILE A 1 112 ? 11.757  1.755   -12.587 1.00 19.51 ? 1403 ILE A CD1 1 
ATOM   747  N N   . TYR A 1 113 ? 8.470   -2.981  -12.875 1.00 14.07 ? 1404 TYR A N   1 
ATOM   748  C CA  . TYR A 1 113 ? 7.218   -3.754  -12.769 1.00 13.60 ? 1404 TYR A CA  1 
ATOM   749  C C   . TYR A 1 113 ? 7.455   -5.080  -12.047 1.00 14.57 ? 1404 TYR A C   1 
ATOM   750  O O   . TYR A 1 113 ? 6.649   -5.451  -11.199 1.00 14.81 ? 1404 TYR A O   1 
ATOM   751  C CB  . TYR A 1 113 ? 6.572   -3.943  -14.142 1.00 15.17 ? 1404 TYR A CB  1 
ATOM   752  C CG  . TYR A 1 113 ? 5.309   -4.771  -14.104 1.00 13.08 ? 1404 TYR A CG  1 
ATOM   753  C CD1 . TYR A 1 113 ? 4.192   -4.346  -13.393 1.00 15.97 ? 1404 TYR A CD1 1 
ATOM   754  C CD2 . TYR A 1 113 ? 5.233   -5.999  -14.771 1.00 14.52 ? 1404 TYR A CD2 1 
ATOM   755  C CE1 . TYR A 1 113 ? 3.032   -5.119  -13.363 1.00 16.43 ? 1404 TYR A CE1 1 
ATOM   756  C CE2 . TYR A 1 113 ? 4.086   -6.758  -14.761 1.00 17.56 ? 1404 TYR A CE2 1 
ATOM   757  C CZ  . TYR A 1 113 ? 2.983   -6.328  -14.052 1.00 16.56 ? 1404 TYR A CZ  1 
ATOM   758  O OH  . TYR A 1 113 ? 1.878   -7.171  -14.087 1.00 19.27 ? 1404 TYR A OH  1 
ATOM   759  N N   A SER A 1 114 ? 8.533   -5.809  -12.377 0.31 14.90 ? 1405 SER A N   1 
ATOM   760  N N   B SER A 1 114 ? 8.531   -5.796  -12.388 0.31 15.18 ? 1405 SER A N   1 
ATOM   761  C CA  A SER A 1 114 ? 8.862   -7.101  -11.719 0.31 15.90 ? 1405 SER A CA  1 
ATOM   762  C CA  B SER A 1 114 ? 8.902   -7.075  -11.734 0.31 16.36 ? 1405 SER A CA  1 
ATOM   763  C C   A SER A 1 114 ? 9.022   -6.875  -10.200 0.31 15.15 ? 1405 SER A C   1 
ATOM   764  C C   B SER A 1 114 ? 9.021   -6.867  -10.212 0.31 15.41 ? 1405 SER A C   1 
ATOM   765  O O   A SER A 1 114 ? 8.545   -7.704  -9.383  0.31 14.13 ? 1405 SER A O   1 
ATOM   766  O O   B SER A 1 114 ? 8.519   -7.698  -9.414  0.31 14.52 ? 1405 SER A O   1 
ATOM   767  C CB  A SER A 1 114 ? 10.075  -7.784  -12.338 0.31 17.21 ? 1405 SER A CB  1 
ATOM   768  C CB  B SER A 1 114 ? 10.157  -7.643  -12.346 0.31 18.10 ? 1405 SER A CB  1 
ATOM   769  O OG  A SER A 1 114 ? 11.281  -7.144  -11.962 0.31 17.30 ? 1405 SER A OG  1 
ATOM   770  O OG  B SER A 1 114 ? 9.902   -7.993  -13.699 0.31 19.37 ? 1405 SER A OG  1 
ATOM   771  N N   . MET A 1 115 ? 9.681   -5.794  -9.800  1.00 14.42 ? 1406 MET A N   1 
ATOM   772  C CA  . MET A 1 115 ? 9.845   -5.442  -8.366  1.00 14.60 ? 1406 MET A CA  1 
ATOM   773  C C   . MET A 1 115 ? 8.453   -5.211  -7.766  1.00 13.49 ? 1406 MET A C   1 
ATOM   774  O O   . MET A 1 115 ? 8.164   -5.667  -6.619  1.00 13.70 ? 1406 MET A O   1 
ATOM   775  C CB  . MET A 1 115 ? 10.740  -4.216  -8.209  1.00 15.10 ? 1406 MET A CB  1 
ATOM   776  C CG  . MET A 1 115 ? 12.201  -4.454  -8.575  1.00 15.32 ? 1406 MET A CG  1 
ATOM   777  S SD  . MET A 1 115 ? 13.158  -2.946  -8.835  1.00 18.74 ? 1406 MET A SD  1 
ATOM   778  C CE  . MET A 1 115 ? 13.505  -2.575  -7.145  1.00 21.68 ? 1406 MET A CE  1 
ATOM   779  N N   . SER A 1 116 ? 7.575   -4.539  -8.491  1.00 12.99 ? 1407 SER A N   1 
ATOM   780  C CA  . SER A 1 116 ? 6.202   -4.257  -7.993  1.00 13.50 ? 1407 SER A CA  1 
ATOM   781  C C   . SER A 1 116 ? 5.451   -5.562  -7.731  1.00 12.62 ? 1407 SER A C   1 
ATOM   782  O O   . SER A 1 116 ? 4.732   -5.642  -6.750  1.00 13.28 ? 1407 SER A O   1 
ATOM   783  C CB  . SER A 1 116 ? 5.412   -3.372  -8.950  1.00 14.27 ? 1407 SER A CB  1 
ATOM   784  O OG  . SER A 1 116 ? 4.783   -4.065  -9.991  1.00 14.63 ? 1407 SER A OG  1 
ATOM   785  N N   . LEU A 1 117 ? 5.607   -6.584  -8.561  1.00 13.02 ? 1408 LEU A N   1 
ATOM   786  C CA  . LEU A 1 117 ? 4.848   -7.821  -8.382  1.00 14.27 ? 1408 LEU A CA  1 
ATOM   787  C C   . LEU A 1 117 ? 5.331   -8.539  -7.119  1.00 13.14 ? 1408 LEU A C   1 
ATOM   788  O O   . LEU A 1 117 ? 4.500   -9.090  -6.357  1.00 13.86 ? 1408 LEU A O   1 
ATOM   789  C CB  . LEU A 1 117 ? 4.963   -8.713  -9.611  1.00 15.05 ? 1408 LEU A CB  1 
ATOM   790  C CG  . LEU A 1 117 ? 4.305   -8.184  -10.882 1.00 17.40 ? 1408 LEU A CG  1 
ATOM   791  C CD1 . LEU A 1 117 ? 4.487   -9.211  -11.983 1.00 19.95 ? 1408 LEU A CD1 1 
ATOM   792  C CD2 . LEU A 1 117 ? 2.827   -7.892  -10.675 1.00 19.36 ? 1408 LEU A CD2 1 
ATOM   793  N N   . ARG A 1 118 ? 6.640   -8.538  -6.849  1.00 12.58 ? 1409 ARG A N   1 
ATOM   794  C CA  . ARG A 1 118 ? 7.139   -9.212  -5.625  1.00 13.13 ? 1409 ARG A CA  1 
ATOM   795  C C   . ARG A 1 118 ? 6.686   -8.423  -4.394  1.00 12.47 ? 1409 ARG A C   1 
ATOM   796  O O   . ARG A 1 118 ? 6.189   -9.011  -3.400  1.00 13.40 ? 1409 ARG A O   1 
ATOM   797  C CB  . ARG A 1 118 ? 8.657   -9.337  -5.633  1.00 13.57 ? 1409 ARG A CB  1 
ATOM   798  C CG  . ARG A 1 118 ? 9.225   -10.324 -6.661  1.00 13.76 ? 1409 ARG A CG  1 
ATOM   799  C CD  . ARG A 1 118 ? 10.719  -10.545 -6.447  1.00 14.73 ? 1409 ARG A CD  1 
ATOM   800  N NE  . ARG A 1 118 ? 11.523  -9.377  -6.662  1.00 14.95 ? 1409 ARG A NE  1 
ATOM   801  C CZ  . ARG A 1 118 ? 12.175  -9.049  -7.765  1.00 15.89 ? 1409 ARG A CZ  1 
ATOM   802  N NH1 . ARG A 1 118 ? 12.134  -9.813  -8.828  1.00 17.47 ? 1409 ARG A NH1 1 
ATOM   803  N NH2 . ARG A 1 118 ? 12.859  -7.897  -7.757  1.00 17.86 ? 1409 ARG A NH2 1 
ATOM   804  N N   . LEU A 1 119 ? 6.766   -7.090  -4.447  1.00 12.63 ? 1410 LEU A N   1 
ATOM   805  C CA  . LEU A 1 119 ? 6.365   -6.293  -3.290  1.00 11.91 ? 1410 LEU A CA  1 
ATOM   806  C C   . LEU A 1 119 ? 4.869   -6.405  -3.047  1.00 11.86 ? 1410 LEU A C   1 
ATOM   807  O O   . LEU A 1 119 ? 4.436   -6.474  -1.866  1.00 12.40 ? 1410 LEU A O   1 
ATOM   808  C CB  . LEU A 1 119 ? 6.821   -4.860  -3.529  1.00 13.71 ? 1410 LEU A CB  1 
ATOM   809  C CG  . LEU A 1 119 ? 6.801   -3.987  -2.284  1.00 14.31 ? 1410 LEU A CG  1 
ATOM   810  C CD1 . LEU A 1 119 ? 7.882   -4.433  -1.304  1.00 16.28 ? 1410 LEU A CD1 1 
ATOM   811  C CD2 . LEU A 1 119 ? 7.020   -2.523  -2.660  1.00 14.05 ? 1410 LEU A CD2 1 
ATOM   812  N N   . SER A 1 120 ? 4.057   -6.504  -4.097  1.00 10.97 ? 1411 SER A N   1 
ATOM   813  C CA  . SER A 1 120 ? 2.613   -6.670  -3.956  1.00 12.28 ? 1411 SER A CA  1 
ATOM   814  C C   . SER A 1 120 ? 2.337   -8.001  -3.269  1.00 13.17 ? 1411 SER A C   1 
ATOM   815  O O   . SER A 1 120 ? 1.439   -8.067  -2.391  1.00 12.87 ? 1411 SER A O   1 
ATOM   816  C CB  . SER A 1 120 ? 1.964   -6.626  -5.314  1.00 12.56 ? 1411 SER A CB  1 
ATOM   817  O OG  . SER A 1 120 ? 0.566   -6.927  -5.258  1.00 14.30 ? 1411 SER A OG  1 
ATOM   818  N N   . ALA A 1 121 ? 2.977   -9.109  -3.646  1.00 12.05 ? 1412 ALA A N   1 
ATOM   819  C CA  . ALA A 1 121 ? 2.739   -10.407 -3.000  1.00 12.93 ? 1412 ALA A CA  1 
ATOM   820  C C   . ALA A 1 121 ? 3.092   -10.329 -1.529  1.00 12.42 ? 1412 ALA A C   1 
ATOM   821  O O   . ALA A 1 121 ? 2.364   -10.857 -0.672  1.00 12.93 ? 1412 ALA A O   1 
ATOM   822  C CB  . ALA A 1 121 ? 3.528   -11.501 -3.715  1.00 14.01 ? 1412 ALA A CB  1 
ATOM   823  N N   . PHE A 1 122 ? 4.181   -9.665  -1.201  1.00 12.49 ? 1413 PHE A N   1 
ATOM   824  C CA  . PHE A 1 122 ? 4.559   -9.478  0.217   1.00 12.31 ? 1413 PHE A CA  1 
ATOM   825  C C   . PHE A 1 122 ? 3.476   -8.707  0.987   1.00 12.78 ? 1413 PHE A C   1 
ATOM   826  O O   . PHE A 1 122 ? 3.071   -9.045  2.111   1.00 12.90 ? 1413 PHE A O   1 
ATOM   827  C CB  . PHE A 1 122 ? 5.947   -8.808  0.320   1.00 12.90 ? 1413 PHE A CB  1 
ATOM   828  C CG  . PHE A 1 122 ? 6.400   -8.514  1.711   1.00 13.30 ? 1413 PHE A CG  1 
ATOM   829  C CD1 . PHE A 1 122 ? 6.987   -9.486  2.504   1.00 16.32 ? 1413 PHE A CD1 1 
ATOM   830  C CD2 . PHE A 1 122 ? 6.279   -7.244  2.238   1.00 15.47 ? 1413 PHE A CD2 1 
ATOM   831  C CE1 . PHE A 1 122 ? 7.412   -9.174  3.798   1.00 18.35 ? 1413 PHE A CE1 1 
ATOM   832  C CE2 . PHE A 1 122 ? 6.728   -6.950  3.521   1.00 18.07 ? 1413 PHE A CE2 1 
ATOM   833  C CZ  . PHE A 1 122 ? 7.266   -7.914  4.319   1.00 19.25 ? 1413 PHE A CZ  1 
ATOM   834  N N   . PHE A 1 123 ? 3.094   -7.562  0.416   1.00 12.26 ? 1414 PHE A N   1 
ATOM   835  C CA  . PHE A 1 123 ? 2.077   -6.716  1.061   1.00 12.06 ? 1414 PHE A CA  1 
ATOM   836  C C   . PHE A 1 123 ? 0.756   -7.483  1.270   1.00 12.06 ? 1414 PHE A C   1 
ATOM   837  O O   . PHE A 1 123 ? 0.219   -7.438  2.415   1.00 12.78 ? 1414 PHE A O   1 
ATOM   838  C CB  . PHE A 1 123 ? 1.812   -5.439  0.222   1.00 13.05 ? 1414 PHE A CB  1 
ATOM   839  C CG  . PHE A 1 123 ? 0.630   -4.619  0.719   1.00 12.62 ? 1414 PHE A CG  1 
ATOM   840  C CD1 . PHE A 1 123 ? 0.780   -3.811  1.822   1.00 13.23 ? 1414 PHE A CD1 1 
ATOM   841  C CD2 . PHE A 1 123 ? -0.597  -4.709  0.063   1.00 12.68 ? 1414 PHE A CD2 1 
ATOM   842  C CE1 . PHE A 1 123 ? -0.336  -3.104  2.281   1.00 12.80 ? 1414 PHE A CE1 1 
ATOM   843  C CE2 . PHE A 1 123 ? -1.682  -4.000  0.527   1.00 14.45 ? 1414 PHE A CE2 1 
ATOM   844  C CZ  . PHE A 1 123 ? -1.535  -3.230  1.627   1.00 13.86 ? 1414 PHE A CZ  1 
ATOM   845  N N   . GLU A 1 124 ? 0.252   -8.173  0.261   1.00 12.33 ? 1415 GLU A N   1 
ATOM   846  C CA  . GLU A 1 124 ? -1.020  -8.902  0.384   1.00 12.37 ? 1415 GLU A CA  1 
ATOM   847  C C   . GLU A 1 124 ? -0.898  -10.008 1.436   1.00 13.55 ? 1415 GLU A C   1 
ATOM   848  O O   . GLU A 1 124 ? -1.862  -10.243 2.183   1.00 14.77 ? 1415 GLU A O   1 
ATOM   849  C CB  . GLU A 1 124 ? -1.431  -9.479  -0.965  1.00 14.03 ? 1415 GLU A CB  1 
ATOM   850  C CG  . GLU A 1 124 ? -1.832  -8.396  -1.997  1.00 14.64 ? 1415 GLU A CG  1 
ATOM   851  C CD  . GLU A 1 124 ? -3.019  -7.507  -1.629  1.00 16.73 ? 1415 GLU A CD  1 
ATOM   852  O OE1 . GLU A 1 124 ? -3.923  -7.996  -0.886  1.00 19.50 ? 1415 GLU A OE1 1 
ATOM   853  O OE2 . GLU A 1 124 ? -3.061  -6.330  -2.053  1.00 16.09 ? 1415 GLU A OE2 1 
ATOM   854  N N   . GLU A 1 125 ? 0.233   -10.700 1.521   1.00 13.53 ? 1416 GLU A N   1 
ATOM   855  C CA  . GLU A 1 125 ? 0.436   -11.777 2.521   1.00 14.33 ? 1416 GLU A CA  1 
ATOM   856  C C   . GLU A 1 125 ? 0.273   -11.212 3.933   1.00 14.51 ? 1416 GLU A C   1 
ATOM   857  O O   . GLU A 1 125 ? -0.309  -11.878 4.792   1.00 15.53 ? 1416 GLU A O   1 
ATOM   858  C CB  . GLU A 1 125 ? 1.855   -12.297 2.301   1.00 14.27 ? 1416 GLU A CB  1 
ATOM   859  C CG  . GLU A 1 125 ? 2.340   -13.367 3.277   1.00 16.97 ? 1416 GLU A CG  1 
ATOM   860  C CD  . GLU A 1 125 ? 3.731   -13.842 2.863   1.00 17.42 ? 1416 GLU A CD  1 
ATOM   861  O OE1 . GLU A 1 125 ? 3.825   -14.465 1.777   1.00 17.64 ? 1416 GLU A OE1 1 
ATOM   862  O OE2 . GLU A 1 125 ? 4.727   -13.508 3.523   1.00 18.62 ? 1416 GLU A OE2 1 
ATOM   863  N N   . HIS A 1 126 ? 0.784   -10.004 4.184   1.00 13.88 ? 1417 HIS A N   1 
ATOM   864  C CA  . HIS A 1 126 ? 0.808   -9.348  5.521   1.00 14.56 ? 1417 HIS A CA  1 
ATOM   865  C C   . HIS A 1 126 ? -0.527  -8.627  5.822   1.00 14.01 ? 1417 HIS A C   1 
ATOM   866  O O   . HIS A 1 126 ? -1.021  -8.725  6.984   1.00 14.33 ? 1417 HIS A O   1 
ATOM   867  C CB  . HIS A 1 126 ? 2.034   -8.418  5.638   1.00 15.31 ? 1417 HIS A CB  1 
ATOM   868  C CG  . HIS A 1 126 ? 3.333   -9.148  5.792   1.00 16.66 ? 1417 HIS A CG  1 
ATOM   869  N ND1 . HIS A 1 126 ? 3.947   -9.823  4.751   1.00 18.18 ? 1417 HIS A ND1 1 
ATOM   870  C CD2 . HIS A 1 126 ? 4.121   -9.326  6.877   1.00 16.54 ? 1417 HIS A CD2 1 
ATOM   871  C CE1 . HIS A 1 126 ? 5.055   -10.392 5.197   1.00 18.58 ? 1417 HIS A CE1 1 
ATOM   872  N NE2 . HIS A 1 126 ? 5.194   -10.091 6.485   1.00 17.87 ? 1417 HIS A NE2 1 
ATOM   873  N N   . ILE A 1 127 ? -1.134  -7.938  4.842   1.00 14.47 ? 1418 ILE A N   1 
ATOM   874  C CA  . ILE A 1 127 ? -2.320  -7.070  5.112   1.00 13.81 ? 1418 ILE A CA  1 
ATOM   875  C C   . ILE A 1 127 ? -3.569  -7.915  5.414   1.00 13.95 ? 1418 ILE A C   1 
ATOM   876  O O   . ILE A 1 127 ? -4.502  -7.411  6.071   1.00 12.73 ? 1418 ILE A O   1 
ATOM   877  C CB  . ILE A 1 127 ? -2.572  -6.125  3.943   1.00 13.07 ? 1418 ILE A CB  1 
ATOM   878  C CG1 . ILE A 1 127 ? -3.326  -4.858  4.409   1.00 13.90 ? 1418 ILE A CG1 1 
ATOM   879  C CG2 . ILE A 1 127 ? -3.307  -6.778  2.784   1.00 14.15 ? 1418 ILE A CG2 1 
ATOM   880  C CD1 . ILE A 1 127 ? -2.670  -4.023  5.437   1.00 15.17 ? 1418 ILE A CD1 1 
ATOM   881  N N   A SER A 1 128 ? -3.576  -9.179  4.978   0.26 13.79 ? 1419 SER A N   1 
ATOM   882  N N   B SER A 1 128 ? -3.601  -9.184  4.977   0.24 14.13 ? 1419 SER A N   1 
ATOM   883  C CA  A SER A 1 128 ? -4.732  -10.106 5.090   0.26 14.98 ? 1419 SER A CA  1 
ATOM   884  C CA  B SER A 1 128 ? -4.790  -10.070 5.104   0.24 15.44 ? 1419 SER A CA  1 
ATOM   885  C C   A SER A 1 128 ? -5.263  -10.185 6.537   0.26 14.30 ? 1419 SER A C   1 
ATOM   886  C C   B SER A 1 128 ? -5.279  -10.135 6.562   0.24 14.51 ? 1419 SER A C   1 
ATOM   887  O O   A SER A 1 128 ? -6.500  -10.073 6.721   0.26 17.87 ? 1419 SER A O   1 
ATOM   888  O O   B SER A 1 128 ? -6.490  -9.945  6.785   0.24 16.81 ? 1419 SER A O   1 
ATOM   889  C CB  A SER A 1 128 ? -4.338  -11.460 4.558   0.26 15.22 ? 1419 SER A CB  1 
ATOM   890  C CB  B SER A 1 128 ? -4.526  -11.458 4.576   0.24 16.50 ? 1419 SER A CB  1 
ATOM   891  O OG  A SER A 1 128 ? -3.037  -11.809 4.980   0.26 17.28 ? 1419 SER A OG  1 
ATOM   892  O OG  B SER A 1 128 ? -5.738  -12.221 4.597   0.24 18.46 ? 1419 SER A OG  1 
ATOM   893  N N   . SER A 1 129 ? -4.383  -10.371 7.522   1.00 13.99 ? 1420 SER A N   1 
ATOM   894  C CA  . SER A 1 129 ? -4.791  -10.531 8.929   1.00 13.99 ? 1420 SER A CA  1 
ATOM   895  C C   . SER A 1 129 ? -5.171  -9.151  9.490   1.00 13.49 ? 1420 SER A C   1 
ATOM   896  O O   . SER A 1 129 ? -6.023  -9.094  10.378  1.00 14.25 ? 1420 SER A O   1 
ATOM   897  C CB  . SER A 1 129 ? -3.719  -11.163 9.762   1.00 15.91 ? 1420 SER A CB  1 
ATOM   898  O OG  . SER A 1 129 ? -2.557  -10.406 9.776   1.00 22.50 ? 1420 SER A OG  1 
ATOM   899  N N   . VAL A 1 130 ? -4.531  -8.083  9.008   1.00 12.48 ? 1421 VAL A N   1 
ATOM   900  C CA  . VAL A 1 130 ? -4.824  -6.715  9.515   1.00 13.26 ? 1421 VAL A CA  1 
ATOM   901  C C   . VAL A 1 130 ? -6.279  -6.422  9.175   1.00 12.72 ? 1421 VAL A C   1 
ATOM   902  O O   . VAL A 1 130 ? -7.109  -5.921  10.044  1.00 12.95 ? 1421 VAL A O   1 
ATOM   903  C CB  . VAL A 1 130 ? -3.879  -5.683  8.933   1.00 12.09 ? 1421 VAL A CB  1 
ATOM   904  C CG1 . VAL A 1 130 ? -4.281  -4.291  9.383   1.00 12.47 ? 1421 VAL A CG1 1 
ATOM   905  C CG2 . VAL A 1 130 ? -2.443  -5.954  9.316   1.00 13.95 ? 1421 VAL A CG2 1 
ATOM   906  N N   . LEU A 1 131 ? -6.684  -6.670  7.942   1.00 13.16 ? 1422 LEU A N   1 
ATOM   907  C CA  . LEU A 1 131 ? -8.061  -6.447  7.487   1.00 12.49 ? 1422 LEU A CA  1 
ATOM   908  C C   . LEU A 1 131 ? -9.046  -7.324  8.221   1.00 12.96 ? 1422 LEU A C   1 
ATOM   909  O O   . LEU A 1 131 ? -10.070 -6.844  8.702   1.00 13.73 ? 1422 LEU A O   1 
ATOM   910  C CB  . LEU A 1 131 ? -8.162  -6.693  5.972   1.00 13.66 ? 1422 LEU A CB  1 
ATOM   911  C CG  . LEU A 1 131 ? -7.383  -5.705  5.106   1.00 14.42 ? 1422 LEU A CG  1 
ATOM   912  C CD1 . LEU A 1 131 ? -7.284  -6.206  3.680   1.00 15.69 ? 1422 LEU A CD1 1 
ATOM   913  C CD2 . LEU A 1 131 ? -7.961  -4.302  5.159   1.00 15.64 ? 1422 LEU A CD2 1 
ATOM   914  N N   A SER A 1 132 ? -8.761  -8.623  8.287   0.26 12.71 ? 1423 SER A N   1 
ATOM   915  N N   B SER A 1 132 ? -8.755  -8.626  8.271   0.24 14.11 ? 1423 SER A N   1 
ATOM   916  C CA  A SER A 1 132 ? -9.640  -9.598  8.985   0.26 12.78 ? 1423 SER A CA  1 
ATOM   917  C CA  B SER A 1 132 ? -9.591  -9.628  8.984   0.24 15.23 ? 1423 SER A CA  1 
ATOM   918  C C   A SER A 1 132 ? -9.833  -9.170  10.447  0.26 12.52 ? 1423 SER A C   1 
ATOM   919  C C   B SER A 1 132 ? -9.827  -9.152  10.426  0.24 13.86 ? 1423 SER A C   1 
ATOM   920  O O   A SER A 1 132 ? -10.997 -9.137  10.901  0.26 13.11 ? 1423 SER A O   1 
ATOM   921  O O   B SER A 1 132 ? -11.015 -9.034  10.817  0.24 14.53 ? 1423 SER A O   1 
ATOM   922  C CB  A SER A 1 132 ? -9.105  -11.008 8.898   0.26 12.96 ? 1423 SER A CB  1 
ATOM   923  C CB  B SER A 1 132 ? -8.975  -11.013 8.952   0.24 17.14 ? 1423 SER A CB  1 
ATOM   924  O OG  A SER A 1 132 ? -9.166  -11.498 7.564   0.26 12.55 ? 1423 SER A OG  1 
ATOM   925  O OG  B SER A 1 132 ? -9.728  -11.924 9.743   0.24 21.52 ? 1423 SER A OG  1 
ATOM   926  N N   . ASP A 1 133 ? -8.754  -8.858  11.172  1.00 12.98 ? 1424 ASP A N   1 
ATOM   927  C CA  . ASP A 1 133 ? -8.890  -8.496  12.605  1.00 13.90 ? 1424 ASP A CA  1 
ATOM   928  C C   . ASP A 1 133 ? -9.715  -7.223  12.750  1.00 13.26 ? 1424 ASP A C   1 
ATOM   929  O O   . ASP A 1 133 ? -10.590 -7.104  13.663  1.00 13.44 ? 1424 ASP A O   1 
ATOM   930  C CB  . ASP A 1 133 ? -7.552  -8.355  13.296  1.00 16.24 ? 1424 ASP A CB  1 
ATOM   931  C CG  . ASP A 1 133 ? -6.772  -9.634  13.507  1.00 19.39 ? 1424 ASP A CG  1 
ATOM   932  O OD1 . ASP A 1 133 ? -7.269  -10.724 13.172  1.00 19.51 ? 1424 ASP A OD1 1 
ATOM   933  O OD2 . ASP A 1 133 ? -5.631  -9.514  14.012  1.00 27.80 ? 1424 ASP A OD2 1 
ATOM   934  N N   . TYR A 1 134 ? -9.493  -6.231  11.899  1.00 12.50 ? 1425 TYR A N   1 
ATOM   935  C CA  . TYR A 1 134 ? -10.268 -4.987  11.980  1.00 12.15 ? 1425 TYR A CA  1 
ATOM   936  C C   . TYR A 1 134 ? -11.767 -5.237  11.763  1.00 12.40 ? 1425 TYR A C   1 
ATOM   937  O O   . TYR A 1 134 ? -12.634 -4.729  12.527  1.00 12.81 ? 1425 TYR A O   1 
ATOM   938  C CB  . TYR A 1 134 ? -9.736  -3.935  10.991  1.00 12.93 ? 1425 TYR A CB  1 
ATOM   939  C CG  . TYR A 1 134 ? -10.571 -2.690  10.930  1.00 12.91 ? 1425 TYR A CG  1 
ATOM   940  C CD1 . TYR A 1 134 ? -10.439 -1.734  11.919  1.00 13.59 ? 1425 TYR A CD1 1 
ATOM   941  C CD2 . TYR A 1 134 ? -11.503 -2.477  9.933   1.00 14.28 ? 1425 TYR A CD2 1 
ATOM   942  C CE1 . TYR A 1 134 ? -11.154 -0.558  11.900  1.00 15.85 ? 1425 TYR A CE1 1 
ATOM   943  C CE2 . TYR A 1 134 ? -12.235 -1.311  9.886   1.00 15.35 ? 1425 TYR A CE2 1 
ATOM   944  C CZ  . TYR A 1 134 ? -12.070 -0.382  10.883  1.00 15.45 ? 1425 TYR A CZ  1 
ATOM   945  O OH  . TYR A 1 134 ? -12.791 0.798   10.846  1.00 18.20 ? 1425 TYR A OH  1 
ATOM   946  N N   . LYS A 1 135 ? -12.106 -5.964  10.688  1.00 12.24 ? 1426 LYS A N   1 
ATOM   947  C CA  . LYS A 1 135 ? -13.538 -6.170  10.378  1.00 12.02 ? 1426 LYS A CA  1 
ATOM   948  C C   . LYS A 1 135 ? -14.198 -6.989  11.497  1.00 12.02 ? 1426 LYS A C   1 
ATOM   949  O O   . LYS A 1 135 ? -15.358 -6.725  11.841  1.00 12.95 ? 1426 LYS A O   1 
ATOM   950  C CB  . LYS A 1 135 ? -13.684 -6.837  9.000   1.00 14.26 ? 1426 LYS A CB  1 
ATOM   951  C CG  . LYS A 1 135 ? -13.165 -5.899  7.902   1.00 15.15 ? 1426 LYS A CG  1 
ATOM   952  C CD  . LYS A 1 135 ? -13.208 -6.571  6.532   1.00 16.85 ? 1426 LYS A CD  1 
ATOM   953  C CE  . LYS A 1 135 ? -12.629 -5.736  5.403   1.00 20.63 ? 1426 LYS A CE  1 
ATOM   954  N NZ  . LYS A 1 135 ? -12.903 -6.378  4.097   1.00 27.99 ? 1426 LYS A NZ  1 
ATOM   955  N N   A SER A 1 136 ? -13.473 -7.970  12.033  0.26 12.05 ? 1427 SER A N   1 
ATOM   956  N N   B SER A 1 136 ? -13.480 -7.955  12.068  0.24 12.88 ? 1427 SER A N   1 
ATOM   957  C CA  A SER A 1 136 ? -13.920 -8.756  13.219  0.26 12.77 ? 1427 SER A CA  1 
ATOM   958  C CA  B SER A 1 136 ? -14.026 -8.749  13.205  0.24 13.96 ? 1427 SER A CA  1 
ATOM   959  C C   A SER A 1 136 ? -14.224 -7.823  14.396  0.26 13.14 ? 1427 SER A C   1 
ATOM   960  C C   B SER A 1 136 ? -14.199 -7.867  14.454  0.24 13.85 ? 1427 SER A C   1 
ATOM   961  O O   A SER A 1 136 ? -15.295 -7.931  15.018  0.26 12.51 ? 1427 SER A O   1 
ATOM   962  O O   B SER A 1 136 ? -15.206 -8.024  15.167  0.24 13.37 ? 1427 SER A O   1 
ATOM   963  C CB  A SER A 1 136 ? -12.897 -9.768  13.601  0.26 12.85 ? 1427 SER A CB  1 
ATOM   964  C CB  B SER A 1 136 ? -13.235 -10.003 13.465  0.24 14.97 ? 1427 SER A CB  1 
ATOM   965  O OG  A SER A 1 136 ? -13.224 -10.346 14.862  0.26 13.37 ? 1427 SER A OG  1 
ATOM   966  O OG  B SER A 1 136 ? -11.836 -9.799  13.452  0.24 16.73 ? 1427 SER A OG  1 
ATOM   967  N N   . ALA A 1 137 ? -13.298 -6.915  14.695  1.00 13.68 ? 1428 ALA A N   1 
ATOM   968  C CA  . ALA A 1 137 ? -13.439 -5.986  15.844  1.00 13.42 ? 1428 ALA A CA  1 
ATOM   969  C C   . ALA A 1 137 ? -14.648 -5.132  15.620  1.00 13.69 ? 1428 ALA A C   1 
ATOM   970  O O   . ALA A 1 137 ? -15.432 -4.829  16.580  1.00 14.89 ? 1428 ALA A O   1 
ATOM   971  C CB  . ALA A 1 137 ? -12.226 -5.101  15.988  1.00 15.06 ? 1428 ALA A CB  1 
ATOM   972  N N   . LEU A 1 138 ? -14.887 -4.652  14.423  1.00 13.81 ? 1429 LEU A N   1 
ATOM   973  C CA  . LEU A 1 138 ? -16.042 -3.796  14.169  1.00 14.85 ? 1429 LEU A CA  1 
ATOM   974  C C   . LEU A 1 138 ? -17.342 -4.589  14.324  1.00 15.04 ? 1429 LEU A C   1 
ATOM   975  O O   . LEU A 1 138 ? -18.350 -4.086  14.892  1.00 15.73 ? 1429 LEU A O   1 
ATOM   976  C CB  . LEU A 1 138 ? -15.937 -3.141  12.795  1.00 20.35 ? 1429 LEU A CB  1 
ATOM   977  C CG  . LEU A 1 138 ? -16.176 -1.651  12.707  1.00 26.33 ? 1429 LEU A CG  1 
ATOM   978  C CD1 . LEU A 1 138 ? -15.447 -0.802  13.738  1.00 26.49 ? 1429 LEU A CD1 1 
ATOM   979  C CD2 . LEU A 1 138 ? -15.803 -1.261  11.290  1.00 24.25 ? 1429 LEU A CD2 1 
ATOM   980  N N   . ARG A 1 139 ? -17.348 -5.851  13.870  1.00 12.33 ? 1430 ARG A N   1 
ATOM   981  C CA  . ARG A 1 139 ? -18.559 -6.661  14.046  1.00 13.50 ? 1430 ARG A CA  1 
ATOM   982  C C   . ARG A 1 139 ? -18.780 -6.903  15.541  1.00 12.09 ? 1430 ARG A C   1 
ATOM   983  O O   . ARG A 1 139 ? -19.969 -6.839  15.975  1.00 14.58 ? 1430 ARG A O   1 
ATOM   984  C CB  . ARG A 1 139 ? -18.435 -8.006  13.352  1.00 13.35 ? 1430 ARG A CB  1 
ATOM   985  C CG  . ARG A 1 139 ? -18.487 -7.915  11.824  1.00 13.89 ? 1430 ARG A CG  1 
ATOM   986  C CD  . ARG A 1 139 ? -18.553 -9.272  11.139  1.00 13.93 ? 1430 ARG A CD  1 
ATOM   987  N NE  . ARG A 1 139 ? -17.390 -10.093 11.309  1.00 14.84 ? 1430 ARG A NE  1 
ATOM   988  C CZ  . ARG A 1 139 ? -16.351 -10.191 10.476  1.00 14.21 ? 1430 ARG A CZ  1 
ATOM   989  N NH1 . ARG A 1 139 ? -16.244 -9.399  9.422   1.00 15.35 ? 1430 ARG A NH1 1 
ATOM   990  N NH2 . ARG A 1 139 ? -15.426 -11.090 10.726  1.00 14.54 ? 1430 ARG A NH2 1 
ATOM   991  N N   . PHE A 1 140 ? -17.744 -7.138  16.322  1.00 11.31 ? 1431 PHE A N   1 
ATOM   992  C CA  . PHE A 1 140 ? -17.902 -7.349  17.778  1.00 12.83 ? 1431 PHE A CA  1 
ATOM   993  C C   . PHE A 1 140 ? -18.500 -6.093  18.411  1.00 12.59 ? 1431 PHE A C   1 
ATOM   994  O O   . PHE A 1 140 ? -19.390 -6.172  19.243  1.00 14.31 ? 1431 PHE A O   1 
ATOM   995  C CB  . PHE A 1 140 ? -16.599 -7.793  18.435  1.00 12.44 ? 1431 PHE A CB  1 
ATOM   996  C CG  . PHE A 1 140 ? -16.746 -8.207  19.882  1.00 14.43 ? 1431 PHE A CG  1 
ATOM   997  C CD1 . PHE A 1 140 ? -17.235 -9.472  20.188  1.00 16.88 ? 1431 PHE A CD1 1 
ATOM   998  C CD2 . PHE A 1 140 ? -16.398 -7.358  20.918  1.00 16.87 ? 1431 PHE A CD2 1 
ATOM   999  C CE1 . PHE A 1 140 ? -17.363 -9.893  21.505  1.00 18.08 ? 1431 PHE A CE1 1 
ATOM   1000 C CE2 . PHE A 1 140 ? -16.572 -7.758  22.237  1.00 18.51 ? 1431 PHE A CE2 1 
ATOM   1001 C CZ  . PHE A 1 140 ? -17.030 -9.032  22.522  1.00 18.43 ? 1431 PHE A CZ  1 
ATOM   1002 N N   . HIS A 1 141 ? -18.020 -4.928  17.978  1.00 14.22 ? 1432 HIS A N   1 
ATOM   1003 C CA  . HIS A 1 141 ? -18.505 -3.646  18.550  1.00 16.98 ? 1432 HIS A CA  1 
ATOM   1004 C C   . HIS A 1 141 ? -20.015 -3.490  18.339  1.00 19.64 ? 1432 HIS A C   1 
ATOM   1005 O O   . HIS A 1 141 ? -20.689 -2.901  19.233  1.00 20.03 ? 1432 HIS A O   1 
ATOM   1006 C CB  . HIS A 1 141 ? -17.711 -2.490  17.959  1.00 18.21 ? 1432 HIS A CB  1 
ATOM   1007 C CG  . HIS A 1 141 ? -18.003 -1.190  18.609  1.00 18.47 ? 1432 HIS A CG  1 
ATOM   1008 N ND1 . HIS A 1 141 ? -17.499 -0.921  19.833  1.00 17.10 ? 1432 HIS A ND1 1 
ATOM   1009 C CD2 . HIS A 1 141 ? -18.716 -0.123  18.207  1.00 20.46 ? 1432 HIS A CD2 1 
ATOM   1010 C CE1 . HIS A 1 141 ? -17.851 0.321   20.175  1.00 16.39 ? 1432 HIS A CE1 1 
ATOM   1011 N NE2 . HIS A 1 141 ? -18.612 0.819   19.192  1.00 17.97 ? 1432 HIS A NE2 1 
ATOM   1012 N N   . LYS A 1 142 ? -20.545 -3.993  17.222  1.00 20.23 ? 1433 LYS A N   1 
ATOM   1013 C CA  . LYS A 1 142 ? -21.987 -3.901  16.850  1.00 22.28 ? 1433 LYS A CA  1 
ATOM   1014 C C   . LYS A 1 142 ? -22.719 -5.228  17.121  1.00 23.42 ? 1433 LYS A C   1 
ATOM   1015 O O   . LYS A 1 142 ? -23.789 -5.467  16.496  1.00 26.35 ? 1433 LYS A O   1 
ATOM   1016 C CB  . LYS A 1 142 ? -22.066 -3.487  15.376  1.00 25.78 ? 1433 LYS A CB  1 
ATOM   1017 C CG  . LYS A 1 142 ? -21.139 -2.339  14.983  1.00 26.44 ? 1433 LYS A CG  1 
ATOM   1018 C CD  . LYS A 1 142 ? -20.731 -2.354  13.521  1.00 28.03 ? 1433 LYS A CD  1 
ATOM   1019 C CE  . LYS A 1 142 ? -19.820 -1.215  13.124  1.00 28.62 ? 1433 LYS A CE  1 
ATOM   1020 N NZ  . LYS A 1 142 ? -19.523 -1.250  11.671  1.00 27.15 ? 1433 LYS A NZ  1 
ATOM   1021 N N   . ARG A 1 143 ? -22.210 -6.070  18.024  1.00 22.23 ? 1434 ARG A N   1 
ATOM   1022 C CA  . ARG A 1 143 ? -22.785 -7.423  18.264  1.00 23.68 ? 1434 ARG A CA  1 
ATOM   1023 C C   . ARG A 1 143 ? -24.170 -7.403  18.962  1.00 30.48 ? 1434 ARG A C   1 
ATOM   1024 O O   . ARG A 1 143 ? -24.902 -8.413  18.860  1.00 31.04 ? 1434 ARG A O   1 
ATOM   1025 C CB  . ARG A 1 143 ? -21.819 -8.291  19.057  1.00 21.55 ? 1434 ARG A CB  1 
ATOM   1026 C CG  . ARG A 1 143 ? -21.699 -7.886  20.514  1.00 21.78 ? 1434 ARG A CG  1 
ATOM   1027 C CD  . ARG A 1 143 ? -20.556 -8.541  21.212  1.00 23.95 ? 1434 ARG A CD  1 
ATOM   1028 N NE  . ARG A 1 143 ? -20.479 -8.134  22.607  1.00 22.70 ? 1434 ARG A NE  1 
ATOM   1029 C CZ  . ARG A 1 143 ? -19.947 -7.023  23.051  1.00 25.10 ? 1434 ARG A CZ  1 
ATOM   1030 N NH1 . ARG A 1 143 ? -19.442 -6.130  22.218  1.00 20.48 ? 1434 ARG A NH1 1 
ATOM   1031 N NH2 . ARG A 1 143 ? -19.888 -6.795  24.357  1.00 25.15 ? 1434 ARG A NH2 1 
ATOM   1032 N N   . ASN A 1 144 ? -24.478 -6.358  19.729  1.00 27.78 ? 1435 ASN A N   1 
ATOM   1033 C CA  . ASN A 1 144 ? -25.719 -6.270  20.554  1.00 30.51 ? 1435 ASN A CA  1 
ATOM   1034 C C   . ASN A 1 144 ? -26.684 -5.267  19.914  1.00 31.76 ? 1435 ASN A C   1 
ATOM   1035 O O   . ASN A 1 144 ? -27.856 -5.267  20.343  1.00 31.42 ? 1435 ASN A O   1 
ATOM   1036 C CB  . ASN A 1 144 ? -25.423 -5.885  22.006  1.00 31.07 ? 1435 ASN A CB  1 
ATOM   1037 C CG  . ASN A 1 144 ? -24.857 -7.035  22.813  1.00 31.28 ? 1435 ASN A CG  1 
ATOM   1038 O OD1 . ASN A 1 144 ? -25.427 -8.124  22.837  1.00 31.20 ? 1435 ASN A OD1 1 
ATOM   1039 N ND2 . ASN A 1 144 ? -23.735 -6.802  23.471  1.00 28.69 ? 1435 ASN A ND2 1 
HETATM 1040 N N1  . ZQ9 B 2 .   ? 9.850   6.540   -9.063  0.62 32.56 ? 1901 ZQ9 A N1  1 
HETATM 1041 N N3  . ZQ9 B 2 .   ? 7.378   3.766   -12.284 0.62 23.99 ? 1901 ZQ9 A N3  1 
HETATM 1042 C C4  . ZQ9 B 2 .   ? 12.613  5.462   -9.181  0.62 40.06 ? 1901 ZQ9 A C4  1 
HETATM 1043 C C5  . ZQ9 B 2 .   ? 13.748  4.795   -8.679  0.62 41.71 ? 1901 ZQ9 A C5  1 
HETATM 1044 C C6  . ZQ9 B 2 .   ? 14.314  5.421   -7.628  0.62 43.46 ? 1901 ZQ9 A C6  1 
HETATM 1045 C C7  . ZQ9 B 2 .   ? 8.511   4.349   -10.240 0.62 24.98 ? 1901 ZQ9 A C7  1 
HETATM 1046 C C8  . ZQ9 B 2 .   ? 7.161   4.127   -10.887 0.62 25.43 ? 1901 ZQ9 A C8  1 
HETATM 1047 C C10 . ZQ9 B 2 .   ? 9.382   5.118   -12.416 0.62 25.62 ? 1901 ZQ9 A C10 1 
HETATM 1048 C C13 . ZQ9 B 2 .   ? 8.704   2.325   -14.624 0.62 20.00 ? 1901 ZQ9 A C13 1 
HETATM 1049 C C15 . ZQ9 B 2 .   ? 8.018   0.419   -15.735 0.62 21.10 ? 1901 ZQ9 A C15 1 
HETATM 1050 C C1  . ZQ9 B 2 .   ? 9.972   6.372   -10.391 0.62 29.74 ? 1901 ZQ9 A C1  1 
HETATM 1051 C C11 . ZQ9 B 2 .   ? 7.023   2.539   -12.699 0.62 22.36 ? 1901 ZQ9 A C11 1 
HETATM 1052 C C12 . ZQ9 B 2 .   ? 7.572   1.980   -13.897 0.62 22.56 ? 1901 ZQ9 A C12 1 
HETATM 1053 C C14 . ZQ9 B 2 .   ? 8.979   1.358   -15.626 0.62 22.83 ? 1901 ZQ9 A C14 1 
HETATM 1054 C C2  . ZQ9 B 2 .   ? 10.881  7.184   -8.269  0.62 35.76 ? 1901 ZQ9 A C2  1 
HETATM 1055 C C3  . ZQ9 B 2 .   ? 12.174  6.422   -8.254  0.62 39.38 ? 1901 ZQ9 A C3  1 
HETATM 1056 C C9  . ZQ9 B 2 .   ? 8.017   4.853   -13.020 0.62 24.27 ? 1901 ZQ9 A C9  1 
HETATM 1057 N N2  . ZQ9 B 2 .   ? 9.296   5.350   -10.972 0.62 26.21 ? 1901 ZQ9 A N2  1 
HETATM 1058 O O1  . ZQ9 B 2 .   ? 10.738  7.089   -11.056 0.62 27.76 ? 1901 ZQ9 A O1  1 
HETATM 1059 O O2  . ZQ9 B 2 .   ? 6.268   1.853   -12.032 0.62 22.09 ? 1901 ZQ9 A O2  1 
HETATM 1060 S S1  . ZQ9 B 2 .   ? 13.325  6.651   -7.007  0.62 48.73 ? 1901 ZQ9 A S1  1 
HETATM 1061 S S2  . ZQ9 B 2 .   ? 6.807   0.582   -14.553 0.62 24.80 ? 1901 ZQ9 A S2  1 
HETATM 1062 O O   . HOH C 3 .   ? -7.219  -7.012  19.484  1.00 25.30 ? 2001 HOH A O   1 
HETATM 1063 O O   . HOH C 3 .   ? -17.059 7.206   10.806  1.00 37.04 ? 2002 HOH A O   1 
HETATM 1064 O O   . HOH C 3 .   ? 11.245  9.315   -10.729 0.62 28.74 ? 2003 HOH A O   1 
HETATM 1065 O O   . HOH C 3 .   ? 1.830   15.174  -19.180 1.00 38.00 ? 2004 HOH A O   1 
HETATM 1066 O O   . HOH C 3 .   ? -11.736 -8.311  3.363   1.00 37.45 ? 2005 HOH A O   1 
HETATM 1067 O O   . HOH C 3 .   ? -1.246  1.767   -19.713 1.00 21.87 ? 2006 HOH A O   1 
HETATM 1068 O O   . HOH C 3 .   ? 8.173   12.190  -0.557  0.62 31.40 ? 2007 HOH A O   1 
HETATM 1069 O O   . HOH C 3 .   ? 13.374  -6.947  -10.609 1.00 31.71 ? 2008 HOH A O   1 
HETATM 1070 O O   . HOH C 3 .   ? -1.795  10.346  13.878  1.00 20.06 ? 2009 HOH A O   1 
HETATM 1071 O O   . HOH C 3 .   ? -20.563 -1.557  21.392  1.00 37.18 ? 2010 HOH A O   1 
HETATM 1072 O O   . HOH C 3 .   ? -8.733  -12.502 12.015  1.00 39.17 ? 2011 HOH A O   1 
HETATM 1073 O O   . HOH C 3 .   ? 2.181   10.730  -24.025 1.00 29.14 ? 2012 HOH A O   1 
HETATM 1074 O O   . HOH C 3 .   ? -22.724 -4.446  23.389  1.00 42.54 ? 2013 HOH A O   1 
HETATM 1075 O O   . HOH C 3 .   ? -12.637 2.597   12.675  1.00 37.29 ? 2014 HOH A O   1 
HETATM 1076 O O   . HOH C 3 .   ? -1.838  11.579  -5.896  1.00 27.49 ? 2015 HOH A O   1 
HETATM 1077 O O   . HOH C 3 .   ? -5.647  8.801   0.524   1.00 38.06 ? 2016 HOH A O   1 
HETATM 1078 O O   . HOH C 3 .   ? 10.784  -9.877  -15.222 1.00 48.65 ? 2017 HOH A O   1 
HETATM 1079 O O   . HOH C 3 .   ? -1.733  -11.793 7.210   1.00 20.54 ? 2018 HOH A O   1 
HETATM 1080 O O   . HOH C 3 .   ? 15.169  10.204  -9.901  0.62 30.79 ? 2019 HOH A O   1 
HETATM 1081 O O   . HOH C 3 .   ? -14.717 -12.456 15.311  1.00 27.17 ? 2020 HOH A O   1 
HETATM 1082 O O   . HOH C 3 .   ? 3.144   9.758   -5.694  0.62 15.23 ? 2021 HOH A O   1 
HETATM 1083 O O   . HOH C 3 .   ? -13.358 2.204   5.069   1.00 30.36 ? 2022 HOH A O   1 
HETATM 1084 O O   . HOH C 3 .   ? 16.975  1.126   -6.287  1.00 45.16 ? 2023 HOH A O   1 
HETATM 1085 O O   . HOH C 3 .   ? 1.939   -9.690  -14.877 1.00 32.39 ? 2024 HOH A O   1 
HETATM 1086 O O   . HOH C 3 .   ? -1.435  -5.465  -3.957  1.00 19.07 ? 2025 HOH A O   1 
HETATM 1087 O O   . HOH C 3 .   ? 0.284   -9.068  9.281   1.00 33.83 ? 2026 HOH A O   1 
HETATM 1088 O O   . HOH C 3 .   ? -3.373  10.830  0.859   1.00 30.22 ? 2027 HOH A O   1 
HETATM 1089 O O   . HOH C 3 .   ? 15.185  -5.506  -6.515  1.00 35.10 ? 2028 HOH A O   1 
HETATM 1090 O O   . HOH C 3 .   ? 4.084   3.642   -11.648 0.62 13.49 ? 2029 HOH A O   1 
HETATM 1091 O O   . HOH C 3 .   ? -3.694  2.670   -11.522 1.00 18.32 ? 2030 HOH A O   1 
HETATM 1092 O O   . HOH C 3 .   ? 14.238  2.515   3.141   0.62 22.42 ? 2031 HOH A O   1 
HETATM 1093 O O   . HOH C 3 .   ? 6.022   3.220   9.059   1.00 29.87 ? 2032 HOH A O   1 
HETATM 1094 O O   . HOH C 3 .   ? -0.014  5.168   15.895  1.00 29.89 ? 2033 HOH A O   1 
HETATM 1095 O O   . HOH C 3 .   ? -6.008  13.505  -12.029 1.00 40.47 ? 2034 HOH A O   1 
HETATM 1096 O O   . HOH C 3 .   ? 1.267   -1.361  -19.673 1.00 23.25 ? 2035 HOH A O   1 
HETATM 1097 O O   . HOH C 3 .   ? -4.431  -9.773  1.090   1.00 18.82 ? 2036 HOH A O   1 
HETATM 1098 O O   . HOH C 3 .   ? -2.753  15.646  11.293  1.00 31.42 ? 2037 HOH A O   1 
HETATM 1099 O O   . HOH C 3 .   ? -8.345  -10.300 4.750   1.00 19.43 ? 2038 HOH A O   1 
HETATM 1100 O O   . HOH C 3 .   ? -9.596  -6.001  -0.044  1.00 35.00 ? 2039 HOH A O   1 
HETATM 1101 O O   . HOH C 3 .   ? -14.635 -4.489  19.242  1.00 16.19 ? 2040 HOH A O   1 
HETATM 1102 O O   . HOH C 3 .   ? -3.037  13.105  -15.139 1.00 33.97 ? 2041 HOH A O   1 
HETATM 1103 O O   . HOH C 3 .   ? 11.241  6.196   -5.113  0.62 21.20 ? 2042 HOH A O   1 
HETATM 1104 O O   . HOH C 3 .   ? -16.073 -2.920  21.020  1.00 15.76 ? 2043 HOH A O   1 
HETATM 1105 O O   . HOH C 3 .   ? 11.373  8.251   -19.638 0.62 33.68 ? 2044 HOH A O   1 
HETATM 1106 O O   . HOH C 3 .   ? -14.680 1.325   8.944   1.00 27.07 ? 2045 HOH A O   1 
HETATM 1107 O O   . HOH C 3 .   ? 1.726   -15.863 0.724   1.00 24.33 ? 2046 HOH A O   1 
HETATM 1108 O O   . HOH C 3 .   ? -22.177 -7.723  14.614  1.00 28.29 ? 2047 HOH A O   1 
HETATM 1109 O O   . HOH C 3 .   ? 1.493   12.734  -2.622  1.00 33.25 ? 2048 HOH A O   1 
HETATM 1110 O O   . HOH C 3 .   ? -4.220  -4.229  20.724  1.00 38.17 ? 2049 HOH A O   1 
HETATM 1111 O O   . HOH C 3 .   ? 1.905   13.095  8.359   1.00 26.89 ? 2050 HOH A O   1 
HETATM 1112 O O   . HOH C 3 .   ? -5.795  0.288   -8.057  1.00 17.62 ? 2051 HOH A O   1 
HETATM 1113 O O   . HOH C 3 .   ? 1.079   -3.830  16.327  1.00 34.93 ? 2052 HOH A O   1 
HETATM 1114 O O   . HOH C 3 .   ? -1.666  -2.736  17.070  1.00 23.76 ? 2053 HOH A O   1 
HETATM 1115 O O   . HOH C 3 .   ? -6.924  5.370   -3.952  1.00 29.79 ? 2054 HOH A O   1 
HETATM 1116 O O   . HOH C 3 .   ? -2.727  1.076   16.599  1.00 13.65 ? 2055 HOH A O   1 
HETATM 1117 O O   . HOH C 3 .   ? 1.955   -4.102  -10.287 1.00 16.74 ? 2056 HOH A O   1 
HETATM 1118 O O   . HOH C 3 .   ? -7.216  9.355   3.000   1.00 25.65 ? 2057 HOH A O   1 
HETATM 1119 O O   . HOH C 3 .   ? -1.401  -14.372 4.312   1.00 30.70 ? 2058 HOH A O   1 
HETATM 1120 O O   . HOH C 3 .   ? 12.573  -9.808  -3.356  0.55 18.08 ? 2059 HOH A O   1 
HETATM 1121 O O   . HOH C 3 .   ? 4.432   -14.737 5.985   1.00 25.10 ? 2060 HOH A O   1 
HETATM 1122 O O   . HOH C 3 .   ? 19.712  -3.565  -8.720  0.62 33.00 ? 2061 HOH A O   1 
HETATM 1123 O O   . HOH C 3 .   ? 7.194   -8.651  -22.081 1.00 42.01 ? 2062 HOH A O   1 
HETATM 1124 O O   . HOH C 3 .   ? -6.698  1.044   -5.594  1.00 16.78 ? 2063 HOH A O   1 
HETATM 1125 O O   . HOH C 3 .   ? 7.269   6.049   -7.186  0.62 12.93 ? 2064 HOH A O   1 
HETATM 1126 O O   . HOH C 3 .   ? 17.712  -3.297  -6.339  1.00 34.20 ? 2065 HOH A O   1 
HETATM 1127 O O   . HOH C 3 .   ? 12.176  0.613   7.649   1.00 30.12 ? 2066 HOH A O   1 
HETATM 1128 O O   . HOH C 3 .   ? 6.861   -13.101 1.794   1.00 16.37 ? 2067 HOH A O   1 
HETATM 1129 O O   . HOH C 3 .   ? -6.352  -4.958  12.721  1.00 13.36 ? 2068 HOH A O   1 
HETATM 1130 O O   . HOH C 3 .   ? 2.086   -10.258 -7.141  1.00 26.38 ? 2069 HOH A O   1 
HETATM 1131 O O   . HOH C 3 .   ? -17.766 -11.629 13.616  1.00 19.86 ? 2070 HOH A O   1 
HETATM 1132 O O   . HOH C 3 .   ? 2.162   -5.577  10.903  1.00 24.97 ? 2071 HOH A O   1 
HETATM 1133 O O   . HOH C 3 .   ? 4.949   4.657   -6.877  0.62 14.60 ? 2072 HOH A O   1 
HETATM 1134 O O   . HOH C 3 .   ? -1.398  -5.434  17.211  1.00 39.23 ? 2073 HOH A O   1 
HETATM 1135 O O   . HOH C 3 .   ? -0.609  -6.926  -7.801  1.00 28.80 ? 2074 HOH A O   1 
HETATM 1136 O O   . HOH C 3 .   ? 3.595   13.884  -17.601 1.00 34.47 ? 2075 HOH A O   1 
HETATM 1137 O O   . HOH C 3 .   ? -3.083  -1.285  -13.936 1.00 22.19 ? 2076 HOH A O   1 
HETATM 1138 O O   . HOH C 3 .   ? -3.753  11.734  -21.242 1.00 45.71 ? 2077 HOH A O   1 
HETATM 1139 O O   . HOH C 3 .   ? -22.674 -4.171  20.778  1.00 34.31 ? 2078 HOH A O   1 
HETATM 1140 O O   . HOH C 3 .   ? -7.062  -13.365 7.377   1.00 22.71 ? 2079 HOH A O   1 
HETATM 1141 O O   . HOH C 3 .   ? 3.571   3.397   -8.803  0.62 16.02 ? 2080 HOH A O   1 
HETATM 1142 O O   . HOH C 3 .   ? -7.877  5.396   0.050   1.00 22.42 ? 2081 HOH A O   1 
HETATM 1143 O O   . HOH C 3 .   ? -9.581  -1.664  0.166   1.00 23.64 ? 2082 HOH A O   1 
HETATM 1144 O O   . HOH C 3 .   ? -12.818 2.271   -5.361  1.00 40.22 ? 2083 HOH A O   1 
HETATM 1145 O O   . HOH C 3 .   ? 3.359   8.338   -23.471 1.00 30.56 ? 2084 HOH A O   1 
HETATM 1146 O O   . HOH C 3 .   ? -2.621  -13.719 2.923   1.00 33.34 ? 2085 HOH A O   1 
HETATM 1147 O O   . HOH C 3 .   ? -16.770 -5.184  9.916   1.00 17.90 ? 2086 HOH A O   1 
HETATM 1148 O O   . HOH C 3 .   ? -8.013  -6.045  16.271  1.00 19.21 ? 2087 HOH A O   1 
HETATM 1149 O O   . HOH C 3 .   ? 8.261   -10.404 -10.257 1.00 18.52 ? 2088 HOH A O   1 
HETATM 1150 O O   . HOH C 3 .   ? -4.585  7.472   9.757   1.00 13.03 ? 2089 HOH A O   1 
HETATM 1151 O O   . HOH C 3 .   ? -3.317  -3.219  -7.702  1.00 15.93 ? 2090 HOH A O   1 
HETATM 1152 O O   . HOH C 3 .   ? 7.900   -10.926 -2.171  1.00 19.62 ? 2091 HOH A O   1 
HETATM 1153 O O   . HOH C 3 .   ? -3.132  7.539   16.597  1.00 19.65 ? 2092 HOH A O   1 
HETATM 1154 O O   . HOH C 3 .   ? 2.439   6.545   -8.707  0.62 12.84 ? 2093 HOH A O   1 
HETATM 1155 O O   . HOH C 3 .   ? -7.132  -12.767 2.164   1.00 44.40 ? 2094 HOH A O   1 
HETATM 1156 O O   . HOH C 3 .   ? -3.886  6.381   -11.536 1.00 18.97 ? 2095 HOH A O   1 
HETATM 1157 O O   . HOH C 3 .   ? -4.017  16.603  7.277   1.00 29.97 ? 2096 HOH A O   1 
HETATM 1158 O O   . HOH C 3 .   ? -2.674  13.451  4.726   1.00 35.95 ? 2097 HOH A O   1 
HETATM 1159 O O   . HOH C 3 .   ? 4.150   8.719   -7.937  0.62 14.09 ? 2098 HOH A O   1 
HETATM 1160 O O   . HOH C 3 .   ? -10.924 -12.442 12.314  1.00 36.90 ? 2099 HOH A O   1 
HETATM 1161 O O   . HOH C 3 .   ? 0.557   -12.901 -1.610  1.00 22.41 ? 2100 HOH A O   1 
HETATM 1162 O O   . HOH C 3 .   ? 6.485   -10.514 -14.960 0.62 21.82 ? 2101 HOH A O   1 
HETATM 1163 O O   . HOH C 3 .   ? -0.030  -9.759  -5.268  1.00 22.56 ? 2102 HOH A O   1 
HETATM 1164 O O   . HOH C 3 .   ? -17.651 -3.995  23.010  1.00 22.82 ? 2103 HOH A O   1 
HETATM 1165 O O   . HOH C 3 .   ? -5.898  8.229   -3.382  1.00 41.78 ? 2104 HOH A O   1 
HETATM 1166 O O   . HOH C 3 .   ? 10.461  -12.038 -9.647  1.00 17.54 ? 2105 HOH A O   1 
HETATM 1167 O O   . HOH C 3 .   ? 4.430   11.271  -9.450  0.62 21.07 ? 2106 HOH A O   1 
HETATM 1168 O O   . HOH C 3 .   ? 16.402  -1.385  -5.246  1.00 27.19 ? 2107 HOH A O   1 
HETATM 1169 O O   . HOH C 3 .   ? 20.389  -2.631  0.600   1.00 24.15 ? 2108 HOH A O   1 
HETATM 1170 O O   . HOH C 3 .   ? -19.159 -4.062  11.019  1.00 30.74 ? 2109 HOH A O   1 
HETATM 1171 O O   . HOH C 3 .   ? 5.059   1.805   14.958  1.00 37.82 ? 2110 HOH A O   1 
HETATM 1172 O O   . HOH C 3 .   ? 0.896   13.484  13.061  1.00 45.89 ? 2111 HOH A O   1 
HETATM 1173 O O   . HOH C 3 .   ? -14.185 4.859   5.742   1.00 34.69 ? 2112 HOH A O   1 
HETATM 1174 O O   . HOH C 3 .   ? -16.668 -10.475 15.759  1.00 15.42 ? 2113 HOH A O   1 
HETATM 1175 O O   . HOH C 3 .   ? 8.443   -3.314  11.285  1.00 31.05 ? 2114 HOH A O   1 
HETATM 1176 O O   . HOH C 3 .   ? -12.210 4.621   -6.622  1.00 34.87 ? 2115 HOH A O   1 
HETATM 1177 O O   . HOH C 3 .   ? -24.550 -10.464 21.331  1.00 45.85 ? 2116 HOH A O   1 
HETATM 1178 O O   . HOH C 3 .   ? 17.677  -2.626  2.127   1.00 28.26 ? 2117 HOH A O   1 
HETATM 1179 O O   . HOH C 3 .   ? 2.917   6.292   9.357   0.50 18.46 ? 2118 HOH A O   1 
HETATM 1180 O O   . HOH C 3 .   ? -4.700  15.819  9.931   0.50 19.21 ? 2119 HOH A O   1 
HETATM 1181 O O   . HOH C 3 .   ? 8.890   7.910   4.657   1.00 36.20 ? 2120 HOH A O   1 
HETATM 1182 O O   . HOH C 3 .   ? -4.727  -0.099  19.205  1.00 19.51 ? 2121 HOH A O   1 
HETATM 1183 O O   . HOH C 3 .   ? -5.483  -7.118  15.801  1.00 21.52 ? 2122 HOH A O   1 
HETATM 1184 O O   . HOH C 3 .   ? -11.716 4.102   15.943  1.00 23.50 ? 2123 HOH A O   1 
HETATM 1185 O O   . HOH C 3 .   ? -8.437  -8.195  0.365   1.00 26.37 ? 2124 HOH A O   1 
HETATM 1186 O O   . HOH C 3 .   ? 15.496  -6.640  0.434   1.00 33.02 ? 2125 HOH A O   1 
HETATM 1187 O O   . HOH C 3 .   ? 12.023  -0.948  -15.399 0.62 13.83 ? 2126 HOH A O   1 
HETATM 1188 O O   . HOH C 3 .   ? -6.760  -14.727 3.400   1.00 38.67 ? 2127 HOH A O   1 
HETATM 1189 O O   . HOH C 3 .   ? 6.267   16.488  -18.818 1.00 32.25 ? 2128 HOH A O   1 
HETATM 1190 O O   . HOH C 3 .   ? 5.100   12.220  -0.175  1.00 45.98 ? 2129 HOH A O   1 
HETATM 1191 O O   . HOH C 3 .   ? 5.038   -8.045  -21.949 0.62 30.11 ? 2130 HOH A O   1 
HETATM 1192 O O   . HOH C 3 .   ? -0.510  -7.755  -12.053 1.00 29.18 ? 2131 HOH A O   1 
HETATM 1193 O O   . HOH C 3 .   ? -17.881 -7.148  8.348   1.00 19.83 ? 2132 HOH A O   1 
HETATM 1194 O O   . HOH C 3 .   ? -7.868  -3.079  14.184  1.00 13.74 ? 2133 HOH A O   1 
HETATM 1195 O O   . HOH C 3 .   ? -10.329 -10.587 15.942  1.00 37.46 ? 2134 HOH A O   1 
HETATM 1196 O O   . HOH C 3 .   ? 9.354   -8.036  -2.229  1.00 25.20 ? 2135 HOH A O   1 
HETATM 1197 O O   . HOH C 3 .   ? 16.878  -0.555  0.843   1.00 36.43 ? 2136 HOH A O   1 
HETATM 1198 O O   . HOH C 3 .   ? 15.581  5.282   -0.251  1.00 34.80 ? 2137 HOH A O   1 
HETATM 1199 O O   . HOH C 3 .   ? -8.944  3.631   14.374  1.00 21.34 ? 2138 HOH A O   1 
HETATM 1200 O O   . HOH C 3 .   ? -12.876 -4.154  2.042   1.00 30.15 ? 2139 HOH A O   1 
HETATM 1201 O O   . HOH C 3 .   ? -4.491  6.095   -14.217 1.00 28.39 ? 2140 HOH A O   1 
HETATM 1202 O O   . HOH C 3 .   ? -0.817  -9.547  -15.824 1.00 43.00 ? 2141 HOH A O   1 
HETATM 1203 O O   . HOH C 3 .   ? -6.256  3.614   15.174  1.00 17.12 ? 2142 HOH A O   1 
HETATM 1204 O O   . HOH C 3 .   ? 11.489  -6.523  5.031   1.00 34.19 ? 2143 HOH A O   1 
HETATM 1205 O O   . HOH C 3 .   ? -3.335  -8.419  12.307  1.00 32.51 ? 2144 HOH A O   1 
HETATM 1206 O O   . HOH C 3 .   ? 6.594   9.588   4.828   1.00 35.11 ? 2145 HOH A O   1 
HETATM 1207 O O   . HOH C 3 .   ? -3.318  3.978   -18.393 1.00 50.37 ? 2146 HOH A O   1 
HETATM 1208 O O   . HOH C 3 .   ? -8.748  -2.064  -2.452  1.00 19.06 ? 2147 HOH A O   1 
HETATM 1209 O O   . HOH C 3 .   ? 10.023  5.979   -20.089 1.00 44.10 ? 2148 HOH A O   1 
HETATM 1210 O O   . HOH C 3 .   ? -3.900  -13.994 7.129   1.00 33.29 ? 2149 HOH A O   1 
HETATM 1211 O O   . HOH C 3 .   ? 8.518   14.895  -10.039 1.00 45.81 ? 2150 HOH A O   1 
HETATM 1212 O O   . HOH C 3 .   ? -2.533  10.664  -23.016 1.00 44.55 ? 2151 HOH A O   1 
HETATM 1213 O O   . HOH C 3 .   ? -11.602 1.784   1.212   1.00 33.70 ? 2152 HOH A O   1 
HETATM 1214 O O   . HOH C 3 .   ? 2.018   -12.170 7.414   1.00 40.04 ? 2153 HOH A O   1 
HETATM 1215 O O   . HOH C 3 .   ? 11.837  -2.576  9.618   1.00 48.10 ? 2154 HOH A O   1 
HETATM 1216 O O   . HOH C 3 .   ? -1.918  -13.173 0.167   1.00 38.00 ? 2155 HOH A O   1 
HETATM 1217 O O   . HOH C 3 .   ? -4.349  1.319   -13.755 0.62 22.52 ? 2156 HOH A O   1 
HETATM 1218 O O   . HOH C 3 .   ? -2.319  -4.044  -10.145 1.00 18.34 ? 2157 HOH A O   1 
HETATM 1219 O O   . HOH C 3 .   ? -7.272  -14.444 10.454  1.00 32.51 ? 2158 HOH A O   1 
HETATM 1220 O O   . HOH C 3 .   ? -19.246 -10.318 17.177  1.00 17.06 ? 2159 HOH A O   1 
HETATM 1221 O O   . HOH C 3 .   ? -7.012  -9.826  2.169   1.00 21.48 ? 2160 HOH A O   1 
HETATM 1222 O O   . HOH C 3 .   ? -7.953  -12.703 16.160  1.00 42.47 ? 2161 HOH A O   1 
HETATM 1223 O O   . HOH C 3 .   ? -21.594 -10.167 15.659  1.00 38.52 ? 2162 HOH A O   1 
HETATM 1224 O O   . HOH C 3 .   ? -6.572  5.959   -10.577 1.00 35.47 ? 2163 HOH A O   1 
HETATM 1225 O O   . HOH C 3 .   ? 5.640   -12.684 -6.562  1.00 26.32 ? 2164 HOH A O   1 
HETATM 1226 O O   . HOH C 3 .   ? 15.007  -8.136  -2.718  1.00 42.43 ? 2165 HOH A O   1 
HETATM 1227 O O   . HOH C 3 .   ? 16.941  1.796   2.663   1.00 24.32 ? 2166 HOH A O   1 
HETATM 1228 O O   . HOH C 3 .   ? 7.779   -11.128 -12.800 1.00 26.03 ? 2167 HOH A O   1 
HETATM 1229 O O   . HOH C 3 .   ? -2.944  -1.884  -16.667 1.00 26.25 ? 2168 HOH A O   1 
HETATM 1230 O O   . HOH C 3 .   ? -7.580  -5.833  -5.616  0.62 27.71 ? 2169 HOH A O   1 
HETATM 1231 O O   . HOH C 3 .   ? -2.987  -5.486  -6.273  1.00 21.68 ? 2170 HOH A O   1 
HETATM 1232 O O   . HOH C 3 .   ? 8.074   0.204   20.753  1.00 28.34 ? 2171 HOH A O   1 
HETATM 1233 O O   . HOH C 3 .   ? -9.723  -3.874  1.587   1.00 28.19 ? 2172 HOH A O   1 
HETATM 1234 O O   . HOH C 3 .   ? -5.855  -2.499  -7.977  0.62 15.82 ? 2173 HOH A O   1 
HETATM 1235 O O   . HOH C 3 .   ? 17.864  4.209   1.549   1.00 28.11 ? 2174 HOH A O   1 
HETATM 1236 O O   . HOH C 3 .   ? -10.476 2.723   -7.351  1.00 35.44 ? 2175 HOH A O   1 
HETATM 1237 O O   . HOH C 3 .   ? -0.442  -13.816 10.697  1.00 44.39 ? 2176 HOH A O   1 
HETATM 1238 O O   . HOH C 3 .   ? 12.799  10.372  -8.076  0.62 34.15 ? 2177 HOH A O   1 
HETATM 1239 O O   . HOH C 3 .   ? 12.283  0.329   12.247  1.00 37.04 ? 2178 HOH A O   1 
HETATM 1240 O O   . HOH C 3 .   ? -15.955 -4.002  5.690   1.00 38.37 ? 2179 HOH A O   1 
HETATM 1241 O O   . HOH C 3 .   ? 10.432  -0.745  14.714  1.00 43.59 ? 2180 HOH A O   1 
HETATM 1242 O O   . HOH C 3 .   ? 16.559  -2.374  6.499   0.62 24.95 ? 2181 HOH A O   1 
HETATM 1243 O O   . HOH C 3 .   ? -1.939  -0.620  18.722  1.00 26.16 ? 2182 HOH A O   1 
HETATM 1244 O O   . HOH C 3 .   ? -11.224 9.254   -16.801 0.62 41.98 ? 2183 HOH A O   1 
HETATM 1245 O O   . HOH C 3 .   ? -0.194  -5.760  -10.113 1.00 16.49 ? 2184 HOH A O   1 
HETATM 1246 O O   . HOH C 3 .   ? -2.072  3.711   17.088  1.00 23.58 ? 2185 HOH A O   1 
HETATM 1247 O O   . HOH C 3 .   ? 6.016   -12.118 -9.126  1.00 37.69 ? 2186 HOH A O   1 
HETATM 1248 O O   . HOH C 3 .   ? -7.839  3.446   -6.277  1.00 24.68 ? 2187 HOH A O   1 
HETATM 1249 O O   . HOH C 3 .   ? -13.416 1.427   2.609   1.00 45.75 ? 2188 HOH A O   1 
HETATM 1250 O O   . HOH C 3 .   ? 7.248   -5.898  11.952  1.00 40.44 ? 2189 HOH A O   1 
HETATM 1251 O O   . HOH C 3 .   ? 2.193   12.408  -5.666  1.00 33.57 ? 2190 HOH A O   1 
HETATM 1252 O O   . HOH C 3 .   ? 2.699   -7.447  8.958   1.00 32.45 ? 2191 HOH A O   1 
HETATM 1253 O O   . HOH C 3 .   ? -0.265  -14.778 -0.283  1.00 34.98 ? 2192 HOH A O   1 
HETATM 1254 O O   . HOH C 3 .   ? -0.162  -10.283 -11.440 1.00 36.77 ? 2193 HOH A O   1 
HETATM 1255 O O   . HOH C 3 .   ? -21.408 -5.485  11.760  1.00 38.18 ? 2194 HOH A O   1 
HETATM 1256 O O   . HOH C 3 .   ? -5.100  5.086   17.542  0.50 12.30 ? 2195 HOH A O   1 
HETATM 1257 O O   . HOH C 3 .   ? 13.190  -5.019  7.825   0.62 35.64 ? 2196 HOH A O   1 
HETATM 1258 O O   . HOH C 3 .   ? -1.064  -11.706 -3.861  1.00 36.16 ? 2197 HOH A O   1 
HETATM 1259 O O   . HOH C 3 .   ? 3.890   -11.265 -15.179 1.00 36.62 ? 2198 HOH A O   1 
HETATM 1260 O O   . HOH C 3 .   ? -2.918  11.599  -1.465  1.00 36.31 ? 2199 HOH A O   1 
HETATM 1261 O O   . HOH C 3 .   ? -20.523 -7.416  8.512   1.00 33.31 ? 2200 HOH A O   1 
HETATM 1262 O O   . HOH C 3 .   ? 13.240  -8.192  3.129   0.62 30.31 ? 2201 HOH A O   1 
HETATM 1263 O O   . HOH C 3 .   ? -2.844  -15.246 9.363   1.00 40.41 ? 2202 HOH A O   1 
HETATM 1264 O O   . HOH C 3 .   ? 1.323   -11.410 -9.515  1.00 43.11 ? 2203 HOH A O   1 
HETATM 1265 O O   . HOH C 3 .   ? -15.553 -3.218  8.120   1.00 27.37 ? 2204 HOH A O   1 
# 
